data_2DV6
#
_entry.id   2DV6
#
_cell.length_a   162.551
_cell.length_b   162.551
_cell.length_c   148.970
_cell.angle_alpha   90.00
_cell.angle_beta   90.00
_cell.angle_gamma   90.00
#
_symmetry.space_group_name_H-M   'P 41'
#
loop_
_entity.id
_entity.type
_entity.pdbx_description
1 polymer 'Nitrite reductase'
2 non-polymer 'COPPER (II) ION'
3 non-polymer 'POTASSIUM ION'
4 water water
#
_entity_poly.entity_id   1
_entity_poly.type   'polypeptide(L)'
_entity_poly.pdbx_seq_one_letter_code
;DAPAMKDKSKSHEEEKTDPTAGAHAPVVFTLRTGIAEGRMVYIGVGGDIDHKINPTLVVHEGETVQVNLVNGEGAQHDVV
VDQYAARSAIVNGKNASSTFSFVASKVGEFNYYCSIAGHRQAGMEGNIQVLPGNRAEMKSSGADITRDPADLPGPIGPRQ
AKTVRIDLETVEVKGQLDDNTTYTYWTFNGKVPGPFLRVRVGDTVELHLKNHKDSLMVHSVDFHGATGPGGAAAFTQTDP
GEETVVTFKALIPGIYVYHCATPSVPTHITNGMYGLLLVEPEGGLPQVDREFYVMQGEIYTVKSFGTSGEQEMDYEKLIN
EKPEYFLFNGSVGSLTRSHPLYASVGETVRIFFGVGGPNFTSSFHVIGEIFDHVYSLGSVVSPPLIGVQTVSVPPGGATI
VDFKIDRAGRYILVDHALSRLEHGLVGFLNVDGPKNDSIMHEGPAKQ
;
_entity_poly.pdbx_strand_id   A,B,C,D,E,F
#
# COMPACT_ATOMS: atom_id res chain seq x y z
N HIS A 24 42.04 -6.57 8.91
CA HIS A 24 41.32 -5.26 8.69
C HIS A 24 40.17 -5.10 9.68
N ALA A 25 39.19 -4.27 9.30
CA ALA A 25 37.94 -4.07 10.08
C ALA A 25 37.11 -5.37 9.99
N PRO A 26 36.08 -5.54 10.89
CA PRO A 26 35.22 -6.75 10.77
C PRO A 26 34.57 -6.83 9.39
N VAL A 27 34.42 -8.05 8.89
CA VAL A 27 33.61 -8.33 7.73
C VAL A 27 32.15 -8.52 8.23
N VAL A 28 31.24 -7.76 7.66
CA VAL A 28 29.89 -7.63 8.20
C VAL A 28 28.90 -8.28 7.25
N PHE A 29 28.03 -9.15 7.77
CA PHE A 29 26.99 -9.78 6.96
C PHE A 29 25.68 -9.44 7.59
N THR A 30 24.70 -9.01 6.79
CA THR A 30 23.35 -8.78 7.30
C THR A 30 22.38 -9.82 6.76
N LEU A 31 21.60 -10.43 7.66
CA LEU A 31 20.62 -11.46 7.36
C LEU A 31 19.28 -10.97 7.88
N ARG A 32 18.27 -11.02 7.02
CA ARG A 32 16.93 -10.80 7.48
C ARG A 32 16.20 -12.13 7.39
N THR A 33 15.25 -12.37 8.27
CA THR A 33 14.51 -13.63 8.22
C THR A 33 13.27 -13.43 7.32
N GLY A 34 12.82 -14.49 6.67
CA GLY A 34 11.61 -14.41 5.88
C GLY A 34 11.18 -15.73 5.28
N ILE A 35 10.14 -15.67 4.46
CA ILE A 35 9.64 -16.81 3.73
C ILE A 35 10.05 -16.56 2.30
N ALA A 36 10.85 -17.46 1.76
CA ALA A 36 11.27 -17.33 0.37
C ALA A 36 11.53 -18.69 -0.16
N GLU A 37 11.38 -18.82 -1.48
CA GLU A 37 11.41 -20.12 -2.17
C GLU A 37 10.64 -21.22 -1.47
N GLY A 38 9.54 -20.87 -0.81
CA GLY A 38 8.64 -21.90 -0.18
C GLY A 38 8.96 -22.35 1.24
N ARG A 39 9.94 -21.71 1.88
CA ARG A 39 10.42 -22.13 3.22
C ARG A 39 10.67 -20.89 4.07
N MET A 40 10.82 -21.11 5.36
CA MET A 40 11.31 -20.11 6.31
C MET A 40 12.82 -20.15 6.25
N VAL A 41 13.44 -19.01 5.95
CA VAL A 41 14.85 -18.96 5.60
C VAL A 41 15.48 -17.66 6.09
N TYR A 42 16.80 -17.53 5.94
CA TYR A 42 17.47 -16.24 6.06
C TYR A 42 17.67 -15.69 4.66
N ILE A 43 17.69 -14.37 4.53
CA ILE A 43 17.93 -13.75 3.23
C ILE A 43 19.04 -12.74 3.42
N GLY A 44 20.01 -12.76 2.52
CA GLY A 44 21.12 -11.82 2.63
C GLY A 44 20.68 -10.41 2.28
N VAL A 45 21.31 -9.41 2.93
CA VAL A 45 21.11 -8.01 2.64
C VAL A 45 22.42 -7.33 2.27
N GLY A 46 22.55 -6.86 1.01
CA GLY A 46 23.76 -6.16 0.61
C GLY A 46 24.99 -7.06 0.39
N GLY A 47 26.15 -6.45 0.16
CA GLY A 47 27.40 -7.19 -0.04
C GLY A 47 27.32 -8.17 -1.18
N ASP A 48 28.11 -9.24 -1.08
CA ASP A 48 28.07 -10.34 -2.05
C ASP A 48 26.83 -11.29 -1.86
N ILE A 49 26.00 -11.04 -0.84
CA ILE A 49 24.89 -11.96 -0.49
C ILE A 49 23.48 -11.38 -0.73
N ASP A 50 23.43 -10.24 -1.41
CA ASP A 50 22.18 -9.50 -1.54
C ASP A 50 21.03 -10.30 -2.15
N HIS A 51 19.94 -10.45 -1.38
CA HIS A 51 18.75 -11.23 -1.80
C HIS A 51 18.97 -12.73 -1.98
N LYS A 52 20.09 -13.23 -1.51
CA LYS A 52 20.35 -14.66 -1.61
C LYS A 52 19.73 -15.40 -0.40
N ILE A 53 19.05 -16.51 -0.68
CA ILE A 53 18.41 -17.36 0.36
C ILE A 53 19.51 -18.15 1.06
N ASN A 54 19.53 -18.13 2.38
CA ASN A 54 20.52 -18.88 3.19
C ASN A 54 21.95 -18.75 2.64
N PRO A 55 22.43 -17.50 2.47
CA PRO A 55 23.72 -17.33 1.78
C PRO A 55 24.93 -17.94 2.51
N THR A 56 25.86 -18.43 1.70
CA THR A 56 27.15 -18.82 2.20
C THR A 56 27.92 -17.56 2.51
N LEU A 57 28.40 -17.46 3.76
CA LEU A 57 29.14 -16.28 4.20
C LEU A 57 30.61 -16.63 4.04
N VAL A 58 31.29 -16.05 3.07
CA VAL A 58 32.68 -16.40 2.89
C VAL A 58 33.68 -15.45 3.52
N VAL A 59 34.56 -16.07 4.28
CA VAL A 59 35.37 -15.41 5.26
C VAL A 59 36.78 -16.03 5.22
N HIS A 60 37.76 -15.31 5.75
CA HIS A 60 39.15 -15.78 5.77
C HIS A 60 39.64 -15.96 7.18
N GLU A 61 40.47 -16.98 7.35
CA GLU A 61 41.06 -17.32 8.62
C GLU A 61 41.61 -16.09 9.36
N GLY A 62 41.24 -15.94 10.62
CA GLY A 62 41.67 -14.82 11.45
C GLY A 62 40.80 -13.55 11.38
N GLU A 63 39.85 -13.49 10.43
CA GLU A 63 38.91 -12.35 10.36
C GLU A 63 37.93 -12.34 11.55
N THR A 64 37.60 -11.13 12.00
CA THR A 64 36.50 -10.96 12.93
C THR A 64 35.23 -10.84 12.07
N VAL A 65 34.27 -11.73 12.33
CA VAL A 65 33.09 -11.84 11.48
C VAL A 65 31.96 -11.29 12.31
N GLN A 66 31.25 -10.32 11.75
CA GLN A 66 30.09 -9.73 12.44
C GLN A 66 28.85 -10.12 11.66
N VAL A 67 27.84 -10.61 12.38
CA VAL A 67 26.58 -10.96 11.75
C VAL A 67 25.45 -10.13 12.35
N ASN A 68 24.66 -9.47 11.48
CA ASN A 68 23.53 -8.65 11.91
C ASN A 68 22.24 -9.39 11.55
N LEU A 69 21.45 -9.76 12.54
CA LEU A 69 20.24 -10.50 12.27
C LEU A 69 19.07 -9.54 12.47
N VAL A 70 18.22 -9.40 11.45
CA VAL A 70 17.00 -8.61 11.56
C VAL A 70 15.80 -9.51 11.29
N ASN A 71 14.81 -9.45 12.17
CA ASN A 71 13.62 -10.23 12.08
C ASN A 71 12.72 -9.60 11.00
N GLY A 72 12.39 -10.40 9.99
CA GLY A 72 11.62 -9.93 8.84
C GLY A 72 10.13 -10.15 8.98
N GLU A 73 9.70 -11.27 9.56
CA GLU A 73 8.28 -11.58 9.50
C GLU A 73 7.58 -11.71 10.85
N GLY A 74 8.32 -11.74 11.95
CA GLY A 74 7.71 -11.70 13.27
C GLY A 74 7.67 -12.99 14.07
N ALA A 75 8.30 -14.06 13.56
CA ALA A 75 8.41 -15.30 14.32
C ALA A 75 9.67 -15.15 15.16
N GLN A 76 9.84 -16.00 16.17
CA GLN A 76 10.98 -15.88 17.04
C GLN A 76 12.19 -16.47 16.35
N HIS A 77 13.36 -15.82 16.43
CA HIS A 77 14.57 -16.32 15.75
C HIS A 77 15.88 -16.06 16.47
N ASP A 78 16.89 -16.87 16.16
CA ASP A 78 18.27 -16.47 16.40
C ASP A 78 19.14 -16.96 15.24
N VAL A 79 20.46 -16.82 15.39
CA VAL A 79 21.45 -17.47 14.55
C VAL A 79 22.47 -18.09 15.51
N VAL A 80 22.77 -19.36 15.29
CA VAL A 80 23.80 -20.05 16.06
C VAL A 80 24.87 -20.49 15.08
N VAL A 81 26.14 -20.24 15.41
CA VAL A 81 27.21 -20.73 14.54
C VAL A 81 27.78 -22.01 15.11
N ASP A 82 27.57 -23.06 14.32
CA ASP A 82 27.72 -24.43 14.79
C ASP A 82 29.00 -24.76 15.59
N GLN A 83 30.19 -24.45 15.10
CA GLN A 83 31.30 -24.95 15.96
C GLN A 83 32.03 -23.88 16.76
N TYR A 84 31.71 -22.61 16.51
CA TYR A 84 32.33 -21.49 17.20
C TYR A 84 31.61 -21.13 18.48
N ALA A 85 30.43 -21.70 18.68
CA ALA A 85 29.54 -21.32 19.79
C ALA A 85 29.39 -19.80 19.93
N ALA A 86 29.16 -19.17 18.80
CA ALA A 86 28.82 -17.77 18.72
C ALA A 86 27.34 -17.78 18.30
N ARG A 87 26.58 -16.86 18.87
CA ARG A 87 25.17 -16.75 18.52
C ARG A 87 24.65 -15.36 18.79
N SER A 88 23.55 -15.03 18.13
CA SER A 88 22.82 -13.80 18.37
C SER A 88 21.91 -14.04 19.55
N ALA A 89 21.39 -12.93 20.09
CA ALA A 89 20.29 -13.00 21.00
C ALA A 89 19.05 -13.41 20.17
N ILE A 90 18.05 -13.91 20.86
CA ILE A 90 16.75 -14.15 20.26
C ILE A 90 16.03 -12.83 19.98
N VAL A 91 15.39 -12.84 18.83
CA VAL A 91 14.76 -11.69 18.26
C VAL A 91 13.29 -12.06 18.05
N ASN A 92 12.38 -11.27 18.61
CA ASN A 92 10.98 -11.67 18.73
C ASN A 92 10.04 -11.06 17.70
N GLY A 93 10.00 -9.74 17.61
CA GLY A 93 9.04 -9.15 16.68
C GLY A 93 9.70 -8.65 15.40
N LYS A 94 8.87 -8.35 14.41
CA LYS A 94 9.33 -7.75 13.18
C LYS A 94 10.26 -6.57 13.47
N ASN A 95 11.45 -6.54 12.83
CA ASN A 95 12.44 -5.47 12.97
C ASN A 95 13.37 -5.67 14.17
N ALA A 96 12.96 -6.48 15.15
CA ALA A 96 13.84 -6.83 16.30
C ALA A 96 15.18 -7.35 15.77
N SER A 97 16.27 -6.92 16.37
CA SER A 97 17.56 -7.18 15.76
C SER A 97 18.55 -7.62 16.81
N SER A 98 19.54 -8.41 16.38
CA SER A 98 20.63 -8.73 17.26
C SER A 98 21.84 -8.86 16.39
N THR A 99 22.92 -8.38 16.95
CA THR A 99 24.17 -8.24 16.26
C THR A 99 25.22 -9.06 17.10
N PHE A 100 26.14 -9.78 16.46
CA PHE A 100 27.19 -10.54 17.20
C PHE A 100 28.38 -10.77 16.29
N SER A 101 29.48 -11.25 16.87
CA SER A 101 30.72 -11.44 16.14
C SER A 101 31.48 -12.63 16.69
N PHE A 102 32.42 -13.12 15.87
CA PHE A 102 33.35 -14.15 16.32
C PHE A 102 34.61 -14.06 15.48
N VAL A 103 35.74 -14.53 16.00
CA VAL A 103 36.97 -14.57 15.22
C VAL A 103 36.97 -15.91 14.50
N ALA A 104 37.10 -15.87 13.17
CA ALA A 104 37.09 -17.08 12.36
C ALA A 104 38.47 -17.73 12.42
N SER A 105 38.78 -18.32 13.57
CA SER A 105 40.10 -18.89 13.84
C SER A 105 40.38 -20.26 13.19
N LYS A 106 39.33 -20.99 12.76
CA LYS A 106 39.53 -22.31 12.10
C LYS A 106 38.96 -22.37 10.70
N VAL A 107 39.82 -22.71 9.73
CA VAL A 107 39.48 -23.01 8.33
C VAL A 107 38.49 -24.17 8.30
N GLY A 108 37.63 -24.20 7.28
CA GLY A 108 36.60 -25.25 7.14
C GLY A 108 35.22 -24.68 6.84
N GLU A 109 34.21 -25.55 6.82
CA GLU A 109 32.82 -25.17 6.55
C GLU A 109 31.98 -25.41 7.79
N PHE A 110 31.19 -24.40 8.18
CA PHE A 110 30.44 -24.42 9.43
C PHE A 110 28.99 -23.99 9.16
N ASN A 111 28.03 -24.72 9.71
CA ASN A 111 26.62 -24.35 9.56
C ASN A 111 26.27 -23.16 10.47
N TYR A 112 25.39 -22.28 9.99
CA TYR A 112 24.71 -21.36 10.90
C TYR A 112 23.24 -21.73 10.82
N TYR A 113 22.49 -21.60 11.91
CA TYR A 113 21.10 -22.08 11.87
C TYR A 113 20.30 -21.41 12.98
N CYS A 114 18.97 -21.50 12.88
CA CYS A 114 18.09 -20.97 13.90
C CYS A 114 17.76 -22.08 14.89
N SER A 115 17.85 -21.77 16.19
CA SER A 115 17.73 -22.77 17.25
C SER A 115 16.31 -22.85 17.79
N ILE A 116 15.43 -21.96 17.34
CA ILE A 116 14.02 -22.03 17.70
C ILE A 116 13.40 -23.36 17.19
N ALA A 117 12.59 -24.00 18.05
CA ALA A 117 12.05 -25.32 17.73
C ALA A 117 11.40 -25.35 16.33
N GLY A 118 11.91 -26.24 15.47
CA GLY A 118 11.33 -26.46 14.15
C GLY A 118 11.98 -25.64 13.05
N HIS A 119 12.58 -24.51 13.39
CA HIS A 119 13.05 -23.55 12.37
C HIS A 119 14.18 -24.06 11.52
N ARG A 120 15.15 -24.77 12.11
CA ARG A 120 16.22 -25.31 11.25
C ARG A 120 15.64 -26.33 10.26
N GLN A 121 14.69 -27.15 10.71
CA GLN A 121 14.05 -28.10 9.81
C GLN A 121 13.17 -27.40 8.76
N ALA A 122 12.50 -26.33 9.16
CA ALA A 122 11.69 -25.50 8.29
C ALA A 122 12.52 -24.80 7.17
N GLY A 123 13.85 -24.70 7.33
CA GLY A 123 14.72 -24.18 6.28
C GLY A 123 15.79 -23.21 6.76
N MET A 124 15.80 -22.85 8.05
CA MET A 124 16.70 -21.81 8.52
C MET A 124 18.13 -22.34 8.83
N GLU A 125 18.93 -22.46 7.78
CA GLU A 125 20.28 -22.95 7.91
C GLU A 125 21.06 -22.55 6.69
N GLY A 126 22.31 -22.14 6.88
CA GLY A 126 23.24 -21.96 5.76
C GLY A 126 24.70 -22.25 6.17
N ASN A 127 25.66 -21.91 5.33
CA ASN A 127 27.08 -22.12 5.66
C ASN A 127 27.94 -20.88 5.75
N ILE A 128 28.91 -20.96 6.64
CA ILE A 128 30.03 -20.02 6.65
C ILE A 128 31.24 -20.84 6.15
N GLN A 129 31.94 -20.35 5.14
CA GLN A 129 33.19 -20.95 4.70
C GLN A 129 34.35 -20.08 5.21
N VAL A 130 35.15 -20.65 6.10
CA VAL A 130 36.38 -19.98 6.51
C VAL A 130 37.51 -20.48 5.60
N LEU A 131 38.05 -19.60 4.75
CA LEU A 131 39.09 -19.97 3.80
C LEU A 131 40.45 -19.58 4.35
N PRO A 132 41.52 -20.30 3.92
CA PRO A 132 42.84 -19.86 4.32
C PRO A 132 43.26 -18.62 3.52
N GLY A 133 44.30 -17.94 3.98
CA GLY A 133 44.84 -16.85 3.19
C GLY A 133 44.27 -15.50 3.57
N ASN A 134 44.54 -14.52 2.72
CA ASN A 134 44.04 -13.18 2.94
C ASN A 134 42.96 -12.81 1.93
N ARG A 135 41.99 -12.06 2.40
CA ARG A 135 40.94 -11.50 1.55
C ARG A 135 41.58 -10.75 0.37
N ALA A 136 41.03 -10.94 -0.83
CA ALA A 136 41.51 -10.23 -2.01
C ALA A 136 41.39 -8.70 -1.84
N GLU A 137 42.22 -7.93 -2.57
CA GLU A 137 42.17 -6.46 -2.48
C GLU A 137 40.82 -6.00 -3.03
N MET A 138 40.35 -4.85 -2.54
CA MET A 138 39.10 -4.24 -3.08
C MET A 138 39.32 -3.94 -4.54
N LYS A 139 38.28 -4.10 -5.37
CA LYS A 139 38.40 -3.76 -6.79
C LYS A 139 37.06 -3.31 -7.31
N SER A 140 37.07 -2.62 -8.42
CA SER A 140 35.87 -2.09 -9.03
C SER A 140 36.25 -1.56 -10.39
N SER A 141 35.27 -1.13 -11.16
CA SER A 141 35.57 -0.45 -12.39
C SER A 141 35.84 1.04 -12.23
N GLY A 142 36.01 1.53 -11.01
CA GLY A 142 36.19 2.97 -10.80
C GLY A 142 37.64 3.34 -10.58
N ALA A 143 37.99 4.61 -10.78
CA ALA A 143 39.36 5.07 -10.49
C ALA A 143 39.57 5.17 -8.98
N ASP A 144 40.82 5.05 -8.56
CA ASP A 144 41.18 5.31 -7.16
C ASP A 144 41.17 6.81 -6.94
N ILE A 145 40.25 7.28 -6.12
CA ILE A 145 40.12 8.73 -5.86
C ILE A 145 40.58 9.09 -4.44
N THR A 146 41.30 8.18 -3.77
CA THR A 146 41.65 8.40 -2.39
C THR A 146 42.92 9.23 -2.28
N ARG A 147 42.96 10.08 -1.26
CA ARG A 147 44.16 10.82 -0.91
C ARG A 147 44.90 9.97 0.11
N ASP A 148 46.15 9.61 -0.23
CA ASP A 148 47.11 9.00 0.71
C ASP A 148 47.31 9.98 1.88
N PRO A 149 47.15 9.54 3.13
CA PRO A 149 47.27 10.51 4.22
C PRO A 149 48.71 11.05 4.47
N ALA A 150 49.72 10.44 3.86
CA ALA A 150 51.11 10.95 3.89
C ALA A 150 51.38 11.96 2.79
N ASP A 151 50.40 12.19 1.92
CA ASP A 151 50.53 13.07 0.77
C ASP A 151 50.20 14.55 1.08
N LEU A 152 51.16 15.24 1.68
CA LEU A 152 51.07 16.68 1.97
C LEU A 152 52.49 17.29 1.95
N PRO A 153 52.63 18.59 1.62
CA PRO A 153 53.92 19.27 1.75
C PRO A 153 54.33 19.27 3.21
N GLY A 154 55.65 19.18 3.46
CA GLY A 154 56.18 19.28 4.81
C GLY A 154 56.30 20.74 5.27
N PRO A 155 56.81 20.95 6.49
CA PRO A 155 56.94 22.32 7.04
C PRO A 155 57.65 23.31 6.09
N ILE A 156 57.20 24.55 6.10
CA ILE A 156 57.82 25.55 5.25
C ILE A 156 59.16 26.02 5.87
N GLY A 157 60.07 26.49 5.03
CA GLY A 157 61.34 27.04 5.58
C GLY A 157 61.19 28.09 6.69
N PRO A 158 62.33 28.63 7.18
CA PRO A 158 62.18 29.94 7.81
C PRO A 158 62.27 31.10 6.77
N ARG A 159 61.50 31.01 5.67
CA ARG A 159 61.35 32.07 4.64
C ARG A 159 60.75 33.36 5.17
N GLN A 160 60.95 34.43 4.38
CA GLN A 160 60.13 35.65 4.40
C GLN A 160 58.89 35.41 3.52
N ALA A 161 57.83 36.18 3.74
CA ALA A 161 56.61 36.06 2.94
C ALA A 161 56.91 36.23 1.47
N LYS A 162 56.10 35.60 0.61
CA LYS A 162 56.28 35.66 -0.84
C LYS A 162 54.98 35.36 -1.61
N THR A 163 55.05 35.42 -2.94
CA THR A 163 53.95 35.03 -3.80
C THR A 163 54.06 33.57 -4.20
N VAL A 164 53.04 32.78 -3.87
CA VAL A 164 53.03 31.34 -4.11
C VAL A 164 51.97 31.00 -5.18
N ARG A 165 52.37 30.31 -6.26
CA ARG A 165 51.45 29.89 -7.33
C ARG A 165 50.85 28.54 -6.95
N ILE A 166 49.53 28.47 -6.92
CA ILE A 166 48.85 27.20 -6.76
C ILE A 166 48.02 26.91 -7.98
N ASP A 167 48.12 25.66 -8.42
CA ASP A 167 47.26 25.12 -9.47
C ASP A 167 46.27 24.12 -8.89
N LEU A 168 45.00 24.26 -9.28
CA LEU A 168 43.94 23.28 -8.99
C LEU A 168 43.23 22.99 -10.27
N GLU A 169 42.89 21.73 -10.46
CA GLU A 169 42.06 21.32 -11.57
C GLU A 169 40.80 20.68 -10.99
N THR A 170 39.63 20.95 -11.57
CA THR A 170 38.38 20.32 -11.12
C THR A 170 37.99 19.24 -12.10
N VAL A 171 37.93 18.00 -11.62
CA VAL A 171 37.61 16.86 -12.47
C VAL A 171 36.49 16.00 -11.90
N GLU A 172 35.53 15.68 -12.76
CA GLU A 172 34.45 14.73 -12.49
C GLU A 172 34.86 13.35 -13.03
N VAL A 173 34.86 12.34 -12.14
CA VAL A 173 35.44 11.07 -12.48
C VAL A 173 34.65 9.93 -11.81
N LYS A 174 34.44 8.85 -12.53
CA LYS A 174 33.89 7.64 -11.93
C LYS A 174 34.93 7.03 -11.00
N GLY A 175 34.63 7.05 -9.70
CA GLY A 175 35.58 6.60 -8.70
C GLY A 175 35.12 5.35 -7.95
N GLN A 176 36.09 4.65 -7.35
CA GLN A 176 35.79 3.53 -6.47
C GLN A 176 35.29 4.05 -5.10
N LEU A 177 34.09 3.60 -4.75
CA LEU A 177 33.48 3.99 -3.47
C LEU A 177 33.65 2.83 -2.43
N ASP A 178 33.65 1.60 -2.91
CA ASP A 178 33.81 0.43 -2.04
C ASP A 178 34.12 -0.70 -2.99
N ASP A 179 34.41 -1.87 -2.47
CA ASP A 179 34.62 -3.05 -3.32
C ASP A 179 33.39 -3.22 -4.22
N ASN A 180 33.64 -3.32 -5.53
CA ASN A 180 32.59 -3.57 -6.50
C ASN A 180 31.53 -2.44 -6.53
N THR A 181 31.92 -1.25 -6.06
CA THR A 181 30.97 -0.12 -6.02
C THR A 181 31.58 1.22 -6.37
N THR A 182 30.86 1.95 -7.22
CA THR A 182 31.42 3.11 -7.87
C THR A 182 30.43 4.25 -7.75
N TYR A 183 30.92 5.46 -8.00
CA TYR A 183 30.15 6.66 -7.74
C TYR A 183 30.82 7.72 -8.62
N THR A 184 30.05 8.71 -9.12
CA THR A 184 30.64 9.87 -9.76
C THR A 184 31.16 10.90 -8.77
N TYR A 185 32.48 10.96 -8.62
CA TYR A 185 33.07 11.94 -7.76
C TYR A 185 33.36 13.25 -8.51
N TRP A 186 33.36 14.36 -7.76
CA TRP A 186 33.82 15.62 -8.30
C TRP A 186 34.96 16.04 -7.40
N THR A 187 36.08 16.38 -7.98
CA THR A 187 37.28 16.47 -7.18
C THR A 187 38.12 17.66 -7.56
N PHE A 188 38.97 18.09 -6.61
CA PHE A 188 40.15 18.87 -6.93
C PHE A 188 41.32 17.92 -7.21
N ASN A 189 41.85 17.96 -8.44
CA ASN A 189 43.05 17.20 -8.85
C ASN A 189 42.85 15.69 -8.75
N GLY A 190 41.62 15.23 -8.95
CA GLY A 190 41.35 13.80 -9.06
C GLY A 190 41.27 12.94 -7.79
N LYS A 191 41.42 13.55 -6.60
CA LYS A 191 41.35 12.81 -5.31
C LYS A 191 40.54 13.54 -4.25
N VAL A 192 40.22 12.81 -3.17
CA VAL A 192 39.37 13.33 -2.11
C VAL A 192 40.07 13.02 -0.78
N PRO A 193 40.34 14.04 0.07
CA PRO A 193 40.28 15.48 -0.15
C PRO A 193 41.23 15.95 -1.27
N GLY A 194 41.08 17.22 -1.65
CA GLY A 194 41.92 17.79 -2.65
C GLY A 194 43.31 17.98 -2.04
N PRO A 195 44.22 18.63 -2.80
CA PRO A 195 45.63 18.76 -2.34
C PRO A 195 45.73 19.54 -1.05
N PHE A 196 46.62 19.12 -0.17
CA PHE A 196 46.88 19.90 1.03
C PHE A 196 47.70 21.12 0.60
N LEU A 197 47.16 22.33 0.81
CA LEU A 197 47.85 23.56 0.47
C LEU A 197 48.51 24.10 1.73
N ARG A 198 49.75 24.56 1.58
CA ARG A 198 50.54 24.95 2.73
C ARG A 198 51.29 26.26 2.41
N VAL A 199 50.99 27.33 3.14
CA VAL A 199 51.61 28.63 2.89
C VAL A 199 51.86 29.20 4.28
N ARG A 200 52.44 30.41 4.30
CA ARG A 200 52.87 31.09 5.49
C ARG A 200 52.05 32.36 5.63
N VAL A 201 51.71 32.78 6.87
CA VAL A 201 51.07 34.07 7.04
C VAL A 201 51.86 35.12 6.26
N GLY A 202 51.14 36.01 5.60
CA GLY A 202 51.79 37.10 4.88
C GLY A 202 51.99 36.79 3.42
N ASP A 203 51.88 35.51 3.05
CA ASP A 203 52.03 35.09 1.65
C ASP A 203 50.89 35.64 0.82
N THR A 204 51.15 35.73 -0.46
CA THR A 204 50.16 36.07 -1.45
C THR A 204 50.01 34.82 -2.31
N VAL A 205 48.78 34.38 -2.47
CA VAL A 205 48.53 33.17 -3.21
C VAL A 205 48.00 33.55 -4.56
N GLU A 206 48.59 32.96 -5.60
CA GLU A 206 48.07 33.19 -6.91
C GLU A 206 47.50 31.86 -7.36
N LEU A 207 46.18 31.78 -7.40
CA LEU A 207 45.51 30.52 -7.70
C LEU A 207 45.14 30.43 -9.17
N HIS A 208 45.57 29.35 -9.84
CA HIS A 208 45.05 29.05 -11.17
C HIS A 208 44.15 27.84 -11.08
N LEU A 209 42.87 28.09 -11.30
CA LEU A 209 41.85 27.04 -11.28
C LEU A 209 41.43 26.68 -12.69
N LYS A 210 41.71 25.44 -13.10
CA LYS A 210 41.25 24.94 -14.40
C LYS A 210 40.07 23.95 -14.25
N ASN A 211 39.02 24.14 -15.02
CA ASN A 211 37.91 23.20 -14.99
C ASN A 211 38.06 22.31 -16.21
N HIS A 212 38.29 21.02 -15.99
CA HIS A 212 38.51 20.09 -17.11
C HIS A 212 37.42 20.23 -18.15
N LYS A 213 37.78 20.07 -19.43
CA LYS A 213 36.81 20.25 -20.51
C LYS A 213 35.64 19.26 -20.59
N ASP A 214 35.82 18.07 -20.01
CA ASP A 214 34.76 17.06 -19.93
C ASP A 214 33.82 17.22 -18.72
N SER A 215 34.05 18.23 -17.91
CA SER A 215 33.18 18.46 -16.76
C SER A 215 31.81 18.89 -17.28
N LEU A 216 30.74 18.39 -16.67
CA LEU A 216 29.39 18.90 -16.99
C LEU A 216 29.13 20.21 -16.27
N MET A 217 29.75 20.39 -15.11
CA MET A 217 29.32 21.44 -14.19
C MET A 217 30.35 22.54 -14.18
N VAL A 218 29.92 23.75 -13.87
CA VAL A 218 30.90 24.70 -13.39
C VAL A 218 31.42 24.35 -11.99
N HIS A 219 32.69 24.69 -11.72
CA HIS A 219 33.29 24.47 -10.40
C HIS A 219 34.07 25.73 -9.99
N SER A 220 34.35 25.86 -8.70
CA SER A 220 35.01 27.03 -8.14
C SER A 220 35.70 26.57 -6.90
N VAL A 221 36.13 27.53 -6.08
CA VAL A 221 36.75 27.25 -4.80
C VAL A 221 36.52 28.42 -3.83
N ASP A 222 36.20 28.10 -2.58
CA ASP A 222 36.07 29.03 -1.44
C ASP A 222 37.15 28.54 -0.44
N PHE A 223 38.13 29.39 -0.10
CA PHE A 223 39.12 29.08 0.96
C PHE A 223 38.72 29.76 2.28
N HIS A 224 38.60 29.01 3.38
CA HIS A 224 38.28 29.63 4.69
C HIS A 224 39.44 30.49 5.22
N GLY A 225 40.64 30.28 4.68
CA GLY A 225 41.77 31.16 4.99
C GLY A 225 41.94 32.40 4.10
N ALA A 226 41.04 32.56 3.13
CA ALA A 226 41.01 33.73 2.28
C ALA A 226 40.05 34.80 2.83
N THR A 227 40.42 36.06 2.64
CA THR A 227 39.59 37.20 3.10
C THR A 227 39.02 37.93 1.89
N GLY A 228 37.70 37.95 1.75
CA GLY A 228 37.11 38.54 0.55
C GLY A 228 35.97 37.72 -0.01
N PRO A 229 35.24 38.26 -1.02
CA PRO A 229 33.96 37.72 -1.52
C PRO A 229 34.01 36.23 -1.85
N GLY A 230 33.10 35.49 -1.20
CA GLY A 230 33.01 34.03 -1.36
C GLY A 230 34.26 33.25 -0.95
N GLY A 231 35.16 33.86 -0.16
CA GLY A 231 36.45 33.24 0.09
C GLY A 231 37.26 32.96 -1.18
N ALA A 232 37.01 33.74 -2.25
CA ALA A 232 37.59 33.58 -3.61
C ALA A 232 36.58 33.02 -4.61
N ALA A 233 35.44 32.54 -4.10
CA ALA A 233 34.45 31.92 -4.96
C ALA A 233 33.84 32.90 -5.96
N ALA A 234 33.72 34.16 -5.57
CA ALA A 234 33.24 35.19 -6.51
C ALA A 234 34.18 35.37 -7.72
N PHE A 235 35.42 34.92 -7.63
CA PHE A 235 36.43 35.12 -8.68
C PHE A 235 36.72 33.80 -9.40
N THR A 236 36.13 32.70 -8.94
CA THR A 236 36.55 31.39 -9.45
C THR A 236 35.46 30.51 -10.03
N GLN A 237 34.28 31.06 -10.37
CA GLN A 237 33.25 30.26 -11.06
C GLN A 237 33.81 29.94 -12.45
N THR A 238 34.17 28.67 -12.69
CA THR A 238 34.96 28.30 -13.88
C THR A 238 34.19 27.32 -14.76
N ASP A 239 33.95 27.72 -16.02
CA ASP A 239 33.28 26.86 -16.99
C ASP A 239 34.17 25.68 -17.41
N PRO A 240 33.54 24.54 -17.80
CA PRO A 240 34.32 23.41 -18.38
C PRO A 240 35.26 23.89 -19.53
N GLY A 241 36.52 23.50 -19.47
CA GLY A 241 37.49 23.87 -20.50
C GLY A 241 38.23 25.18 -20.23
N GLU A 242 37.84 25.90 -19.17
CA GLU A 242 38.34 27.27 -18.94
C GLU A 242 39.21 27.36 -17.69
N GLU A 243 39.77 28.55 -17.46
CA GLU A 243 40.59 28.80 -16.31
C GLU A 243 40.17 30.13 -15.71
N THR A 244 40.41 30.26 -14.42
CA THR A 244 40.05 31.40 -13.70
C THR A 244 41.31 31.63 -12.85
N VAL A 245 41.68 32.87 -12.62
CA VAL A 245 42.81 33.15 -11.76
C VAL A 245 42.49 34.24 -10.77
N VAL A 246 42.95 34.05 -9.54
CA VAL A 246 42.61 34.94 -8.46
C VAL A 246 43.84 35.04 -7.58
N THR A 247 44.15 36.25 -7.10
CA THR A 247 45.26 36.42 -6.17
C THR A 247 44.66 36.86 -4.84
N PHE A 248 45.15 36.32 -3.74
CA PHE A 248 44.62 36.74 -2.44
C PHE A 248 45.70 36.70 -1.40
N LYS A 249 45.60 37.57 -0.42
CA LYS A 249 46.52 37.55 0.73
C LYS A 249 46.04 36.59 1.84
N ALA A 250 47.00 35.90 2.44
CA ALA A 250 46.79 35.05 3.60
C ALA A 250 47.14 35.83 4.84
N LEU A 251 46.11 36.39 5.48
CA LEU A 251 46.29 37.34 6.57
C LEU A 251 46.36 36.76 7.96
N ILE A 252 45.87 35.53 8.14
CA ILE A 252 45.71 34.95 9.49
C ILE A 252 46.11 33.48 9.51
N PRO A 253 47.04 33.13 10.43
CA PRO A 253 47.45 31.73 10.47
C PRO A 253 46.27 30.88 10.92
N GLY A 254 46.25 29.60 10.53
CA GLY A 254 45.19 28.68 10.92
C GLY A 254 45.23 27.49 9.99
N ILE A 255 44.42 26.50 10.30
CA ILE A 255 44.23 25.34 9.45
C ILE A 255 42.79 25.40 8.86
N TYR A 256 42.68 25.66 7.57
CA TYR A 256 41.40 26.06 6.98
C TYR A 256 40.85 25.02 6.03
N VAL A 257 39.53 24.80 6.05
CA VAL A 257 38.97 24.03 4.94
C VAL A 257 38.78 24.89 3.72
N TYR A 258 38.88 24.26 2.55
CA TYR A 258 38.42 24.91 1.34
C TYR A 258 37.53 23.93 0.60
N HIS A 259 36.65 24.41 -0.26
CA HIS A 259 35.72 23.54 -0.96
C HIS A 259 35.17 24.25 -2.18
N CYS A 260 34.60 23.50 -3.12
CA CYS A 260 33.91 24.14 -4.23
C CYS A 260 32.76 24.97 -3.67
N ALA A 261 32.50 26.09 -4.32
CA ALA A 261 31.43 26.98 -3.91
C ALA A 261 30.46 27.28 -5.06
N THR A 262 30.20 26.29 -5.91
CA THR A 262 29.20 26.44 -6.96
C THR A 262 27.84 25.83 -6.52
N PRO A 263 26.73 26.58 -6.62
CA PRO A 263 25.42 26.00 -6.30
C PRO A 263 25.17 24.73 -7.12
N SER A 264 24.67 23.63 -6.55
CA SER A 264 24.38 23.40 -5.13
C SER A 264 25.68 23.15 -4.36
N VAL A 265 26.02 24.02 -3.42
CA VAL A 265 27.27 23.81 -2.70
C VAL A 265 27.33 22.46 -1.96
N PRO A 266 26.29 22.09 -1.15
CA PRO A 266 26.38 20.77 -0.46
C PRO A 266 26.49 19.60 -1.43
N THR A 267 25.93 19.75 -2.63
CA THR A 267 26.15 18.75 -3.68
C THR A 267 27.61 18.65 -4.17
N HIS A 268 28.26 19.78 -4.47
CA HIS A 268 29.66 19.76 -4.87
C HIS A 268 30.55 19.18 -3.75
N ILE A 269 30.25 19.53 -2.51
CA ILE A 269 30.99 19.04 -1.34
C ILE A 269 30.79 17.55 -1.13
N THR A 270 29.53 17.09 -1.11
CA THR A 270 29.35 15.63 -0.91
C THR A 270 30.08 14.81 -2.01
N ASN A 271 30.09 15.31 -3.25
CA ASN A 271 30.73 14.57 -4.34
C ASN A 271 32.27 14.52 -4.27
N GLY A 272 32.86 15.29 -3.37
CA GLY A 272 34.30 15.23 -3.08
C GLY A 272 35.11 16.52 -3.05
N MET A 273 34.47 17.66 -3.31
CA MET A 273 35.25 18.91 -3.51
C MET A 273 35.55 19.67 -2.23
N TYR A 274 36.47 19.09 -1.44
CA TYR A 274 36.92 19.69 -0.21
C TYR A 274 38.39 19.41 0.04
N GLY A 275 39.06 20.27 0.80
CA GLY A 275 40.48 20.07 1.07
C GLY A 275 40.93 20.93 2.24
N LEU A 276 42.20 20.86 2.57
CA LEU A 276 42.74 21.74 3.62
C LEU A 276 43.84 22.69 3.09
N LEU A 277 43.89 23.86 3.72
CA LEU A 277 44.84 24.89 3.44
C LEU A 277 45.41 25.28 4.79
N LEU A 278 46.70 25.03 4.97
CA LEU A 278 47.37 25.43 6.18
C LEU A 278 48.05 26.78 5.93
N VAL A 279 47.74 27.77 6.77
CA VAL A 279 48.50 29.03 6.83
C VAL A 279 49.33 29.03 8.11
N GLU A 280 50.62 28.71 7.96
CA GLU A 280 51.56 28.59 9.06
C GLU A 280 51.74 29.91 9.79
N PRO A 281 51.90 29.87 11.13
CA PRO A 281 52.32 31.09 11.80
C PRO A 281 53.76 31.42 11.38
N GLU A 282 54.17 32.67 11.62
CA GLU A 282 55.53 33.13 11.37
C GLU A 282 56.59 32.10 11.81
N GLY A 283 56.53 31.60 13.05
CA GLY A 283 57.58 30.63 13.43
C GLY A 283 57.40 29.18 12.98
N GLY A 284 56.31 28.88 12.25
CA GLY A 284 55.97 27.50 11.93
C GLY A 284 55.30 26.85 13.12
N LEU A 285 54.69 25.69 12.90
CA LEU A 285 54.13 24.87 13.96
C LEU A 285 55.25 24.12 14.69
N PRO A 286 54.99 23.68 15.95
CA PRO A 286 55.97 22.85 16.65
C PRO A 286 56.42 21.71 15.75
N GLN A 287 57.71 21.40 15.81
CA GLN A 287 58.28 20.36 14.98
C GLN A 287 57.86 19.02 15.50
N VAL A 288 57.65 18.11 14.57
CA VAL A 288 57.02 16.86 14.89
C VAL A 288 57.75 15.89 13.98
N ASP A 289 57.73 14.61 14.28
CA ASP A 289 58.38 13.59 13.44
C ASP A 289 57.62 13.27 12.12
N ARG A 290 56.29 13.32 12.17
CA ARG A 290 55.47 12.87 11.03
C ARG A 290 54.13 13.60 11.07
N GLU A 291 53.60 13.92 9.88
CA GLU A 291 52.35 14.64 9.75
C GLU A 291 51.47 13.86 8.80
N PHE A 292 50.17 13.89 9.08
CA PHE A 292 49.20 13.21 8.22
C PHE A 292 48.04 14.15 7.81
N TYR A 293 47.38 13.80 6.73
CA TYR A 293 46.32 14.60 6.17
C TYR A 293 45.06 13.72 6.07
N VAL A 294 44.03 14.05 6.85
CA VAL A 294 42.80 13.27 6.90
C VAL A 294 41.55 14.19 6.85
N MET A 295 40.55 13.86 6.02
CA MET A 295 39.29 14.60 6.00
C MET A 295 38.15 13.64 5.97
N GLN A 296 37.05 14.03 6.60
CA GLN A 296 35.84 13.22 6.68
C GLN A 296 34.74 13.84 5.81
N GLY A 297 34.01 12.99 5.10
CA GLY A 297 32.84 13.46 4.36
C GLY A 297 31.77 12.39 4.30
N GLU A 298 30.61 12.77 3.77
CA GLU A 298 29.44 11.90 3.63
C GLU A 298 29.05 11.76 2.18
N ILE A 299 28.48 10.61 1.86
CA ILE A 299 27.91 10.40 0.55
C ILE A 299 26.48 9.86 0.72
N TYR A 300 25.59 10.31 -0.15
CA TYR A 300 24.14 10.09 0.01
C TYR A 300 23.65 9.33 -1.23
N THR A 301 23.63 8.01 -1.16
CA THR A 301 23.37 7.21 -2.32
C THR A 301 21.90 6.74 -2.27
N VAL A 302 21.33 6.45 -3.43
CA VAL A 302 19.95 5.98 -3.53
C VAL A 302 19.82 4.62 -2.82
N LYS A 303 20.79 3.74 -3.04
CA LYS A 303 20.77 2.43 -2.36
C LYS A 303 21.46 2.54 -1.01
N SER A 304 21.13 1.61 -0.12
CA SER A 304 21.73 1.59 1.22
C SER A 304 23.23 1.28 1.18
N PHE A 305 23.97 1.80 2.16
CA PHE A 305 25.36 1.43 2.41
C PHE A 305 25.52 -0.07 2.23
N GLY A 306 26.53 -0.51 1.50
CA GLY A 306 26.86 -1.92 1.46
C GLY A 306 26.29 -2.60 0.25
N THR A 307 25.42 -1.90 -0.48
CA THR A 307 24.94 -2.42 -1.76
C THR A 307 25.92 -2.13 -2.89
N SER A 308 26.24 -3.11 -3.69
CA SER A 308 27.27 -2.95 -4.70
C SER A 308 26.73 -2.34 -5.99
N GLY A 309 27.61 -1.99 -6.92
CA GLY A 309 27.19 -1.49 -8.22
C GLY A 309 27.45 0.02 -8.39
N GLU A 310 26.81 0.59 -9.39
CA GLU A 310 26.97 1.99 -9.70
C GLU A 310 26.03 2.82 -8.83
N GLN A 311 26.57 3.64 -7.95
CA GLN A 311 25.75 4.37 -6.98
C GLN A 311 25.42 5.73 -7.53
N GLU A 312 24.26 6.24 -7.14
CA GLU A 312 23.81 7.56 -7.57
C GLU A 312 23.43 8.40 -6.36
N MET A 313 23.51 9.71 -6.51
CA MET A 313 23.21 10.63 -5.41
C MET A 313 21.71 10.65 -5.22
N ASP A 314 21.28 10.70 -3.97
CA ASP A 314 19.88 10.83 -3.65
C ASP A 314 19.75 12.22 -2.99
N TYR A 315 19.11 13.13 -3.73
CA TYR A 315 18.89 14.49 -3.25
C TYR A 315 18.07 14.61 -1.96
N GLU A 316 17.01 13.83 -1.83
CA GLU A 316 16.16 13.83 -0.61
C GLU A 316 17.02 13.45 0.62
N LYS A 317 17.90 12.46 0.45
CA LYS A 317 18.77 12.05 1.56
C LYS A 317 19.79 13.15 1.87
N LEU A 318 20.42 13.71 0.83
CA LEU A 318 21.32 14.87 1.02
C LEU A 318 20.65 16.01 1.78
N ILE A 319 19.53 16.51 1.28
CA ILE A 319 19.04 17.73 1.91
C ILE A 319 18.43 17.47 3.25
N ASN A 320 17.99 16.23 3.51
CA ASN A 320 17.45 15.88 4.84
C ASN A 320 18.47 15.20 5.76
N GLU A 321 19.75 15.22 5.36
CA GLU A 321 20.83 14.76 6.26
C GLU A 321 20.68 13.28 6.66
N LYS A 322 20.54 12.42 5.64
CA LYS A 322 20.42 10.97 5.82
C LYS A 322 21.52 10.24 5.03
N PRO A 323 22.77 10.30 5.54
CA PRO A 323 23.89 9.79 4.76
C PRO A 323 23.91 8.27 4.71
N GLU A 324 24.49 7.71 3.66
CA GLU A 324 24.67 6.28 3.57
C GLU A 324 26.12 5.89 3.83
N TYR A 325 27.05 6.72 3.39
CA TYR A 325 28.48 6.46 3.54
C TYR A 325 29.11 7.60 4.33
N PHE A 326 29.96 7.26 5.28
CA PHE A 326 30.78 8.24 5.99
C PHE A 326 32.22 7.79 5.70
N LEU A 327 33.06 8.73 5.28
CA LEU A 327 34.32 8.36 4.66
C LEU A 327 35.53 9.18 5.14
N PHE A 328 36.67 8.50 5.35
CA PHE A 328 37.95 9.18 5.53
C PHE A 328 38.60 9.16 4.15
N ASN A 329 39.04 10.32 3.66
CA ASN A 329 39.85 10.35 2.41
C ASN A 329 39.25 9.57 1.25
N GLY A 330 37.93 9.78 1.02
CA GLY A 330 37.30 9.47 -0.26
C GLY A 330 36.52 8.18 -0.43
N SER A 331 36.82 7.14 0.35
CA SER A 331 36.35 5.83 -0.06
C SER A 331 36.28 4.87 1.10
N VAL A 332 35.52 3.79 0.93
CA VAL A 332 35.52 2.73 1.92
C VAL A 332 36.86 1.99 1.91
N GLY A 333 37.51 1.87 3.09
CA GLY A 333 38.81 1.18 3.18
C GLY A 333 40.01 2.02 2.76
N SER A 334 39.74 3.30 2.52
CA SER A 334 40.76 4.24 2.10
C SER A 334 41.98 4.20 3.04
N LEU A 335 41.73 4.34 4.34
CA LEU A 335 42.78 4.39 5.35
C LEU A 335 42.97 3.11 6.17
N THR A 336 42.35 2.02 5.74
CA THR A 336 42.60 0.71 6.31
C THR A 336 43.40 -0.19 5.33
N ARG A 337 42.86 -0.40 4.13
CA ARG A 337 43.46 -1.33 3.20
C ARG A 337 44.27 -0.59 2.10
N SER A 338 43.78 0.57 1.66
CA SER A 338 44.38 1.22 0.53
C SER A 338 45.67 1.89 0.94
N HIS A 339 45.62 2.78 1.93
CA HIS A 339 46.83 3.35 2.49
C HIS A 339 46.67 3.81 3.92
N PRO A 340 46.88 2.88 4.86
CA PRO A 340 46.83 3.26 6.24
C PRO A 340 47.92 4.28 6.54
N LEU A 341 47.79 4.93 7.70
CA LEU A 341 48.89 5.69 8.26
C LEU A 341 49.92 4.74 8.90
N TYR A 342 51.19 5.10 8.81
CA TYR A 342 52.33 4.31 9.34
C TYR A 342 53.21 5.25 10.13
N ALA A 343 53.56 4.87 11.36
CA ALA A 343 54.56 5.62 12.13
C ALA A 343 55.40 4.65 12.99
N SER A 344 56.40 5.16 13.72
CA SER A 344 57.28 4.32 14.54
C SER A 344 57.14 4.69 15.99
N VAL A 345 57.41 3.71 16.87
CA VAL A 345 57.35 3.99 18.31
C VAL A 345 58.32 5.08 18.75
N GLY A 346 57.85 5.96 19.63
CA GLY A 346 58.59 7.16 20.02
C GLY A 346 58.44 8.40 19.14
N GLU A 347 57.83 8.27 17.96
CA GLU A 347 57.57 9.45 17.13
C GLU A 347 56.44 10.33 17.69
N THR A 348 56.66 11.62 17.59
CA THR A 348 55.60 12.58 17.78
C THR A 348 54.98 12.79 16.40
N VAL A 349 53.66 12.64 16.36
CA VAL A 349 52.88 12.62 15.15
C VAL A 349 51.82 13.75 15.16
N ARG A 350 51.53 14.28 13.99
CA ARG A 350 50.54 15.36 13.87
C ARG A 350 49.54 14.92 12.80
N ILE A 351 48.25 15.04 13.10
CA ILE A 351 47.21 14.80 12.07
C ILE A 351 46.51 16.15 11.84
N PHE A 352 46.48 16.60 10.60
CA PHE A 352 45.64 17.74 10.19
C PHE A 352 44.32 17.10 9.82
N PHE A 353 43.29 17.36 10.62
CA PHE A 353 42.00 16.70 10.44
C PHE A 353 40.90 17.72 10.06
N GLY A 354 40.23 17.53 8.93
CA GLY A 354 39.21 18.47 8.52
C GLY A 354 37.91 17.77 8.20
N VAL A 355 36.79 18.50 8.27
CA VAL A 355 35.49 17.92 7.93
C VAL A 355 34.91 18.69 6.74
N GLY A 356 34.96 18.02 5.58
CA GLY A 356 34.27 18.53 4.39
C GLY A 356 32.76 18.48 4.64
N GLY A 357 32.27 17.34 5.16
CA GLY A 357 30.85 17.18 5.47
C GLY A 357 30.14 16.59 4.27
N PRO A 358 29.08 17.26 3.75
CA PRO A 358 28.65 18.65 4.07
C PRO A 358 28.01 18.94 5.44
N ASN A 359 27.56 17.91 6.18
CA ASN A 359 26.62 18.12 7.29
C ASN A 359 26.99 17.73 8.72
N PHE A 360 27.83 16.71 8.89
CA PHE A 360 27.98 16.09 10.21
C PHE A 360 29.23 16.51 10.96
N THR A 361 29.02 16.87 12.20
CA THR A 361 30.05 17.09 13.14
C THR A 361 30.81 15.80 13.53
N SER A 362 32.12 15.73 13.35
CA SER A 362 32.89 14.56 13.70
C SER A 362 33.36 14.60 15.15
N SER A 363 33.41 13.42 15.78
CA SER A 363 33.93 13.34 17.16
C SER A 363 35.25 12.57 17.06
N PHE A 364 36.27 13.29 16.64
CA PHE A 364 37.45 12.63 16.13
C PHE A 364 38.25 12.00 17.29
N HIS A 365 38.59 10.74 17.15
CA HIS A 365 39.24 10.01 18.25
C HIS A 365 40.24 9.02 17.68
N VAL A 366 41.42 8.86 18.29
CA VAL A 366 42.32 7.75 17.86
C VAL A 366 42.31 6.67 18.96
N ILE A 367 41.72 5.54 18.68
CA ILE A 367 41.55 4.51 19.70
C ILE A 367 42.94 4.00 20.09
N GLY A 368 43.23 3.95 21.39
CA GLY A 368 44.50 3.44 21.92
C GLY A 368 45.52 4.54 22.14
N GLU A 369 45.16 5.78 21.79
CA GLU A 369 46.06 6.90 22.02
C GLU A 369 45.29 8.11 22.56
N ILE A 370 46.02 9.16 22.96
CA ILE A 370 45.46 10.36 23.59
C ILE A 370 46.12 11.58 22.93
N PHE A 371 45.36 12.60 22.58
CA PHE A 371 45.95 13.80 22.00
C PHE A 371 46.68 14.62 23.07
N ASP A 372 48.00 14.80 22.87
CA ASP A 372 48.82 15.62 23.73
C ASP A 372 48.36 17.07 23.55
N HIS A 373 48.18 17.50 22.29
CA HIS A 373 47.73 18.86 21.98
C HIS A 373 46.60 18.84 20.96
N VAL A 374 45.58 19.64 21.25
CA VAL A 374 44.45 19.84 20.35
C VAL A 374 44.35 21.32 20.06
N TYR A 375 44.41 21.67 18.78
CA TYR A 375 44.28 23.09 18.37
C TYR A 375 42.81 23.48 18.25
N SER A 376 42.19 23.92 19.36
CA SER A 376 40.73 24.13 19.39
C SER A 376 40.23 24.96 18.21
N LEU A 377 39.21 24.48 17.50
CA LEU A 377 38.52 25.21 16.42
C LEU A 377 39.46 25.59 15.26
N GLY A 378 40.62 24.94 15.24
CA GLY A 378 41.61 25.15 14.19
C GLY A 378 42.50 26.37 14.49
N SER A 379 42.36 26.95 15.68
CA SER A 379 43.19 28.07 16.07
C SER A 379 44.63 27.63 16.25
N VAL A 380 45.49 28.33 15.55
CA VAL A 380 46.92 28.08 15.51
C VAL A 380 47.65 29.16 16.37
N VAL A 381 46.92 30.21 16.74
CA VAL A 381 47.45 31.29 17.60
C VAL A 381 47.23 31.05 19.09
N SER A 382 46.08 30.52 19.48
CA SER A 382 45.82 30.24 20.89
C SER A 382 46.59 28.99 21.33
N PRO A 383 46.94 28.90 22.64
CA PRO A 383 47.65 27.70 23.10
C PRO A 383 46.73 26.47 22.96
N PRO A 384 47.23 25.38 22.35
CA PRO A 384 46.38 24.21 22.21
C PRO A 384 45.94 23.68 23.58
N LEU A 385 44.83 22.94 23.59
CA LEU A 385 44.39 22.20 24.78
C LEU A 385 45.28 20.99 24.98
N ILE A 386 45.39 20.54 26.22
CA ILE A 386 46.31 19.44 26.58
C ILE A 386 45.60 18.18 27.07
N GLY A 387 45.99 17.03 26.54
CA GLY A 387 45.56 15.74 27.06
C GLY A 387 44.07 15.51 26.86
N VAL A 388 43.70 15.31 25.60
CA VAL A 388 42.28 15.25 25.20
C VAL A 388 42.00 13.94 24.44
N GLN A 389 40.90 13.26 24.79
CA GLN A 389 40.59 11.96 24.14
C GLN A 389 39.95 12.14 22.77
N THR A 390 39.02 13.10 22.66
CA THR A 390 38.20 13.24 21.48
C THR A 390 37.80 14.68 21.21
N VAL A 391 37.84 15.07 19.95
CA VAL A 391 37.63 16.48 19.55
C VAL A 391 36.43 16.59 18.61
N SER A 392 35.47 17.50 18.89
CA SER A 392 34.37 17.80 17.94
C SER A 392 34.88 18.76 16.89
N VAL A 393 34.65 18.38 15.62
CA VAL A 393 35.11 19.14 14.48
C VAL A 393 33.89 19.36 13.57
N PRO A 394 33.44 20.61 13.45
CA PRO A 394 32.21 20.83 12.69
C PRO A 394 32.50 20.73 11.18
N PRO A 395 31.45 20.53 10.35
CA PRO A 395 31.66 20.59 8.90
C PRO A 395 32.13 22.01 8.58
N GLY A 396 33.08 22.13 7.65
CA GLY A 396 33.69 23.40 7.33
C GLY A 396 34.64 23.89 8.40
N GLY A 397 35.10 22.96 9.24
CA GLY A 397 36.07 23.25 10.27
C GLY A 397 37.20 22.21 10.21
N ALA A 398 38.34 22.55 10.81
CA ALA A 398 39.51 21.66 10.85
C ALA A 398 40.20 21.83 12.20
N THR A 399 41.00 20.83 12.59
CA THR A 399 41.92 20.97 13.74
C THR A 399 43.25 20.33 13.45
N ILE A 400 44.12 20.45 14.42
CA ILE A 400 45.42 19.84 14.44
C ILE A 400 45.49 19.08 15.76
N VAL A 401 45.87 17.82 15.68
CA VAL A 401 46.15 17.04 16.90
C VAL A 401 47.58 16.53 16.80
N ASP A 402 48.32 16.59 17.90
CA ASP A 402 49.71 16.08 18.00
C ASP A 402 49.70 15.09 19.14
N PHE A 403 50.45 13.99 19.00
CA PHE A 403 50.67 13.08 20.11
C PHE A 403 51.93 12.25 19.87
N LYS A 404 52.61 11.97 20.97
CA LYS A 404 53.73 11.05 20.95
C LYS A 404 53.20 9.62 21.01
N ILE A 405 53.68 8.79 20.10
CA ILE A 405 53.35 7.38 20.12
C ILE A 405 54.29 6.57 21.03
N ASP A 406 53.85 6.24 22.23
CA ASP A 406 54.72 5.62 23.24
C ASP A 406 55.02 4.16 22.96
N ARG A 407 54.13 3.48 22.27
CA ARG A 407 54.31 2.05 22.06
C ARG A 407 53.61 1.58 20.81
N ALA A 408 53.88 0.33 20.46
CA ALA A 408 53.44 -0.28 19.24
C ALA A 408 51.93 -0.59 19.23
N GLY A 409 51.35 -0.72 18.05
CA GLY A 409 49.97 -1.14 17.93
C GLY A 409 49.30 -0.70 16.63
N ARG A 410 48.09 -1.20 16.42
CA ARG A 410 47.28 -0.69 15.36
C ARG A 410 46.34 0.31 16.00
N TYR A 411 46.61 1.59 15.81
CA TYR A 411 45.72 2.65 16.29
C TYR A 411 44.61 2.94 15.25
N ILE A 412 43.43 3.31 15.75
CA ILE A 412 42.24 3.36 14.91
C ILE A 412 41.57 4.74 14.91
N LEU A 413 41.62 5.40 13.75
CA LEU A 413 40.91 6.68 13.57
C LEU A 413 39.40 6.42 13.42
N VAL A 414 38.61 7.13 14.21
CA VAL A 414 37.14 6.98 14.20
C VAL A 414 36.49 8.36 14.41
N ASP A 415 35.27 8.51 13.89
CA ASP A 415 34.34 9.50 14.41
C ASP A 415 33.64 8.70 15.52
N HIS A 416 33.69 9.20 16.75
CA HIS A 416 33.16 8.41 17.85
C HIS A 416 31.62 8.41 17.94
N ALA A 417 30.92 8.95 16.93
CA ALA A 417 29.52 8.55 16.67
C ALA A 417 29.60 7.18 16.01
N LEU A 418 29.78 6.16 16.84
CA LEU A 418 30.26 4.85 16.36
C LEU A 418 29.35 4.04 15.40
N SER A 419 28.08 4.38 15.26
CA SER A 419 27.33 3.78 14.15
C SER A 419 28.03 4.04 12.79
N ARG A 420 28.82 5.09 12.73
CA ARG A 420 29.49 5.44 11.47
C ARG A 420 30.60 4.44 11.06
N LEU A 421 31.14 3.67 12.01
CA LEU A 421 32.08 2.55 11.71
C LEU A 421 31.49 1.64 10.63
N GLU A 422 30.18 1.43 10.72
CA GLU A 422 29.51 0.50 9.82
C GLU A 422 29.09 1.18 8.52
N HIS A 423 29.24 2.51 8.41
CA HIS A 423 28.97 3.24 7.17
C HIS A 423 30.25 3.61 6.45
N GLY A 424 31.36 2.99 6.87
CA GLY A 424 32.62 3.08 6.15
C GLY A 424 33.67 3.91 6.83
N LEU A 425 33.36 4.39 8.04
CA LEU A 425 34.24 5.37 8.70
C LEU A 425 35.24 4.80 9.72
N VAL A 426 36.44 4.50 9.27
CA VAL A 426 37.45 3.84 10.10
C VAL A 426 38.79 3.98 9.36
N GLY A 427 39.86 4.33 10.06
CA GLY A 427 41.20 4.28 9.47
C GLY A 427 42.17 3.64 10.44
N PHE A 428 43.32 3.20 9.91
CA PHE A 428 44.37 2.56 10.72
C PHE A 428 45.62 3.40 10.73
N LEU A 429 46.21 3.52 11.92
CA LEU A 429 47.57 4.04 12.11
C LEU A 429 48.42 2.88 12.63
N ASN A 430 49.27 2.32 11.76
CA ASN A 430 50.04 1.09 12.04
C ASN A 430 51.41 1.41 12.59
N VAL A 431 51.67 0.96 13.83
CA VAL A 431 52.95 1.20 14.51
C VAL A 431 53.50 -0.18 14.92
N ASP A 432 54.60 -0.56 14.27
CA ASP A 432 55.17 -1.89 14.43
C ASP A 432 55.95 -2.02 15.74
N GLY A 433 55.93 -3.21 16.31
CA GLY A 433 56.63 -3.50 17.57
C GLY A 433 55.95 -4.57 18.42
N PRO A 434 56.52 -4.85 19.61
CA PRO A 434 56.03 -5.93 20.46
C PRO A 434 54.64 -5.66 21.04
N LYS A 435 53.80 -6.70 21.10
CA LYS A 435 52.47 -6.62 21.66
C LYS A 435 52.51 -6.20 23.15
N ASN A 436 53.45 -6.78 23.90
CA ASN A 436 53.57 -6.58 25.34
C ASN A 436 54.73 -5.71 25.73
N ASP A 437 54.46 -4.72 26.58
CA ASP A 437 55.52 -3.92 27.13
C ASP A 437 55.09 -3.33 28.44
N SER A 438 55.91 -2.45 29.00
CA SER A 438 55.66 -1.91 30.33
C SER A 438 54.52 -0.90 30.33
N ILE A 439 54.14 -0.37 29.16
CA ILE A 439 52.99 0.55 29.06
C ILE A 439 51.66 -0.22 28.94
N MET A 440 51.67 -1.37 28.29
CA MET A 440 50.48 -2.22 28.29
C MET A 440 50.90 -3.65 28.00
N HIS A 441 50.39 -4.61 28.76
CA HIS A 441 50.77 -6.02 28.56
C HIS A 441 49.70 -6.94 29.13
N GLU A 442 49.58 -8.14 28.56
CA GLU A 442 48.69 -9.15 29.14
C GLU A 442 49.16 -9.61 30.51
N GLY A 443 48.22 -10.07 31.31
CA GLY A 443 48.52 -10.61 32.64
C GLY A 443 48.67 -9.57 33.73
N PRO A 444 48.84 -10.03 34.99
CA PRO A 444 48.94 -9.12 36.12
C PRO A 444 50.27 -8.34 36.09
N ALA A 445 50.37 -7.28 36.89
CA ALA A 445 51.62 -6.56 37.05
C ALA A 445 52.62 -7.43 37.83
N HIS B 24 7.01 15.83 39.54
CA HIS B 24 8.33 15.64 38.88
C HIS B 24 8.38 16.25 37.45
N ALA B 25 8.76 15.46 36.44
CA ALA B 25 8.68 15.92 35.03
C ALA B 25 7.24 15.78 34.50
N PRO B 26 6.82 16.62 33.51
CA PRO B 26 5.43 16.60 32.97
C PRO B 26 4.93 15.20 32.69
N VAL B 27 3.66 14.98 33.00
CA VAL B 27 3.00 13.75 32.59
C VAL B 27 2.46 14.02 31.19
N VAL B 28 2.85 13.18 30.22
CA VAL B 28 2.59 13.48 28.79
C VAL B 28 1.59 12.49 28.24
N PHE B 29 0.56 12.99 27.55
CA PHE B 29 -0.37 12.12 26.86
C PHE B 29 -0.44 12.54 25.41
N THR B 30 -0.42 11.56 24.51
CA THR B 30 -0.52 11.84 23.08
C THR B 30 -1.85 11.26 22.57
N LEU B 31 -2.64 12.13 21.93
CA LEU B 31 -3.92 11.78 21.31
C LEU B 31 -3.82 12.03 19.82
N ARG B 32 -4.17 11.05 19.00
CA ARG B 32 -4.44 11.34 17.59
C ARG B 32 -5.95 11.28 17.31
N THR B 33 -6.40 12.06 16.35
CA THR B 33 -7.82 12.05 16.03
C THR B 33 -8.06 10.97 14.97
N GLY B 34 -9.28 10.44 14.93
CA GLY B 34 -9.67 9.53 13.86
C GLY B 34 -11.09 9.03 13.96
N ILE B 35 -11.40 8.06 13.10
CA ILE B 35 -12.68 7.39 13.16
C ILE B 35 -12.39 6.01 13.70
N ALA B 36 -13.08 5.63 14.76
CA ALA B 36 -12.85 4.35 15.38
C ALA B 36 -14.09 3.96 16.16
N GLU B 37 -14.33 2.65 16.25
CA GLU B 37 -15.59 2.12 16.79
C GLU B 37 -16.83 2.87 16.28
N GLY B 38 -16.82 3.31 15.03
CA GLY B 38 -18.01 3.91 14.44
C GLY B 38 -18.29 5.40 14.66
N ARG B 39 -17.37 6.11 15.32
CA ARG B 39 -17.51 7.56 15.59
C ARG B 39 -16.22 8.33 15.31
N MET B 40 -16.32 9.65 15.35
CA MET B 40 -15.16 10.54 15.31
C MET B 40 -14.67 10.77 16.74
N VAL B 41 -13.39 10.48 17.00
CA VAL B 41 -12.87 10.30 18.35
C VAL B 41 -11.40 10.71 18.47
N TYR B 42 -10.90 10.73 19.72
CA TYR B 42 -9.50 10.82 20.02
C TYR B 42 -9.05 9.41 20.31
N ILE B 43 -7.81 9.08 19.95
CA ILE B 43 -7.23 7.76 20.21
C ILE B 43 -5.88 7.89 20.93
N GLY B 44 -5.71 7.18 22.03
CA GLY B 44 -4.46 7.24 22.80
C GLY B 44 -3.27 6.69 22.03
N VAL B 45 -2.10 7.31 22.21
CA VAL B 45 -0.86 6.83 21.58
C VAL B 45 0.15 6.57 22.69
N GLY B 46 0.59 5.32 22.85
CA GLY B 46 1.58 4.96 23.86
C GLY B 46 1.13 5.17 25.30
N GLY B 47 2.04 4.89 26.23
CA GLY B 47 1.73 4.94 27.67
C GLY B 47 0.64 3.95 28.06
N ASP B 48 -0.16 4.33 29.06
CA ASP B 48 -1.30 3.49 29.49
C ASP B 48 -2.62 3.76 28.72
N ILE B 49 -2.54 4.50 27.60
CA ILE B 49 -3.73 4.86 26.82
C ILE B 49 -3.65 4.38 25.38
N ASP B 50 -2.61 3.58 25.10
CA ASP B 50 -2.26 3.20 23.73
C ASP B 50 -3.42 2.53 23.00
N HIS B 51 -3.84 3.12 21.89
CA HIS B 51 -4.92 2.60 21.08
C HIS B 51 -6.30 2.66 21.75
N LYS B 52 -6.36 3.29 22.91
CA LYS B 52 -7.63 3.45 23.60
C LYS B 52 -8.41 4.61 23.00
N ILE B 53 -9.69 4.38 22.80
CA ILE B 53 -10.59 5.41 22.30
C ILE B 53 -11.05 6.34 23.41
N ASN B 54 -11.05 7.65 23.11
CA ASN B 54 -11.32 8.70 24.09
C ASN B 54 -10.78 8.35 25.50
N PRO B 55 -9.45 8.16 25.60
CA PRO B 55 -8.93 7.57 26.81
C PRO B 55 -9.09 8.47 28.04
N THR B 56 -9.21 7.85 29.20
CA THR B 56 -9.22 8.59 30.44
C THR B 56 -7.78 8.90 30.77
N LEU B 57 -7.47 10.17 30.95
CA LEU B 57 -6.10 10.58 31.27
C LEU B 57 -5.99 10.70 32.79
N VAL B 58 -5.32 9.75 33.42
CA VAL B 58 -5.22 9.83 34.87
C VAL B 58 -3.94 10.45 35.43
N VAL B 59 -4.18 11.41 36.30
CA VAL B 59 -3.21 12.38 36.70
C VAL B 59 -3.36 12.60 38.21
N HIS B 60 -2.34 13.16 38.86
CA HIS B 60 -2.38 13.44 40.30
C HIS B 60 -2.31 14.90 40.60
N GLU B 61 -2.93 15.29 41.72
CA GLU B 61 -3.02 16.69 42.11
C GLU B 61 -1.65 17.37 42.09
N GLY B 62 -1.59 18.54 41.49
CA GLY B 62 -0.31 19.26 41.40
C GLY B 62 0.63 18.87 40.26
N GLU B 63 0.41 17.73 39.59
CA GLU B 63 1.19 17.42 38.37
C GLU B 63 0.97 18.40 37.21
N THR B 64 2.03 18.69 36.46
CA THR B 64 1.88 19.38 35.19
C THR B 64 1.54 18.34 34.12
N VAL B 65 0.40 18.54 33.45
CA VAL B 65 -0.09 17.62 32.42
C VAL B 65 0.16 18.23 31.04
N GLN B 66 0.77 17.45 30.15
CA GLN B 66 1.01 17.90 28.78
C GLN B 66 0.20 17.03 27.84
N VAL B 67 -0.54 17.66 26.95
CA VAL B 67 -1.27 16.91 25.94
C VAL B 67 -0.71 17.26 24.56
N ASN B 68 -0.32 16.24 23.78
CA ASN B 68 0.06 16.42 22.39
C ASN B 68 -1.06 15.98 21.50
N LEU B 69 -1.58 16.88 20.67
CA LEU B 69 -2.66 16.52 19.79
C LEU B 69 -2.14 16.44 18.37
N VAL B 70 -2.40 15.32 17.69
CA VAL B 70 -1.96 15.09 16.32
C VAL B 70 -3.20 14.78 15.47
N ASN B 71 -3.39 15.55 14.38
CA ASN B 71 -4.50 15.36 13.50
C ASN B 71 -4.28 14.08 12.67
N GLY B 72 -5.22 13.16 12.79
CA GLY B 72 -5.15 11.85 12.19
C GLY B 72 -5.74 11.81 10.78
N GLU B 73 -6.92 12.39 10.58
CA GLU B 73 -7.72 12.11 9.36
C GLU B 73 -7.98 13.34 8.48
N GLY B 74 -7.71 14.52 9.03
CA GLY B 74 -7.73 15.73 8.22
C GLY B 74 -8.90 16.68 8.43
N ALA B 75 -9.76 16.42 9.40
CA ALA B 75 -10.80 17.41 9.67
C ALA B 75 -10.21 18.41 10.68
N GLN B 76 -10.86 19.52 10.92
CA GLN B 76 -10.34 20.52 11.84
C GLN B 76 -10.59 20.08 13.30
N HIS B 77 -9.59 20.19 14.18
CA HIS B 77 -9.77 19.78 15.59
C HIS B 77 -9.01 20.62 16.59
N ASP B 78 -9.43 20.52 17.85
CA ASP B 78 -8.64 20.95 18.95
C ASP B 78 -8.95 20.06 20.14
N VAL B 79 -8.41 20.44 21.31
CA VAL B 79 -8.70 19.75 22.55
C VAL B 79 -8.92 20.88 23.51
N VAL B 80 -10.02 20.82 24.27
CA VAL B 80 -10.35 21.84 25.27
C VAL B 80 -10.58 21.13 26.59
N VAL B 81 -9.86 21.54 27.62
CA VAL B 81 -10.09 20.98 28.94
C VAL B 81 -11.11 21.82 29.72
N ASP B 82 -12.23 21.17 30.03
CA ASP B 82 -13.33 21.83 30.69
C ASP B 82 -12.93 22.18 32.09
N GLN B 83 -13.09 23.46 32.41
CA GLN B 83 -12.89 23.99 33.78
C GLN B 83 -11.45 24.47 34.03
N TYR B 84 -10.46 23.83 33.42
CA TYR B 84 -9.10 24.38 33.49
C TYR B 84 -8.82 25.52 32.51
N ALA B 85 -9.75 25.77 31.59
CA ALA B 85 -9.49 26.69 30.46
C ALA B 85 -8.08 26.49 29.87
N ALA B 86 -7.78 25.26 29.50
CA ALA B 86 -6.51 24.96 28.86
C ALA B 86 -6.90 24.35 27.52
N ARG B 87 -6.28 24.79 26.45
CA ARG B 87 -6.62 24.19 25.18
C ARG B 87 -5.42 24.16 24.22
N SER B 88 -5.51 23.29 23.22
CA SER B 88 -4.53 23.21 22.16
C SER B 88 -4.88 24.25 21.13
N ALA B 89 -3.95 24.57 20.23
CA ALA B 89 -4.32 25.30 19.03
C ALA B 89 -5.18 24.39 18.13
N ILE B 90 -5.89 24.98 17.18
CA ILE B 90 -6.63 24.23 16.21
C ILE B 90 -5.66 23.62 15.19
N VAL B 91 -5.82 22.34 14.92
CA VAL B 91 -5.03 21.63 13.90
C VAL B 91 -5.90 21.26 12.67
N ASN B 92 -5.45 21.62 11.46
CA ASN B 92 -6.28 21.57 10.25
C ASN B 92 -5.99 20.38 9.34
N GLY B 93 -4.74 20.16 8.96
CA GLY B 93 -4.50 19.02 8.05
C GLY B 93 -4.00 17.78 8.79
N LYS B 94 -4.05 16.65 8.10
CA LYS B 94 -3.41 15.43 8.56
C LYS B 94 -1.92 15.63 9.02
N ASN B 95 -1.59 15.10 10.20
CA ASN B 95 -0.29 15.32 10.87
C ASN B 95 -0.10 16.66 11.61
N ALA B 96 -0.94 17.66 11.32
CA ALA B 96 -0.89 18.95 12.04
C ALA B 96 -1.01 18.69 13.53
N SER B 97 -0.14 19.33 14.31
CA SER B 97 -0.07 19.03 15.74
C SER B 97 -0.10 20.29 16.62
N SER B 98 -0.52 20.09 17.87
CA SER B 98 -0.46 21.16 18.84
C SER B 98 -0.32 20.54 20.21
N THR B 99 0.60 21.08 21.02
CA THR B 99 0.85 20.58 22.35
C THR B 99 0.43 21.68 23.33
N PHE B 100 -0.04 21.31 24.51
CA PHE B 100 -0.25 22.31 25.55
C PHE B 100 -0.13 21.60 26.90
N SER B 101 -0.17 22.37 27.97
CA SER B 101 -0.05 21.82 29.32
C SER B 101 -0.89 22.62 30.27
N PHE B 102 -1.14 22.06 31.44
CA PHE B 102 -1.84 22.80 32.49
C PHE B 102 -1.43 22.11 33.79
N VAL B 103 -1.56 22.81 34.92
CA VAL B 103 -1.24 22.19 36.21
C VAL B 103 -2.55 21.64 36.78
N ALA B 104 -2.53 20.37 37.17
CA ALA B 104 -3.73 19.70 37.65
C ALA B 104 -3.95 20.02 39.14
N SER B 105 -4.37 21.25 39.42
CA SER B 105 -4.41 21.73 40.78
C SER B 105 -5.68 21.35 41.55
N LYS B 106 -6.73 20.90 40.85
CA LYS B 106 -8.03 20.57 41.49
C LYS B 106 -8.36 19.11 41.26
N VAL B 107 -8.55 18.34 42.34
CA VAL B 107 -8.96 16.95 42.18
C VAL B 107 -10.37 16.82 41.58
N GLY B 108 -10.62 15.73 40.87
CA GLY B 108 -11.94 15.50 40.31
C GLY B 108 -11.89 14.99 38.89
N GLU B 109 -13.04 15.04 38.22
CA GLU B 109 -13.16 14.57 36.86
C GLU B 109 -13.51 15.72 35.94
N PHE B 110 -12.80 15.82 34.81
CA PHE B 110 -12.99 16.96 33.90
C PHE B 110 -13.02 16.47 32.46
N ASN B 111 -13.97 16.94 31.68
CA ASN B 111 -14.03 16.53 30.28
C ASN B 111 -12.96 17.21 29.46
N TYR B 112 -12.43 16.49 28.49
CA TYR B 112 -11.72 17.16 27.42
C TYR B 112 -12.52 16.90 26.16
N TYR B 113 -12.53 17.83 25.24
CA TYR B 113 -13.44 17.72 24.11
C TYR B 113 -12.93 18.55 22.95
N CYS B 114 -13.45 18.28 21.75
CA CYS B 114 -13.14 19.11 20.60
C CYS B 114 -14.20 20.18 20.44
N SER B 115 -13.76 21.41 20.26
CA SER B 115 -14.73 22.51 20.19
C SER B 115 -15.19 22.80 18.78
N ILE B 116 -14.62 22.16 17.76
CA ILE B 116 -15.08 22.40 16.37
C ILE B 116 -16.55 21.98 16.27
N ALA B 117 -17.37 22.75 15.54
CA ALA B 117 -18.84 22.52 15.52
C ALA B 117 -19.20 21.08 15.15
N GLY B 118 -19.89 20.43 16.07
CA GLY B 118 -20.48 19.12 15.82
C GLY B 118 -19.59 18.00 16.37
N HIS B 119 -18.29 18.28 16.55
CA HIS B 119 -17.32 17.21 16.82
C HIS B 119 -17.50 16.56 18.17
N ARG B 120 -17.86 17.34 19.18
CA ARG B 120 -18.10 16.78 20.51
C ARG B 120 -19.31 15.82 20.48
N GLN B 121 -20.37 16.24 19.81
CA GLN B 121 -21.55 15.37 19.63
C GLN B 121 -21.22 14.19 18.73
N ALA B 122 -20.33 14.39 17.75
CA ALA B 122 -19.89 13.28 16.92
C ALA B 122 -19.06 12.25 17.69
N GLY B 123 -18.62 12.58 18.91
CA GLY B 123 -17.91 11.63 19.74
C GLY B 123 -16.58 12.06 20.35
N MET B 124 -16.12 13.27 20.04
CA MET B 124 -14.79 13.74 20.48
C MET B 124 -14.83 14.31 21.88
N GLU B 125 -14.77 13.42 22.86
CA GLU B 125 -14.87 13.76 24.26
C GLU B 125 -14.30 12.63 25.10
N GLY B 126 -13.55 12.97 26.15
CA GLY B 126 -13.11 11.99 27.11
C GLY B 126 -12.93 12.65 28.46
N ASN B 127 -12.32 11.95 29.39
CA ASN B 127 -12.21 12.43 30.77
C ASN B 127 -10.77 12.54 31.24
N ILE B 128 -10.53 13.60 32.01
CA ILE B 128 -9.33 13.73 32.85
C ILE B 128 -9.70 13.48 34.32
N GLN B 129 -9.05 12.49 34.91
CA GLN B 129 -9.30 12.11 36.28
C GLN B 129 -8.07 12.59 37.06
N VAL B 130 -8.27 13.63 37.88
CA VAL B 130 -7.23 14.18 38.77
C VAL B 130 -7.40 13.61 40.19
N LEU B 131 -6.50 12.69 40.56
CA LEU B 131 -6.53 11.96 41.82
C LEU B 131 -5.69 12.66 42.89
N PRO B 132 -6.04 12.47 44.18
CA PRO B 132 -5.26 13.04 45.27
C PRO B 132 -3.97 12.21 45.48
N GLY B 133 -3.04 12.76 46.24
CA GLY B 133 -1.82 12.02 46.53
C GLY B 133 -0.84 11.99 45.36
N ASN B 134 0.12 11.09 45.44
CA ASN B 134 1.23 11.04 44.52
C ASN B 134 1.15 9.84 43.62
N ARG B 135 1.67 10.01 42.41
CA ARG B 135 1.76 8.94 41.43
C ARG B 135 2.57 7.79 41.99
N ALA B 136 2.12 6.57 41.74
CA ALA B 136 2.87 5.37 42.13
C ALA B 136 4.31 5.42 41.58
N GLU B 137 5.23 4.78 42.30
CA GLU B 137 6.61 4.68 41.84
C GLU B 137 6.63 3.83 40.56
N MET B 138 7.57 4.13 39.66
CA MET B 138 7.77 3.30 38.48
C MET B 138 8.02 1.87 38.90
N LYS B 139 7.43 0.94 38.14
CA LYS B 139 7.68 -0.48 38.41
C LYS B 139 7.72 -1.25 37.09
N SER B 140 8.33 -2.43 37.11
CA SER B 140 8.31 -3.32 35.95
C SER B 140 8.83 -4.65 36.40
N SER B 141 8.88 -5.60 35.47
CA SER B 141 9.53 -6.88 35.73
C SER B 141 11.07 -6.90 35.51
N GLY B 142 11.68 -5.73 35.26
CA GLY B 142 13.13 -5.69 35.02
C GLY B 142 13.97 -5.28 36.22
N ALA B 143 15.26 -5.64 36.22
CA ALA B 143 16.16 -5.19 37.30
C ALA B 143 16.40 -3.68 37.21
N ASP B 144 16.71 -3.08 38.35
CA ASP B 144 17.15 -1.70 38.41
C ASP B 144 18.61 -1.70 37.95
N ILE B 145 18.84 -1.07 36.80
CA ILE B 145 20.20 -1.01 36.23
C ILE B 145 20.79 0.37 36.29
N THR B 146 20.18 1.29 37.03
CA THR B 146 20.64 2.68 37.03
C THR B 146 21.78 2.91 38.00
N ARG B 147 22.77 3.68 37.57
CA ARG B 147 23.82 4.13 38.45
C ARG B 147 23.31 5.33 39.24
N ASP B 148 23.41 5.25 40.58
CA ASP B 148 23.15 6.36 41.46
C ASP B 148 24.23 7.39 41.19
N PRO B 149 23.86 8.67 40.95
CA PRO B 149 24.90 9.64 40.56
C PRO B 149 25.91 10.01 41.65
N ALA B 150 25.62 9.59 42.90
CA ALA B 150 26.52 9.80 44.02
C ALA B 150 27.39 8.57 44.24
N ASP B 151 27.21 7.55 43.39
CA ASP B 151 27.97 6.26 43.51
C ASP B 151 29.30 6.37 42.77
N LEU B 152 30.29 6.99 43.41
CA LEU B 152 31.66 7.08 42.85
C LEU B 152 32.66 7.16 43.98
N PRO B 153 33.88 6.64 43.76
CA PRO B 153 34.92 6.91 44.75
C PRO B 153 35.32 8.38 44.81
N GLY B 154 35.63 8.85 46.02
CA GLY B 154 36.05 10.25 46.25
C GLY B 154 37.51 10.54 45.88
N PRO B 155 37.94 11.79 46.04
CA PRO B 155 39.33 12.14 45.70
C PRO B 155 40.32 11.16 46.31
N ILE B 156 41.31 10.79 45.54
CA ILE B 156 42.40 9.95 45.99
C ILE B 156 43.28 10.75 46.97
N GLY B 157 43.95 10.09 47.87
CA GLY B 157 44.95 10.85 48.67
C GLY B 157 46.00 11.61 47.82
N PRO B 158 46.75 12.55 48.45
CA PRO B 158 47.96 13.04 47.74
C PRO B 158 49.18 12.06 47.76
N ARG B 159 48.91 10.75 47.77
CA ARG B 159 49.90 9.65 47.63
C ARG B 159 50.80 9.69 46.38
N GLN B 160 51.76 8.78 46.33
CA GLN B 160 52.63 8.61 45.15
C GLN B 160 52.03 7.57 44.17
N ALA B 161 52.51 7.56 42.92
CA ALA B 161 52.06 6.59 41.92
C ALA B 161 52.16 5.19 42.48
N LYS B 162 51.20 4.33 42.14
CA LYS B 162 51.22 2.93 42.59
C LYS B 162 50.50 2.01 41.61
N THR B 163 50.55 0.70 41.88
CA THR B 163 49.71 -0.28 41.20
C THR B 163 48.33 -0.42 41.85
N VAL B 164 47.31 -0.15 41.05
CA VAL B 164 45.93 -0.17 41.47
C VAL B 164 45.23 -1.33 40.76
N ARG B 165 44.48 -2.16 41.48
CA ARG B 165 43.72 -3.22 40.85
C ARG B 165 42.31 -2.75 40.53
N ILE B 166 41.84 -3.07 39.33
CA ILE B 166 40.43 -2.83 39.02
C ILE B 166 39.78 -4.13 38.55
N ASP B 167 38.59 -4.39 39.05
CA ASP B 167 37.79 -5.54 38.67
C ASP B 167 36.50 -5.09 37.99
N LEU B 168 36.25 -5.61 36.80
CA LEU B 168 34.96 -5.43 36.14
C LEU B 168 34.39 -6.79 35.77
N GLU B 169 33.08 -6.93 35.92
CA GLU B 169 32.36 -8.06 35.37
C GLU B 169 31.31 -7.55 34.37
N THR B 170 31.22 -8.21 33.22
CA THR B 170 30.31 -7.84 32.18
C THR B 170 29.10 -8.79 32.28
N VAL B 171 27.92 -8.20 32.48
CA VAL B 171 26.70 -8.99 32.67
C VAL B 171 25.55 -8.44 31.81
N GLU B 172 24.82 -9.37 31.22
CA GLU B 172 23.67 -9.16 30.38
C GLU B 172 22.43 -9.38 31.24
N VAL B 173 21.53 -8.41 31.32
CA VAL B 173 20.47 -8.47 32.30
C VAL B 173 19.21 -7.77 31.79
N LYS B 174 18.05 -8.32 32.13
CA LYS B 174 16.77 -7.73 31.84
C LYS B 174 16.55 -6.56 32.80
N GLY B 175 16.64 -5.33 32.27
CA GLY B 175 16.54 -4.10 33.05
C GLY B 175 15.27 -3.30 32.81
N GLN B 176 14.92 -2.49 33.78
CA GLN B 176 13.82 -1.56 33.63
C GLN B 176 14.31 -0.37 32.82
N LEU B 177 13.65 -0.15 31.69
CA LEU B 177 13.83 1.01 30.82
C LEU B 177 12.89 2.18 31.16
N ASP B 178 11.71 1.87 31.68
CA ASP B 178 10.69 2.87 31.95
C ASP B 178 9.61 2.12 32.74
N ASP B 179 8.62 2.85 33.22
CA ASP B 179 7.47 2.22 33.87
C ASP B 179 6.88 1.16 32.95
N ASN B 180 6.73 -0.06 33.48
CA ASN B 180 6.16 -1.16 32.76
C ASN B 180 6.90 -1.48 31.42
N THR B 181 8.20 -1.11 31.33
CA THR B 181 8.94 -1.44 30.10
C THR B 181 10.36 -1.93 30.36
N THR B 182 10.76 -3.00 29.68
CA THR B 182 12.06 -3.59 29.95
C THR B 182 12.87 -3.73 28.67
N TYR B 183 14.16 -4.02 28.83
CA TYR B 183 15.10 -4.10 27.73
C TYR B 183 16.24 -4.99 28.20
N THR B 184 16.92 -5.71 27.29
CA THR B 184 18.13 -6.44 27.65
C THR B 184 19.37 -5.53 27.60
N TYR B 185 19.84 -5.14 28.76
CA TYR B 185 20.95 -4.27 28.89
C TYR B 185 22.18 -5.14 28.99
N TRP B 186 23.31 -4.64 28.46
CA TRP B 186 24.61 -5.25 28.65
C TRP B 186 25.41 -4.22 29.42
N THR B 187 26.07 -4.66 30.49
CA THR B 187 26.57 -3.74 31.52
C THR B 187 27.94 -4.14 32.02
N PHE B 188 28.65 -3.16 32.57
CA PHE B 188 29.73 -3.43 33.50
C PHE B 188 29.16 -3.42 34.92
N ASN B 189 29.20 -4.56 35.58
CA ASN B 189 28.79 -4.68 36.97
C ASN B 189 27.28 -4.46 37.18
N GLY B 190 26.47 -4.70 36.16
CA GLY B 190 25.03 -4.66 36.33
C GLY B 190 24.35 -3.31 36.39
N LYS B 191 25.09 -2.22 36.23
CA LYS B 191 24.48 -0.88 36.17
C LYS B 191 24.98 -0.05 34.96
N VAL B 192 24.28 1.06 34.64
CA VAL B 192 24.64 1.91 33.53
C VAL B 192 24.62 3.35 34.02
N PRO B 193 25.73 4.09 33.84
CA PRO B 193 27.06 3.65 33.38
C PRO B 193 27.72 2.65 34.33
N GLY B 194 28.83 2.08 33.87
CA GLY B 194 29.64 1.19 34.67
C GLY B 194 30.27 1.96 35.83
N PRO B 195 31.06 1.27 36.66
CA PRO B 195 31.64 1.88 37.84
C PRO B 195 32.51 3.05 37.46
N PHE B 196 32.47 4.10 38.28
CA PHE B 196 33.37 5.22 38.09
C PHE B 196 34.75 4.77 38.57
N LEU B 197 35.76 4.86 37.68
CA LEU B 197 37.11 4.38 37.99
C LEU B 197 37.93 5.63 38.23
N ARG B 198 38.84 5.56 39.20
CA ARG B 198 39.56 6.73 39.68
C ARG B 198 40.96 6.30 40.12
N VAL B 199 41.95 6.79 39.38
CA VAL B 199 43.37 6.52 39.62
C VAL B 199 44.11 7.87 39.54
N ARG B 200 45.44 7.82 39.70
CA ARG B 200 46.27 9.01 39.69
C ARG B 200 47.20 8.85 38.51
N VAL B 201 47.57 9.96 37.88
CA VAL B 201 48.53 9.91 36.76
C VAL B 201 49.81 9.21 37.24
N GLY B 202 50.33 8.29 36.43
CA GLY B 202 51.50 7.51 36.80
C GLY B 202 51.18 6.13 37.36
N ASP B 203 49.94 5.91 37.81
CA ASP B 203 49.52 4.59 38.30
C ASP B 203 49.67 3.55 37.22
N THR B 204 49.91 2.33 37.67
CA THR B 204 49.82 1.18 36.84
C THR B 204 48.47 0.58 37.26
N VAL B 205 47.65 0.30 36.25
CA VAL B 205 46.32 -0.24 36.47
C VAL B 205 46.33 -1.68 36.06
N GLU B 206 45.96 -2.55 36.98
CA GLU B 206 45.85 -3.96 36.67
C GLU B 206 44.38 -4.31 36.63
N LEU B 207 43.87 -4.51 35.41
CA LEU B 207 42.45 -4.68 35.21
C LEU B 207 42.13 -6.14 35.05
N HIS B 208 41.19 -6.63 35.84
CA HIS B 208 40.68 -7.98 35.68
C HIS B 208 39.28 -7.90 35.12
N LEU B 209 39.08 -8.38 33.89
CA LEU B 209 37.74 -8.37 33.31
C LEU B 209 37.16 -9.79 33.29
N LYS B 210 36.05 -9.98 34.00
CA LYS B 210 35.32 -11.26 33.96
C LYS B 210 34.02 -11.11 33.17
N ASN B 211 33.78 -12.04 32.29
CA ASN B 211 32.52 -12.08 31.59
C ASN B 211 31.66 -13.16 32.26
N HIS B 212 30.45 -12.79 32.69
CA HIS B 212 29.59 -13.69 33.42
C HIS B 212 29.31 -14.91 32.56
N LYS B 213 29.26 -16.10 33.15
CA LYS B 213 29.08 -17.29 32.36
C LYS B 213 27.71 -17.35 31.66
N ASP B 214 26.73 -16.58 32.12
CA ASP B 214 25.42 -16.59 31.44
C ASP B 214 25.36 -15.62 30.24
N SER B 215 26.45 -14.90 30.01
CA SER B 215 26.51 -13.95 28.87
C SER B 215 26.46 -14.69 27.55
N LEU B 216 25.74 -14.16 26.56
CA LEU B 216 25.77 -14.73 25.21
C LEU B 216 26.98 -14.26 24.42
N MET B 217 27.44 -13.07 24.75
CA MET B 217 28.39 -12.42 23.90
C MET B 217 29.74 -12.38 24.57
N VAL B 218 30.80 -12.39 23.77
CA VAL B 218 32.06 -11.82 24.25
C VAL B 218 31.89 -10.35 24.59
N HIS B 219 32.59 -9.91 25.64
CA HIS B 219 32.65 -8.52 26.00
C HIS B 219 34.11 -8.14 26.27
N SER B 220 34.38 -6.82 26.34
CA SER B 220 35.73 -6.34 26.50
C SER B 220 35.72 -4.94 26.99
N VAL B 221 36.89 -4.34 27.01
CA VAL B 221 37.00 -2.96 27.47
C VAL B 221 38.06 -2.15 26.71
N ASP B 222 37.66 -0.95 26.32
CA ASP B 222 38.54 0.08 25.75
C ASP B 222 38.51 1.27 26.73
N PHE B 223 39.65 1.60 27.32
CA PHE B 223 39.75 2.84 28.11
C PHE B 223 40.37 3.99 27.30
N HIS B 224 39.66 5.11 27.21
CA HIS B 224 40.25 6.27 26.52
C HIS B 224 41.47 6.79 27.26
N GLY B 225 41.63 6.40 28.53
CA GLY B 225 42.80 6.82 29.34
C GLY B 225 44.04 5.91 29.22
N ALA B 226 43.87 4.79 28.51
CA ALA B 226 44.92 3.82 28.28
C ALA B 226 45.64 4.14 26.98
N THR B 227 46.88 3.71 26.91
CA THR B 227 47.75 3.95 25.75
C THR B 227 48.20 2.61 25.24
N GLY B 228 47.72 2.24 24.04
CA GLY B 228 48.07 0.97 23.42
C GLY B 228 46.89 0.29 22.77
N PRO B 229 47.13 -0.87 22.14
CA PRO B 229 46.17 -1.57 21.26
C PRO B 229 44.70 -1.65 21.77
N GLY B 230 43.80 -1.07 20.98
CA GLY B 230 42.38 -0.94 21.34
C GLY B 230 42.07 -0.22 22.65
N GLY B 231 43.00 0.59 23.16
CA GLY B 231 42.88 1.14 24.54
C GLY B 231 42.67 0.05 25.59
N ALA B 232 43.26 -1.13 25.33
CA ALA B 232 43.16 -2.38 26.13
C ALA B 232 42.29 -3.42 25.47
N ALA B 233 41.52 -3.03 24.44
CA ALA B 233 40.51 -3.93 23.86
C ALA B 233 41.15 -5.12 23.17
N ALA B 234 42.36 -4.93 22.62
CA ALA B 234 43.12 -6.05 22.04
C ALA B 234 43.46 -7.13 23.07
N PHE B 235 43.52 -6.74 24.35
CA PHE B 235 43.88 -7.64 25.45
C PHE B 235 42.67 -8.16 26.27
N THR B 236 41.44 -7.71 25.94
CA THR B 236 40.31 -8.00 26.81
C THR B 236 39.08 -8.60 26.16
N GLN B 237 39.21 -9.18 24.98
CA GLN B 237 38.11 -9.92 24.40
C GLN B 237 37.85 -11.19 25.25
N THR B 238 36.79 -11.19 26.06
CA THR B 238 36.58 -12.22 27.06
C THR B 238 35.34 -13.08 26.79
N ASP B 239 35.55 -14.38 26.54
CA ASP B 239 34.44 -15.28 26.34
C ASP B 239 33.63 -15.38 27.62
N PRO B 240 32.33 -15.71 27.49
CA PRO B 240 31.46 -15.93 28.64
C PRO B 240 32.07 -16.98 29.57
N GLY B 241 32.10 -16.68 30.87
CA GLY B 241 32.62 -17.63 31.83
C GLY B 241 34.11 -17.55 31.99
N GLU B 242 34.78 -16.72 31.18
CA GLU B 242 36.22 -16.52 31.28
C GLU B 242 36.60 -15.18 31.86
N GLU B 243 37.89 -14.99 32.11
CA GLU B 243 38.49 -13.76 32.61
C GLU B 243 39.66 -13.35 31.71
N THR B 244 39.93 -12.05 31.68
CA THR B 244 41.03 -11.56 30.92
C THR B 244 41.71 -10.55 31.87
N VAL B 245 43.03 -10.49 31.89
CA VAL B 245 43.69 -9.46 32.69
C VAL B 245 44.73 -8.72 31.89
N VAL B 246 44.81 -7.42 32.15
CA VAL B 246 45.69 -6.57 31.38
C VAL B 246 46.21 -5.50 32.32
N THR B 247 47.49 -5.17 32.17
CA THR B 247 47.98 -4.07 32.97
C THR B 247 48.47 -2.97 32.07
N PHE B 248 48.13 -1.74 32.43
CA PHE B 248 48.47 -0.56 31.62
C PHE B 248 48.77 0.61 32.51
N LYS B 249 49.59 1.52 32.02
CA LYS B 249 49.93 2.73 32.76
C LYS B 249 49.01 3.90 32.40
N ALA B 250 48.57 4.67 33.40
CA ALA B 250 47.79 5.89 33.17
C ALA B 250 48.78 7.05 32.99
N LEU B 251 49.06 7.39 31.74
CA LEU B 251 50.10 8.34 31.41
C LEU B 251 49.70 9.82 31.49
N ILE B 252 48.42 10.14 31.25
CA ILE B 252 47.95 11.51 31.04
C ILE B 252 46.68 11.78 31.85
N PRO B 253 46.67 12.86 32.66
CA PRO B 253 45.51 13.07 33.50
C PRO B 253 44.35 13.47 32.59
N GLY B 254 43.13 13.20 33.01
CA GLY B 254 41.94 13.50 32.18
C GLY B 254 40.72 12.75 32.67
N ILE B 255 39.54 13.09 32.13
CA ILE B 255 38.30 12.38 32.43
C ILE B 255 37.95 11.64 31.15
N TYR B 256 38.00 10.33 31.22
CA TYR B 256 38.03 9.47 30.07
C TYR B 256 36.80 8.60 30.01
N VAL B 257 36.21 8.47 28.82
CA VAL B 257 35.24 7.42 28.68
C VAL B 257 35.91 6.09 28.45
N TYR B 258 35.29 5.05 28.99
CA TYR B 258 35.68 3.70 28.62
C TYR B 258 34.39 2.99 28.20
N HIS B 259 34.50 1.99 27.34
CA HIS B 259 33.33 1.29 26.89
C HIS B 259 33.75 -0.06 26.37
N CYS B 260 32.79 -0.94 26.17
CA CYS B 260 33.05 -2.22 25.53
C CYS B 260 33.47 -1.98 24.12
N ALA B 261 34.36 -2.85 23.64
CA ALA B 261 34.87 -2.69 22.31
C ALA B 261 34.83 -4.00 21.56
N THR B 262 33.79 -4.79 21.75
CA THR B 262 33.63 -5.95 20.88
C THR B 262 32.63 -5.68 19.76
N PRO B 263 32.97 -6.10 18.52
CA PRO B 263 32.02 -5.84 17.43
C PRO B 263 30.68 -6.53 17.74
N SER B 264 29.55 -5.86 17.53
CA SER B 264 29.44 -4.48 17.02
C SER B 264 29.60 -3.49 18.18
N VAL B 265 30.60 -2.63 18.11
CA VAL B 265 30.83 -1.70 19.22
C VAL B 265 29.61 -0.81 19.50
N PRO B 266 29.03 -0.14 18.48
CA PRO B 266 27.84 0.70 18.86
C PRO B 266 26.68 -0.13 19.45
N THR B 267 26.61 -1.41 19.14
CA THR B 267 25.62 -2.28 19.80
C THR B 267 25.92 -2.45 21.26
N HIS B 268 27.16 -2.82 21.59
CA HIS B 268 27.56 -2.98 22.99
C HIS B 268 27.39 -1.68 23.78
N ILE B 269 27.66 -0.54 23.16
CA ILE B 269 27.54 0.77 23.82
C ILE B 269 26.06 1.12 24.05
N THR B 270 25.23 0.98 23.02
CA THR B 270 23.83 1.34 23.19
C THR B 270 23.19 0.45 24.27
N ASN B 271 23.60 -0.81 24.37
CA ASN B 271 23.03 -1.73 25.39
C ASN B 271 23.40 -1.39 26.84
N GLY B 272 24.39 -0.50 26.99
CA GLY B 272 24.74 0.06 28.31
C GLY B 272 26.20 0.02 28.71
N MET B 273 27.08 -0.46 27.83
CA MET B 273 28.50 -0.69 28.23
C MET B 273 29.40 0.54 28.09
N TYR B 274 29.23 1.49 29.00
CA TYR B 274 30.03 2.69 29.02
C TYR B 274 30.20 3.15 30.44
N GLY B 275 31.33 3.82 30.69
CA GLY B 275 31.58 4.38 32.02
C GLY B 275 32.64 5.47 31.96
N LEU B 276 33.00 6.00 33.14
CA LEU B 276 34.06 7.02 33.23
C LEU B 276 35.30 6.54 33.99
N LEU B 277 36.47 7.01 33.56
CA LEU B 277 37.73 6.72 34.21
C LEU B 277 38.35 8.08 34.46
N LEU B 278 38.53 8.47 35.72
CA LEU B 278 39.27 9.71 36.00
C LEU B 278 40.74 9.36 36.31
N VAL B 279 41.65 9.98 35.57
CA VAL B 279 43.06 9.91 35.90
C VAL B 279 43.40 11.25 36.52
N GLU B 280 43.46 11.30 37.85
CA GLU B 280 43.69 12.54 38.58
C GLU B 280 45.05 13.14 38.22
N PRO B 281 45.11 14.50 38.13
CA PRO B 281 46.44 15.09 38.00
C PRO B 281 47.19 14.99 39.33
N GLU B 282 48.49 15.24 39.27
CA GLU B 282 49.38 15.17 40.44
C GLU B 282 48.79 15.88 41.68
N GLY B 283 48.34 17.10 41.55
CA GLY B 283 47.76 17.73 42.76
C GLY B 283 46.35 17.28 43.21
N GLY B 284 45.67 16.44 42.40
CA GLY B 284 44.24 16.17 42.57
C GLY B 284 43.44 17.29 41.91
N LEU B 285 42.12 17.11 41.82
CA LEU B 285 41.26 18.21 41.30
C LEU B 285 41.01 19.23 42.41
N PRO B 286 40.68 20.48 42.03
CA PRO B 286 40.25 21.41 43.10
C PRO B 286 39.22 20.73 44.03
N GLN B 287 39.31 21.06 45.31
CA GLN B 287 38.44 20.48 46.32
C GLN B 287 37.07 21.08 46.12
N VAL B 288 36.07 20.26 46.37
CA VAL B 288 34.73 20.61 46.09
C VAL B 288 33.95 19.97 47.22
N ASP B 289 32.71 20.41 47.48
CA ASP B 289 31.89 19.85 48.56
C ASP B 289 31.24 18.53 48.21
N ARG B 290 30.89 18.34 46.93
CA ARG B 290 30.10 17.17 46.50
C ARG B 290 30.43 16.90 45.02
N GLU B 291 30.62 15.63 44.68
CA GLU B 291 30.84 15.20 43.29
C GLU B 291 29.70 14.30 42.78
N PHE B 292 29.39 14.40 41.49
CA PHE B 292 28.39 13.53 40.86
C PHE B 292 28.93 12.91 39.57
N TYR B 293 28.28 11.82 39.18
CA TYR B 293 28.70 10.92 38.09
C TYR B 293 27.47 10.75 37.20
N VAL B 294 27.50 11.42 36.05
CA VAL B 294 26.44 11.24 35.08
C VAL B 294 26.90 10.94 33.65
N MET B 295 26.25 9.96 33.02
CA MET B 295 26.47 9.70 31.61
C MET B 295 25.18 9.67 30.82
N GLN B 296 25.30 10.01 29.55
CA GLN B 296 24.19 10.03 28.62
C GLN B 296 24.39 8.95 27.54
N GLY B 297 23.30 8.28 27.19
CA GLY B 297 23.33 7.32 26.10
C GLY B 297 21.95 7.23 25.47
N GLU B 298 21.86 6.45 24.40
CA GLU B 298 20.65 6.31 23.59
C GLU B 298 20.33 4.85 23.51
N ILE B 299 19.04 4.58 23.37
CA ILE B 299 18.49 3.27 23.13
C ILE B 299 17.55 3.35 21.91
N TYR B 300 17.71 2.37 21.02
CA TYR B 300 17.06 2.28 19.72
C TYR B 300 16.10 1.08 19.71
N THR B 301 14.86 1.30 20.09
CA THR B 301 13.89 0.20 20.24
C THR B 301 13.05 0.06 18.97
N VAL B 302 12.53 -1.14 18.73
CA VAL B 302 11.58 -1.35 17.60
C VAL B 302 10.32 -0.46 17.72
N LYS B 303 9.73 -0.47 18.91
CA LYS B 303 8.57 0.34 19.21
C LYS B 303 8.97 1.74 19.62
N SER B 304 8.05 2.68 19.38
CA SER B 304 8.26 4.09 19.69
C SER B 304 8.42 4.29 21.17
N PHE B 305 9.25 5.26 21.54
CA PHE B 305 9.34 5.73 22.90
C PHE B 305 7.93 5.80 23.56
N GLY B 306 7.81 5.31 24.78
CA GLY B 306 6.56 5.46 25.49
C GLY B 306 5.66 4.24 25.34
N THR B 307 6.05 3.30 24.48
CA THR B 307 5.35 2.01 24.36
C THR B 307 5.81 1.06 25.45
N SER B 308 4.87 0.50 26.19
CA SER B 308 5.18 -0.35 27.33
C SER B 308 5.53 -1.74 26.81
N GLY B 309 6.08 -2.58 27.68
CA GLY B 309 6.33 -3.98 27.35
C GLY B 309 7.81 -4.29 27.23
N GLU B 310 8.10 -5.46 26.68
CA GLU B 310 9.47 -5.90 26.48
C GLU B 310 10.06 -5.32 25.19
N GLN B 311 11.01 -4.41 25.30
CA GLN B 311 11.56 -3.75 24.12
C GLN B 311 12.76 -4.51 23.53
N GLU B 312 12.95 -4.36 22.24
CA GLU B 312 14.03 -5.03 21.52
C GLU B 312 14.78 -4.01 20.71
N MET B 313 16.05 -4.28 20.39
CA MET B 313 16.87 -3.38 19.59
C MET B 313 16.44 -3.40 18.13
N ASP B 314 16.53 -2.23 17.51
CA ASP B 314 16.20 -2.07 16.09
C ASP B 314 17.50 -1.65 15.42
N TYR B 315 18.07 -2.55 14.65
CA TYR B 315 19.38 -2.28 14.07
C TYR B 315 19.29 -1.18 13.01
N GLU B 316 18.20 -1.11 12.26
CA GLU B 316 18.05 -0.03 11.26
C GLU B 316 18.06 1.33 11.94
N LYS B 317 17.39 1.44 13.08
CA LYS B 317 17.39 2.70 13.82
C LYS B 317 18.77 2.97 14.40
N LEU B 318 19.43 1.94 14.95
CA LEU B 318 20.78 2.12 15.49
C LEU B 318 21.71 2.67 14.41
N ILE B 319 21.82 1.97 13.29
CA ILE B 319 22.85 2.37 12.34
C ILE B 319 22.49 3.64 11.58
N ASN B 320 21.20 3.98 11.51
CA ASN B 320 20.80 5.24 10.87
C ASN B 320 20.61 6.39 11.85
N GLU B 321 21.02 6.19 13.11
CA GLU B 321 21.00 7.20 14.14
C GLU B 321 19.60 7.77 14.36
N LYS B 322 18.63 6.88 14.60
CA LYS B 322 17.26 7.29 14.89
C LYS B 322 16.79 6.77 16.28
N PRO B 323 17.24 7.42 17.36
CA PRO B 323 16.96 6.84 18.68
C PRO B 323 15.52 7.01 19.18
N GLU B 324 15.14 6.13 20.10
CA GLU B 324 13.84 6.22 20.76
C GLU B 324 13.95 6.78 22.17
N TYR B 325 15.02 6.40 22.90
CA TYR B 325 15.25 6.83 24.29
C TYR B 325 16.55 7.57 24.34
N PHE B 326 16.57 8.71 25.04
CA PHE B 326 17.81 9.38 25.43
C PHE B 326 17.79 9.31 26.94
N LEU B 327 18.88 8.85 27.55
CA LEU B 327 18.85 8.46 28.93
C LEU B 327 20.05 9.00 29.71
N PHE B 328 19.80 9.44 30.96
CA PHE B 328 20.88 9.69 31.93
C PHE B 328 20.94 8.45 32.80
N ASN B 329 22.13 7.87 32.95
CA ASN B 329 22.30 6.78 33.91
C ASN B 329 21.27 5.65 33.75
N GLY B 330 21.02 5.23 32.51
CA GLY B 330 20.44 3.91 32.22
C GLY B 330 18.96 3.81 31.91
N SER B 331 18.15 4.76 32.41
CA SER B 331 16.68 4.48 32.47
C SER B 331 15.83 5.75 32.48
N VAL B 332 14.59 5.66 32.02
CA VAL B 332 13.65 6.79 32.17
C VAL B 332 13.36 7.01 33.67
N GLY B 333 13.52 8.26 34.11
CA GLY B 333 13.27 8.65 35.48
C GLY B 333 14.41 8.28 36.39
N SER B 334 15.52 7.83 35.81
CA SER B 334 16.70 7.47 36.59
C SER B 334 17.16 8.60 37.55
N LEU B 335 17.26 9.84 37.05
CA LEU B 335 17.74 10.95 37.88
C LEU B 335 16.64 11.92 38.34
N THR B 336 15.37 11.53 38.16
CA THR B 336 14.27 12.37 38.62
C THR B 336 13.59 11.72 39.81
N ARG B 337 13.25 10.44 39.65
CA ARG B 337 12.47 9.68 40.62
C ARG B 337 13.29 8.64 41.34
N SER B 338 14.22 7.98 40.64
CA SER B 338 14.90 6.84 41.25
C SER B 338 16.01 7.33 42.15
N HIS B 339 16.93 8.13 41.59
CA HIS B 339 18.14 8.57 42.27
C HIS B 339 18.48 9.99 41.84
N PRO B 340 17.67 10.98 42.25
CA PRO B 340 18.02 12.35 41.94
C PRO B 340 19.30 12.77 42.65
N LEU B 341 19.92 13.83 42.14
CA LEU B 341 21.06 14.43 42.79
C LEU B 341 20.54 15.32 43.93
N TYR B 342 21.31 15.38 45.02
CA TYR B 342 20.94 16.24 46.17
C TYR B 342 22.15 17.01 46.62
N ALA B 343 21.96 18.30 46.93
CA ALA B 343 23.03 19.14 47.49
C ALA B 343 22.43 20.23 48.40
N SER B 344 23.26 21.03 49.05
CA SER B 344 22.83 22.08 49.97
C SER B 344 23.29 23.43 49.49
N VAL B 345 22.53 24.47 49.85
CA VAL B 345 22.87 25.81 49.39
C VAL B 345 24.23 26.21 49.95
N GLY B 346 25.05 26.84 49.13
CA GLY B 346 26.38 27.19 49.56
C GLY B 346 27.45 26.23 49.09
N GLU B 347 27.08 24.97 48.82
CA GLU B 347 28.05 23.99 48.35
C GLU B 347 28.55 24.27 46.95
N THR B 348 29.83 24.01 46.72
CA THR B 348 30.38 23.88 45.36
C THR B 348 30.29 22.40 44.94
N VAL B 349 29.69 22.19 43.77
CA VAL B 349 29.31 20.87 43.28
C VAL B 349 30.10 20.58 42.02
N ARG B 350 30.48 19.32 41.80
CA ARG B 350 31.16 18.90 40.58
C ARG B 350 30.33 17.83 39.89
N ILE B 351 30.09 17.99 38.58
CA ILE B 351 29.60 16.85 37.80
C ILE B 351 30.64 16.37 36.79
N PHE B 352 31.05 15.10 36.94
CA PHE B 352 31.70 14.31 35.88
C PHE B 352 30.63 13.84 34.90
N PHE B 353 30.64 14.40 33.68
CA PHE B 353 29.59 14.12 32.70
C PHE B 353 30.22 13.55 31.45
N GLY B 354 29.75 12.38 31.03
CA GLY B 354 30.30 11.76 29.81
C GLY B 354 29.19 11.29 28.90
N VAL B 355 29.51 11.10 27.63
CA VAL B 355 28.50 10.64 26.69
C VAL B 355 28.95 9.28 26.19
N GLY B 356 28.28 8.23 26.65
CA GLY B 356 28.52 6.91 26.03
C GLY B 356 28.07 6.96 24.58
N GLY B 357 26.92 7.58 24.35
CA GLY B 357 26.32 7.66 23.01
C GLY B 357 25.44 6.45 22.72
N PRO B 358 25.74 5.69 21.64
CA PRO B 358 26.92 5.76 20.74
C PRO B 358 27.03 6.98 19.79
N ASN B 359 25.95 7.75 19.57
CA ASN B 359 25.97 8.65 18.39
C ASN B 359 25.82 10.14 18.59
N PHE B 360 25.11 10.55 19.63
CA PHE B 360 24.70 11.95 19.74
C PHE B 360 25.52 12.81 20.66
N THR B 361 25.94 13.97 20.16
CA THR B 361 26.58 14.94 21.02
C THR B 361 25.55 15.68 21.91
N SER B 362 25.90 15.77 23.20
CA SER B 362 25.00 16.33 24.21
C SER B 362 25.31 17.81 24.38
N SER B 363 24.28 18.65 24.58
CA SER B 363 24.45 20.08 24.94
C SER B 363 24.07 20.22 26.41
N PHE B 364 25.04 19.87 27.26
CA PHE B 364 24.73 19.65 28.67
C PHE B 364 24.53 20.97 29.41
N HIS B 365 23.43 21.06 30.15
CA HIS B 365 23.04 22.30 30.78
C HIS B 365 22.29 21.99 32.07
N VAL B 366 22.47 22.84 33.08
CA VAL B 366 21.72 22.70 34.30
C VAL B 366 20.83 23.94 34.39
N ILE B 367 19.55 23.76 34.13
CA ILE B 367 18.54 24.84 34.17
C ILE B 367 18.52 25.47 35.56
N GLY B 368 18.72 26.79 35.62
CA GLY B 368 18.76 27.50 36.90
C GLY B 368 20.16 27.69 37.49
N GLU B 369 21.18 27.08 36.86
CA GLU B 369 22.54 27.32 37.29
C GLU B 369 23.44 27.66 36.13
N ILE B 370 24.68 28.01 36.42
CA ILE B 370 25.66 28.37 35.41
C ILE B 370 26.93 27.65 35.81
N PHE B 371 27.71 27.17 34.84
CA PHE B 371 28.96 26.53 35.18
C PHE B 371 30.05 27.56 35.49
N ASP B 372 30.58 27.48 36.72
CA ASP B 372 31.71 28.32 37.12
C ASP B 372 32.95 27.92 36.33
N HIS B 373 33.16 26.62 36.20
CA HIS B 373 34.30 26.04 35.49
C HIS B 373 33.87 24.89 34.62
N VAL B 374 34.36 24.88 33.38
CA VAL B 374 34.14 23.81 32.43
C VAL B 374 35.52 23.32 31.93
N TYR B 375 35.77 22.03 32.10
CA TYR B 375 37.02 21.48 31.66
C TYR B 375 36.85 21.07 30.20
N SER B 376 37.24 21.96 29.30
CA SER B 376 36.84 21.77 27.91
C SER B 376 37.48 20.53 27.28
N LEU B 377 36.62 19.74 26.62
CA LEU B 377 37.02 18.53 25.93
C LEU B 377 37.58 17.49 26.90
N GLY B 378 37.34 17.74 28.18
CA GLY B 378 37.75 16.87 29.27
C GLY B 378 39.21 17.02 29.69
N SER B 379 39.90 18.03 29.19
CA SER B 379 41.27 18.35 29.59
C SER B 379 41.32 18.78 31.04
N VAL B 380 42.15 18.11 31.83
CA VAL B 380 42.34 18.59 33.19
C VAL B 380 43.68 19.31 33.33
N VAL B 381 44.45 19.42 32.26
CA VAL B 381 45.75 20.07 32.35
C VAL B 381 45.58 21.55 31.95
N SER B 382 44.73 21.80 30.95
CA SER B 382 44.45 23.16 30.50
C SER B 382 43.55 23.90 31.50
N PRO B 383 43.71 25.24 31.56
CA PRO B 383 42.82 26.00 32.46
C PRO B 383 41.33 25.81 32.04
N PRO B 384 40.46 25.44 32.98
CA PRO B 384 39.04 25.34 32.60
C PRO B 384 38.48 26.69 32.10
N LEU B 385 37.42 26.63 31.30
CA LEU B 385 36.69 27.84 30.92
C LEU B 385 35.82 28.27 32.08
N ILE B 386 35.50 29.58 32.10
CA ILE B 386 34.83 30.23 33.23
C ILE B 386 33.49 30.82 32.84
N GLY B 387 32.44 30.43 33.56
CA GLY B 387 31.14 31.09 33.43
C GLY B 387 30.48 30.74 32.11
N VAL B 388 30.02 29.50 32.03
CA VAL B 388 29.55 28.89 30.80
C VAL B 388 28.17 28.28 31.06
N GLN B 389 27.23 28.54 30.16
CA GLN B 389 25.83 28.10 30.39
C GLN B 389 25.63 26.63 29.98
N THR B 390 26.25 26.26 28.86
CA THR B 390 26.06 24.95 28.26
C THR B 390 27.27 24.46 27.48
N VAL B 391 27.54 23.15 27.60
CA VAL B 391 28.77 22.60 27.01
C VAL B 391 28.47 21.42 26.09
N SER B 392 29.01 21.42 24.86
CA SER B 392 28.88 20.27 23.94
C SER B 392 29.82 19.18 24.33
N VAL B 393 29.27 18.00 24.53
CA VAL B 393 30.10 16.85 24.88
C VAL B 393 29.89 15.78 23.80
N PRO B 394 30.96 15.41 23.08
CA PRO B 394 30.73 14.46 22.02
C PRO B 394 30.54 13.02 22.54
N PRO B 395 29.93 12.13 21.72
CA PRO B 395 29.96 10.73 22.11
C PRO B 395 31.43 10.34 22.21
N GLY B 396 31.77 9.52 23.18
CA GLY B 396 33.15 9.11 23.37
C GLY B 396 33.97 10.20 24.04
N GLY B 397 33.29 11.21 24.57
CA GLY B 397 33.95 12.28 25.30
C GLY B 397 33.30 12.56 26.67
N ALA B 398 34.02 13.29 27.50
CA ALA B 398 33.56 13.64 28.86
C ALA B 398 34.06 15.04 29.18
N THR B 399 33.40 15.72 30.13
CA THR B 399 33.92 16.93 30.78
C THR B 399 33.71 16.85 32.28
N ILE B 400 34.11 17.95 32.93
CA ILE B 400 33.87 18.21 34.34
C ILE B 400 33.33 19.64 34.40
N VAL B 401 32.24 19.80 35.15
CA VAL B 401 31.69 21.12 35.41
C VAL B 401 31.60 21.29 36.91
N ASP B 402 32.00 22.48 37.39
CA ASP B 402 32.00 22.88 38.80
C ASP B 402 31.11 24.10 38.88
N PHE B 403 30.31 24.17 39.94
CA PHE B 403 29.51 25.35 40.19
C PHE B 403 29.11 25.49 41.66
N LYS B 404 29.20 26.71 42.16
CA LYS B 404 28.67 27.01 43.47
C LYS B 404 27.16 27.12 43.35
N ILE B 405 26.44 26.42 44.22
CA ILE B 405 25.00 26.57 44.31
C ILE B 405 24.68 27.70 45.30
N ASP B 406 24.19 28.82 44.79
CA ASP B 406 23.98 30.01 45.62
C ASP B 406 22.68 29.96 46.41
N ARG B 407 21.68 29.27 45.90
CA ARG B 407 20.37 29.30 46.53
C ARG B 407 19.58 28.01 46.25
N ALA B 408 18.43 27.90 46.92
CA ALA B 408 17.67 26.69 46.89
C ALA B 408 16.96 26.53 45.56
N GLY B 409 16.49 25.32 45.30
CA GLY B 409 15.70 25.06 44.07
C GLY B 409 15.86 23.65 43.57
N ARG B 410 14.97 23.27 42.65
CA ARG B 410 15.11 22.05 41.89
C ARG B 410 15.79 22.43 40.58
N TYR B 411 17.07 22.07 40.45
CA TYR B 411 17.84 22.32 39.22
C TYR B 411 17.66 21.14 38.26
N ILE B 412 17.68 21.42 36.96
CA ILE B 412 17.33 20.38 35.97
C ILE B 412 18.43 20.14 34.97
N LEU B 413 19.01 18.95 35.05
CA LEU B 413 20.02 18.52 34.09
C LEU B 413 19.31 18.16 32.80
N VAL B 414 19.78 18.73 31.70
CA VAL B 414 19.22 18.43 30.40
C VAL B 414 20.33 18.40 29.38
N ASP B 415 20.05 17.71 28.27
CA ASP B 415 20.70 17.93 26.99
C ASP B 415 19.79 18.99 26.32
N HIS B 416 20.37 20.14 26.02
CA HIS B 416 19.61 21.26 25.48
C HIS B 416 19.09 21.11 24.03
N ALA B 417 19.37 19.98 23.37
CA ALA B 417 18.56 19.59 22.23
C ALA B 417 17.24 19.12 22.85
N LEU B 418 16.36 20.07 23.09
CA LEU B 418 15.28 19.82 24.04
C LEU B 418 14.15 18.87 23.61
N SER B 419 14.08 18.47 22.33
CA SER B 419 13.12 17.41 21.99
C SER B 419 13.42 16.11 22.79
N ARG B 420 14.67 15.99 23.25
CA ARG B 420 15.12 14.79 23.95
C ARG B 420 14.49 14.67 25.35
N LEU B 421 13.99 15.77 25.90
CA LEU B 421 13.21 15.75 27.14
C LEU B 421 12.09 14.74 27.05
N GLU B 422 11.43 14.69 25.90
CA GLU B 422 10.32 13.77 25.68
C GLU B 422 10.79 12.37 25.35
N HIS B 423 12.10 12.16 25.23
CA HIS B 423 12.62 10.82 25.04
C HIS B 423 13.28 10.23 26.28
N GLY B 424 13.11 10.88 27.42
CA GLY B 424 13.58 10.34 28.69
C GLY B 424 14.75 11.08 29.30
N LEU B 425 15.17 12.18 28.66
CA LEU B 425 16.42 12.84 29.03
C LEU B 425 16.20 14.06 29.92
N VAL B 426 16.18 13.80 31.23
CA VAL B 426 15.99 14.84 32.24
C VAL B 426 16.45 14.32 33.58
N GLY B 427 17.01 15.22 34.41
CA GLY B 427 17.53 14.85 35.73
C GLY B 427 17.28 15.96 36.71
N PHE B 428 17.19 15.63 38.00
CA PHE B 428 16.92 16.64 39.02
C PHE B 428 18.10 16.74 39.96
N LEU B 429 18.48 17.98 40.27
CA LEU B 429 19.41 18.29 41.34
C LEU B 429 18.59 19.06 42.40
N ASN B 430 18.28 18.40 43.52
CA ASN B 430 17.40 18.97 44.53
C ASN B 430 18.17 19.74 45.61
N VAL B 431 17.87 21.03 45.77
CA VAL B 431 18.53 21.84 46.80
C VAL B 431 17.48 22.49 47.72
N ASP B 432 17.38 22.01 48.95
CA ASP B 432 16.28 22.44 49.82
C ASP B 432 16.52 23.84 50.38
N GLY B 433 15.44 24.58 50.59
CA GLY B 433 15.48 25.91 51.20
C GLY B 433 14.40 26.84 50.66
N PRO B 434 14.46 28.13 51.04
CA PRO B 434 13.37 29.04 50.71
C PRO B 434 13.24 29.40 49.22
N LYS B 435 12.00 29.53 48.77
CA LYS B 435 11.69 29.85 47.39
C LYS B 435 12.14 31.27 47.02
N ASN B 436 11.89 32.21 47.93
CA ASN B 436 12.22 33.62 47.68
C ASN B 436 13.46 34.07 48.42
N ASP B 437 14.33 34.79 47.73
CA ASP B 437 15.50 35.39 48.39
C ASP B 437 16.06 36.53 47.57
N SER B 438 17.24 37.02 47.94
CA SER B 438 17.83 38.19 47.28
C SER B 438 18.35 37.87 45.89
N ILE B 439 18.68 36.60 45.66
CA ILE B 439 19.18 36.18 44.37
C ILE B 439 18.04 36.04 43.35
N MET B 440 16.87 35.62 43.83
CA MET B 440 15.69 35.50 42.98
C MET B 440 14.44 35.38 43.85
N HIS B 441 13.44 36.20 43.56
CA HIS B 441 12.21 36.19 44.32
C HIS B 441 11.06 36.77 43.50
N GLU B 442 9.84 36.40 43.89
CA GLU B 442 8.65 36.94 43.22
C GLU B 442 8.43 38.40 43.56
N GLY B 443 7.79 39.13 42.64
CA GLY B 443 7.50 40.52 42.86
C GLY B 443 8.70 41.43 42.64
N PRO B 444 8.46 42.75 42.73
CA PRO B 444 9.41 43.79 42.39
C PRO B 444 10.59 43.85 43.37
N ALA B 445 11.65 44.54 42.97
CA ALA B 445 12.81 44.77 43.82
C ALA B 445 12.46 45.85 44.85
N HIS C 24 20.11 37.50 -5.13
CA HIS C 24 20.53 37.11 -3.74
C HIS C 24 21.04 35.68 -3.67
N ALA C 25 20.35 34.83 -2.91
CA ALA C 25 20.66 33.39 -2.83
C ALA C 25 19.99 32.72 -4.02
N PRO C 26 20.53 31.56 -4.51
CA PRO C 26 19.96 31.05 -5.78
C PRO C 26 18.47 30.81 -5.68
N VAL C 27 17.80 31.05 -6.80
CA VAL C 27 16.44 30.65 -6.90
C VAL C 27 16.53 29.17 -7.29
N VAL C 28 15.79 28.35 -6.57
CA VAL C 28 15.94 26.90 -6.69
C VAL C 28 14.62 26.34 -7.18
N PHE C 29 14.68 25.45 -8.17
CA PHE C 29 13.50 24.73 -8.66
C PHE C 29 13.72 23.24 -8.57
N THR C 30 12.72 22.50 -8.09
CA THR C 30 12.82 21.05 -8.07
C THR C 30 11.87 20.45 -9.11
N LEU C 31 12.41 19.58 -9.96
CA LEU C 31 11.62 18.84 -10.94
C LEU C 31 11.77 17.37 -10.63
N ARG C 32 10.65 16.62 -10.61
CA ARG C 32 10.71 15.16 -10.64
C ARG C 32 10.17 14.64 -11.96
N THR C 33 10.70 13.53 -12.44
CA THR C 33 10.21 13.00 -13.69
C THR C 33 9.04 12.05 -13.37
N GLY C 34 8.15 11.88 -14.33
CA GLY C 34 7.12 10.88 -14.25
C GLY C 34 6.20 10.91 -15.46
N ILE C 35 5.05 10.27 -15.28
CA ILE C 35 4.02 10.14 -16.32
C ILE C 35 2.83 10.90 -15.78
N ALA C 36 2.36 11.87 -16.53
CA ALA C 36 1.21 12.65 -16.11
C ALA C 36 0.67 13.28 -17.34
N GLU C 37 -0.65 13.50 -17.34
CA GLU C 37 -1.42 13.92 -18.51
C GLU C 37 -1.11 13.09 -19.76
N GLY C 38 -0.86 11.80 -19.60
CA GLY C 38 -0.70 10.92 -20.79
C GLY C 38 0.66 10.89 -21.47
N ARG C 39 1.66 11.56 -20.85
CA ARG C 39 3.01 11.73 -21.44
C ARG C 39 4.09 11.58 -20.38
N MET C 40 5.33 11.38 -20.83
CA MET C 40 6.51 11.39 -19.96
C MET C 40 6.97 12.85 -19.84
N VAL C 41 7.03 13.37 -18.63
CA VAL C 41 7.13 14.81 -18.38
C VAL C 41 8.00 15.07 -17.13
N TYR C 42 8.31 16.35 -16.91
CA TYR C 42 8.77 16.87 -15.64
C TYR C 42 7.58 17.35 -14.85
N ILE C 43 7.66 17.21 -13.54
CA ILE C 43 6.61 17.70 -12.67
C ILE C 43 7.25 18.55 -11.57
N GLY C 44 6.75 19.77 -11.40
CA GLY C 44 7.30 20.68 -10.41
C GLY C 44 7.07 20.21 -8.99
N VAL C 45 7.97 20.57 -8.08
CA VAL C 45 7.84 20.19 -6.67
C VAL C 45 8.04 21.43 -5.82
N GLY C 46 6.98 21.85 -5.11
CA GLY C 46 7.09 22.99 -4.21
C GLY C 46 7.11 24.33 -4.97
N GLY C 47 7.37 25.41 -4.24
CA GLY C 47 7.33 26.74 -4.82
C GLY C 47 6.07 27.07 -5.63
N ASP C 48 6.26 27.83 -6.70
CA ASP C 48 5.13 28.28 -7.56
C ASP C 48 4.81 27.23 -8.64
N ILE C 49 5.51 26.10 -8.61
CA ILE C 49 5.43 25.12 -9.69
C ILE C 49 4.92 23.75 -9.20
N ASP C 50 4.50 23.73 -7.94
CA ASP C 50 4.10 22.52 -7.24
C ASP C 50 3.02 21.79 -8.01
N HIS C 51 3.33 20.56 -8.38
CA HIS C 51 2.39 19.68 -9.08
C HIS C 51 2.08 20.05 -10.54
N LYS C 52 2.76 21.08 -11.06
CA LYS C 52 2.63 21.49 -12.46
C LYS C 52 3.50 20.69 -13.41
N ILE C 53 2.95 20.42 -14.57
CA ILE C 53 3.60 19.59 -15.55
C ILE C 53 4.43 20.46 -16.51
N ASN C 54 5.69 20.06 -16.72
CA ASN C 54 6.60 20.84 -17.55
C ASN C 54 6.49 22.33 -17.19
N PRO C 55 6.69 22.65 -15.90
CA PRO C 55 6.42 24.03 -15.47
C PRO C 55 7.40 25.03 -16.04
N THR C 56 6.91 26.25 -16.24
CA THR C 56 7.73 27.36 -16.67
C THR C 56 8.48 27.84 -15.46
N LEU C 57 9.79 27.92 -15.61
CA LEU C 57 10.63 28.37 -14.51
C LEU C 57 10.84 29.85 -14.69
N VAL C 58 10.19 30.67 -13.89
CA VAL C 58 10.38 32.12 -14.09
C VAL C 58 11.46 32.75 -13.21
N VAL C 59 12.32 33.49 -13.89
CA VAL C 59 13.62 33.82 -13.38
C VAL C 59 13.98 35.26 -13.83
N HIS C 60 14.87 35.93 -13.09
CA HIS C 60 15.21 37.32 -13.43
C HIS C 60 16.65 37.46 -13.84
N GLU C 61 16.91 38.39 -14.75
CA GLU C 61 18.24 38.54 -15.32
C GLU C 61 19.24 38.73 -14.19
N GLY C 62 20.35 38.01 -14.28
CA GLY C 62 21.39 38.12 -13.26
C GLY C 62 21.30 37.08 -12.15
N GLU C 63 20.15 36.45 -11.97
CA GLU C 63 20.01 35.38 -10.93
C GLU C 63 20.83 34.13 -11.23
N THR C 64 21.30 33.48 -10.16
CA THR C 64 21.85 32.12 -10.28
C THR C 64 20.66 31.19 -10.08
N VAL C 65 20.47 30.32 -11.05
CA VAL C 65 19.32 29.45 -11.06
C VAL C 65 19.81 28.04 -10.74
N GLN C 66 19.21 27.41 -9.75
CA GLN C 66 19.56 26.01 -9.42
C GLN C 66 18.36 25.17 -9.72
N VAL C 67 18.57 24.08 -10.43
CA VAL C 67 17.53 23.11 -10.70
C VAL C 67 17.97 21.79 -10.06
N ASN C 68 17.09 21.18 -9.26
CA ASN C 68 17.25 19.84 -8.68
C ASN C 68 16.38 18.85 -9.46
N LEU C 69 17.00 17.87 -10.11
CA LEU C 69 16.27 16.83 -10.84
C LEU C 69 16.21 15.55 -10.02
N VAL C 70 15.02 15.01 -9.81
CA VAL C 70 14.91 13.72 -9.13
C VAL C 70 14.14 12.77 -10.03
N ASN C 71 14.72 11.62 -10.30
CA ASN C 71 14.11 10.60 -11.13
C ASN C 71 12.91 9.98 -10.40
N GLY C 72 11.73 10.07 -11.00
CA GLY C 72 10.50 9.63 -10.32
C GLY C 72 10.19 8.17 -10.64
N GLU C 73 10.41 7.74 -11.87
CA GLU C 73 9.83 6.49 -12.32
C GLU C 73 10.84 5.45 -12.83
N GLY C 74 12.11 5.84 -12.98
CA GLY C 74 13.14 4.85 -13.24
C GLY C 74 13.65 4.70 -14.65
N ALA C 75 13.19 5.58 -15.55
CA ALA C 75 13.82 5.66 -16.88
C ALA C 75 15.00 6.63 -16.75
N GLN C 76 15.88 6.62 -17.74
CA GLN C 76 17.06 7.46 -17.73
C GLN C 76 16.71 8.88 -18.15
N HIS C 77 17.20 9.89 -17.40
CA HIS C 77 16.83 11.29 -17.65
C HIS C 77 17.98 12.28 -17.38
N ASP C 78 17.90 13.44 -18.04
CA ASP C 78 18.62 14.60 -17.60
C ASP C 78 17.75 15.83 -17.84
N VAL C 79 18.29 17.02 -17.55
CA VAL C 79 17.71 18.29 -17.96
C VAL C 79 18.84 19.02 -18.66
N VAL C 80 18.53 19.61 -19.81
CA VAL C 80 19.49 20.38 -20.58
C VAL C 80 18.85 21.72 -20.85
N VAL C 81 19.58 22.81 -20.56
CA VAL C 81 19.05 24.13 -20.83
C VAL C 81 19.62 24.62 -22.18
N ASP C 82 18.71 24.68 -23.16
CA ASP C 82 18.93 25.22 -24.50
C ASP C 82 19.55 26.62 -24.43
N GLN C 83 20.73 26.76 -25.07
CA GLN C 83 21.46 28.03 -25.22
C GLN C 83 22.41 28.38 -24.06
N TYR C 84 22.08 27.96 -22.83
CA TYR C 84 22.96 28.21 -21.69
C TYR C 84 24.09 27.17 -21.52
N ALA C 85 24.05 26.08 -22.30
CA ALA C 85 25.05 25.03 -22.12
C ALA C 85 25.12 24.54 -20.63
N ALA C 86 23.95 24.44 -20.00
CA ALA C 86 23.87 24.06 -18.62
C ALA C 86 23.09 22.76 -18.63
N ARG C 87 23.55 21.79 -17.87
CA ARG C 87 22.83 20.53 -17.78
C ARG C 87 23.08 19.77 -16.48
N SER C 88 22.16 18.85 -16.17
CA SER C 88 22.30 17.96 -15.06
C SER C 88 23.08 16.76 -15.54
N ALA C 89 23.61 16.00 -14.60
CA ALA C 89 24.10 14.68 -14.91
C ALA C 89 22.86 13.80 -15.26
N ILE C 90 23.12 12.68 -15.91
CA ILE C 90 22.11 11.71 -16.20
C ILE C 90 21.86 10.91 -14.89
N VAL C 91 20.58 10.60 -14.69
CA VAL C 91 20.02 10.03 -13.49
C VAL C 91 19.33 8.75 -13.95
N ASN C 92 19.69 7.62 -13.35
CA ASN C 92 19.25 6.33 -13.90
C ASN C 92 18.11 5.61 -13.17
N GLY C 93 18.16 5.49 -11.85
CA GLY C 93 17.07 4.75 -11.20
C GLY C 93 16.18 5.68 -10.43
N LYS C 94 15.03 5.19 -10.01
CA LYS C 94 14.13 5.96 -9.16
C LYS C 94 14.88 6.58 -7.97
N ASN C 95 14.62 7.87 -7.72
CA ASN C 95 15.22 8.62 -6.62
C ASN C 95 16.57 9.22 -6.95
N ALA C 96 17.25 8.68 -7.97
CA ALA C 96 18.55 9.18 -8.37
C ALA C 96 18.40 10.65 -8.72
N SER C 97 19.41 11.44 -8.43
CA SER C 97 19.25 12.89 -8.44
C SER C 97 20.46 13.57 -8.99
N SER C 98 20.22 14.72 -9.63
CA SER C 98 21.26 15.62 -10.07
C SER C 98 20.85 17.08 -9.92
N THR C 99 21.73 17.80 -9.26
CA THR C 99 21.61 19.21 -9.01
C THR C 99 22.55 19.99 -10.01
N PHE C 100 22.12 21.11 -10.59
CA PHE C 100 23.03 21.99 -11.38
C PHE C 100 22.59 23.45 -11.30
N SER C 101 23.41 24.38 -11.73
CA SER C 101 22.99 25.78 -11.71
C SER C 101 23.56 26.52 -12.92
N PHE C 102 23.10 27.75 -13.10
CA PHE C 102 23.59 28.59 -14.18
C PHE C 102 23.14 30.00 -13.87
N VAL C 103 23.91 30.95 -14.36
CA VAL C 103 23.57 32.36 -14.23
C VAL C 103 22.70 32.71 -15.42
N ALA C 104 21.53 33.26 -15.12
CA ALA C 104 20.57 33.68 -16.13
C ALA C 104 20.99 35.07 -16.64
N SER C 105 22.03 35.10 -17.46
CA SER C 105 22.60 36.36 -17.97
C SER C 105 21.78 36.99 -19.10
N LYS C 106 21.21 36.18 -20.00
CA LYS C 106 20.41 36.69 -21.15
C LYS C 106 18.91 36.60 -20.92
N VAL C 107 18.23 37.74 -21.02
CA VAL C 107 16.77 37.83 -21.02
C VAL C 107 16.25 37.00 -22.21
N GLY C 108 15.04 36.45 -22.08
CA GLY C 108 14.48 35.62 -23.14
C GLY C 108 13.72 34.41 -22.62
N GLU C 109 13.26 33.57 -23.54
CA GLU C 109 12.55 32.35 -23.24
C GLU C 109 13.41 31.21 -23.77
N PHE C 110 13.72 30.22 -22.93
CA PHE C 110 14.64 29.12 -23.30
C PHE C 110 14.04 27.79 -22.92
N ASN C 111 14.23 26.78 -23.75
CA ASN C 111 13.75 25.46 -23.44
C ASN C 111 14.68 24.70 -22.48
N TYR C 112 14.06 23.96 -21.57
CA TYR C 112 14.77 22.88 -20.90
C TYR C 112 14.16 21.57 -21.38
N TYR C 113 15.00 20.54 -21.54
CA TYR C 113 14.49 19.30 -22.12
C TYR C 113 15.36 18.12 -21.70
N CYS C 114 14.79 16.92 -21.84
CA CYS C 114 15.57 15.72 -21.61
C CYS C 114 16.24 15.31 -22.90
N SER C 115 17.54 15.01 -22.82
CA SER C 115 18.34 14.68 -23.97
C SER C 115 18.36 13.17 -24.29
N ILE C 116 17.82 12.32 -23.43
CA ILE C 116 17.79 10.86 -23.68
C ILE C 116 16.91 10.56 -24.90
N ALA C 117 17.32 9.62 -25.73
CA ALA C 117 16.69 9.43 -27.03
C ALA C 117 15.18 9.19 -26.90
N GLY C 118 14.42 10.08 -27.54
CA GLY C 118 12.95 9.97 -27.62
C GLY C 118 12.21 10.75 -26.55
N HIS C 119 12.91 11.14 -25.48
CA HIS C 119 12.26 11.67 -24.29
C HIS C 119 11.66 13.06 -24.48
N ARG C 120 12.36 13.89 -25.26
CA ARG C 120 11.82 15.20 -25.59
C ARG C 120 10.56 15.13 -26.45
N GLN C 121 10.57 14.33 -27.51
CA GLN C 121 9.34 14.13 -28.30
C GLN C 121 8.19 13.52 -27.48
N ALA C 122 8.55 12.62 -26.57
CA ALA C 122 7.64 11.95 -25.62
C ALA C 122 7.00 12.91 -24.66
N GLY C 123 7.58 14.12 -24.50
CA GLY C 123 6.94 15.16 -23.70
C GLY C 123 7.81 15.89 -22.67
N MET C 124 9.07 15.47 -22.54
CA MET C 124 9.96 16.09 -21.55
C MET C 124 10.62 17.37 -22.08
N GLU C 125 9.87 18.45 -22.01
CA GLU C 125 10.34 19.78 -22.39
C GLU C 125 9.49 20.81 -21.69
N GLY C 126 10.11 21.86 -21.19
CA GLY C 126 9.41 23.03 -20.65
C GLY C 126 10.17 24.31 -20.96
N ASN C 127 9.76 25.42 -20.38
CA ASN C 127 10.39 26.73 -20.64
C ASN C 127 10.96 27.40 -19.40
N ILE C 128 12.14 28.01 -19.57
CA ILE C 128 12.68 28.98 -18.63
C ILE C 128 12.46 30.40 -19.19
N GLN C 129 11.72 31.24 -18.47
CA GLN C 129 11.55 32.65 -18.80
C GLN C 129 12.49 33.47 -17.94
N VAL C 130 13.49 34.08 -18.59
CA VAL C 130 14.36 35.03 -17.93
C VAL C 130 13.84 36.47 -18.12
N LEU C 131 13.34 37.07 -17.05
CA LEU C 131 12.76 38.41 -17.10
C LEU C 131 13.76 39.51 -16.76
N PRO C 132 13.55 40.73 -17.32
CA PRO C 132 14.42 41.84 -16.95
C PRO C 132 14.01 42.39 -15.59
N GLY C 133 14.91 43.16 -14.97
CA GLY C 133 14.65 43.73 -13.67
C GLY C 133 14.92 42.75 -12.53
N ASN C 134 14.38 43.08 -11.37
CA ASN C 134 14.59 42.34 -10.15
C ASN C 134 13.34 41.59 -9.73
N ARG C 135 13.56 40.49 -9.03
CA ARG C 135 12.50 39.70 -8.43
C ARG C 135 11.70 40.56 -7.47
N ALA C 136 10.38 40.46 -7.56
CA ALA C 136 9.50 41.08 -6.57
C ALA C 136 9.87 40.71 -5.12
N GLU C 137 9.53 41.59 -4.19
CA GLU C 137 9.75 41.26 -2.79
C GLU C 137 8.89 40.11 -2.35
N MET C 138 9.32 39.44 -1.27
CA MET C 138 8.54 38.39 -0.66
C MET C 138 7.27 38.99 -0.03
N LYS C 139 6.14 38.30 -0.18
CA LYS C 139 4.87 38.78 0.35
C LYS C 139 4.08 37.60 0.88
N SER C 140 3.16 37.88 1.79
CA SER C 140 2.32 36.84 2.38
C SER C 140 1.26 37.55 3.18
N SER C 141 0.30 36.81 3.71
CA SER C 141 -0.71 37.42 4.58
C SER C 141 -0.24 37.41 6.02
N GLY C 142 1.05 37.15 6.22
CA GLY C 142 1.61 37.12 7.57
C GLY C 142 2.34 38.39 7.94
N ALA C 143 2.38 38.68 9.22
CA ALA C 143 3.20 39.74 9.76
C ALA C 143 4.70 39.45 9.58
N ASP C 144 5.49 40.50 9.50
CA ASP C 144 6.93 40.40 9.51
C ASP C 144 7.32 40.14 10.95
N ILE C 145 7.82 38.94 11.26
CA ILE C 145 8.26 38.62 12.63
C ILE C 145 9.79 38.63 12.84
N THR C 146 10.52 39.15 11.86
CA THR C 146 11.98 39.10 11.89
C THR C 146 12.63 40.21 12.75
N ARG C 147 13.61 39.82 13.54
CA ARG C 147 14.45 40.74 14.26
C ARG C 147 15.54 41.34 13.35
N ASP C 148 15.54 42.66 13.19
CA ASP C 148 16.63 43.34 12.51
C ASP C 148 17.91 43.01 13.31
N PRO C 149 18.95 42.47 12.65
CA PRO C 149 20.21 42.15 13.38
C PRO C 149 20.89 43.39 14.08
N ALA C 150 20.60 44.62 13.62
CA ALA C 150 21.06 45.85 14.34
C ALA C 150 20.14 46.27 15.50
N ASP C 151 19.07 45.54 15.69
CA ASP C 151 18.12 45.87 16.76
C ASP C 151 18.52 45.26 18.14
N LEU C 152 19.51 45.88 18.78
CA LEU C 152 19.97 45.56 20.13
C LEU C 152 20.47 46.83 20.90
N PRO C 153 20.33 46.85 22.23
CA PRO C 153 20.92 47.98 22.94
C PRO C 153 22.46 47.93 22.88
N GLY C 154 23.10 49.09 22.94
CA GLY C 154 24.55 49.09 22.80
C GLY C 154 25.23 48.91 24.14
N PRO C 155 26.57 49.06 24.19
CA PRO C 155 27.35 48.96 25.44
C PRO C 155 26.76 49.75 26.60
N ILE C 156 26.72 49.14 27.76
CA ILE C 156 26.32 49.84 28.97
C ILE C 156 27.45 50.84 29.24
N GLY C 157 27.18 52.00 29.79
CA GLY C 157 28.42 52.76 30.10
C GLY C 157 29.24 52.15 31.25
N PRO C 158 30.29 52.87 31.70
CA PRO C 158 30.81 52.57 33.05
C PRO C 158 29.79 53.00 34.15
N ARG C 159 29.29 52.08 34.95
CA ARG C 159 28.22 52.32 35.94
C ARG C 159 28.58 51.38 37.05
N GLN C 160 28.14 51.72 38.24
CA GLN C 160 28.04 50.69 39.26
C GLN C 160 26.84 49.77 38.93
N ALA C 161 26.79 48.61 39.58
CA ALA C 161 25.68 47.69 39.44
C ALA C 161 24.40 48.35 40.00
N LYS C 162 23.25 48.15 39.37
CA LYS C 162 22.00 48.77 39.87
C LYS C 162 20.78 47.88 39.66
N THR C 163 19.63 48.28 40.19
CA THR C 163 18.37 47.62 39.88
C THR C 163 17.88 48.13 38.53
N VAL C 164 17.48 47.20 37.66
CA VAL C 164 17.14 47.48 36.26
C VAL C 164 15.79 46.83 35.96
N ARG C 165 14.86 47.60 35.38
CA ARG C 165 13.54 47.03 35.01
C ARG C 165 13.56 46.54 33.55
N ILE C 166 13.18 45.27 33.35
CA ILE C 166 12.94 44.73 32.00
C ILE C 166 11.49 44.30 31.80
N ASP C 167 10.92 44.71 30.67
CA ASP C 167 9.54 44.38 30.32
C ASP C 167 9.54 43.45 29.10
N LEU C 168 8.95 42.26 29.25
CA LEU C 168 8.68 41.38 28.09
C LEU C 168 7.18 41.12 27.92
N GLU C 169 6.73 41.05 26.68
CA GLU C 169 5.39 40.61 26.36
C GLU C 169 5.40 39.38 25.44
N THR C 170 4.76 38.30 25.86
CA THR C 170 4.62 37.11 25.03
C THR C 170 3.42 37.25 24.07
N VAL C 171 3.70 37.29 22.77
CA VAL C 171 2.66 37.40 21.75
C VAL C 171 2.64 36.26 20.68
N GLU C 172 1.44 35.68 20.48
CA GLU C 172 1.20 34.67 19.46
C GLU C 172 0.69 35.41 18.22
N VAL C 173 1.34 35.18 17.09
CA VAL C 173 1.04 35.92 15.88
C VAL C 173 1.22 35.06 14.60
N LYS C 174 0.34 35.25 13.63
CA LYS C 174 0.52 34.66 12.30
C LYS C 174 1.63 35.39 11.56
N GLY C 175 2.76 34.73 11.35
CA GLY C 175 3.90 35.42 10.76
C GLY C 175 4.20 34.92 9.38
N GLN C 176 4.97 35.69 8.62
CA GLN C 176 5.51 35.23 7.37
C GLN C 176 6.74 34.34 7.60
N LEU C 177 6.65 33.11 7.08
CA LEU C 177 7.72 32.13 7.15
C LEU C 177 8.58 32.17 5.88
N ASP C 178 7.93 32.42 4.74
CA ASP C 178 8.61 32.46 3.46
C ASP C 178 7.60 33.18 2.53
N ASP C 179 8.00 33.38 1.28
CA ASP C 179 7.16 34.02 0.29
C ASP C 179 5.88 33.18 0.15
N ASN C 180 4.72 33.82 0.33
CA ASN C 180 3.43 33.14 0.21
C ASN C 180 3.25 32.01 1.24
N THR C 181 3.97 32.09 2.35
CA THR C 181 3.84 31.06 3.37
C THR C 181 3.83 31.56 4.79
N THR C 182 2.90 31.04 5.60
CA THR C 182 2.73 31.58 6.94
C THR C 182 2.77 30.49 7.99
N TYR C 183 2.94 30.93 9.24
CA TYR C 183 3.06 30.04 10.37
C TYR C 183 2.62 30.78 11.63
N THR C 184 2.01 30.08 12.58
CA THR C 184 1.70 30.70 13.86
C THR C 184 2.96 30.71 14.75
N TYR C 185 3.58 31.88 14.87
CA TYR C 185 4.74 32.08 15.72
C TYR C 185 4.33 32.45 17.15
N TRP C 186 5.10 31.99 18.15
CA TRP C 186 4.94 32.46 19.52
C TRP C 186 6.26 33.21 19.79
N THR C 187 6.16 34.40 20.37
CA THR C 187 7.26 35.34 20.36
C THR C 187 7.36 36.10 21.67
N PHE C 188 8.55 36.60 21.95
CA PHE C 188 8.69 37.66 22.92
C PHE C 188 8.64 38.99 22.14
N ASN C 189 7.57 39.77 22.36
CA ASN C 189 7.44 41.12 21.76
C ASN C 189 7.29 41.14 20.26
N GLY C 190 6.75 40.05 19.74
CA GLY C 190 6.34 39.98 18.36
C GLY C 190 7.39 39.73 17.29
N LYS C 191 8.64 39.45 17.67
CA LYS C 191 9.67 39.14 16.70
C LYS C 191 10.55 37.97 17.19
N VAL C 192 11.35 37.42 16.26
CA VAL C 192 12.22 36.28 16.54
C VAL C 192 13.62 36.59 16.02
N PRO C 193 14.65 36.49 16.88
CA PRO C 193 14.62 36.23 18.34
C PRO C 193 13.91 37.36 19.09
N GLY C 194 13.61 37.17 20.38
CA GLY C 194 13.07 38.22 21.21
C GLY C 194 14.08 39.35 21.48
N PRO C 195 13.68 40.35 22.31
CA PRO C 195 14.56 41.52 22.55
C PRO C 195 15.88 41.09 23.14
N PHE C 196 16.94 41.72 22.65
CA PHE C 196 18.26 41.52 23.21
C PHE C 196 18.30 42.25 24.53
N LEU C 197 18.56 41.55 25.63
CA LEU C 197 18.63 42.15 26.94
C LEU C 197 20.10 42.33 27.30
N ARG C 198 20.42 43.42 27.99
CA ARG C 198 21.81 43.77 28.22
C ARG C 198 21.92 44.42 29.57
N VAL C 199 22.56 43.73 30.50
CA VAL C 199 22.78 44.23 31.84
C VAL C 199 24.26 44.06 32.17
N ARG C 200 24.62 44.46 33.38
CA ARG C 200 25.99 44.46 33.90
C ARG C 200 26.05 43.42 34.99
N VAL C 201 27.17 42.72 35.14
CA VAL C 201 27.28 41.82 36.31
C VAL C 201 26.95 42.57 37.58
N GLY C 202 26.25 41.92 38.50
CA GLY C 202 25.87 42.56 39.76
C GLY C 202 24.53 43.26 39.67
N ASP C 203 24.04 43.54 38.47
CA ASP C 203 22.71 44.15 38.33
C ASP C 203 21.63 43.29 38.96
N THR C 204 20.62 43.94 39.54
CA THR C 204 19.45 43.25 40.03
C THR C 204 18.41 43.51 38.97
N VAL C 205 17.83 42.45 38.42
CA VAL C 205 16.91 42.58 37.27
C VAL C 205 15.49 42.38 37.78
N GLU C 206 14.61 43.36 37.52
CA GLU C 206 13.21 43.25 37.83
C GLU C 206 12.42 43.02 36.54
N LEU C 207 12.02 41.76 36.33
CA LEU C 207 11.42 41.40 35.07
C LEU C 207 9.91 41.40 35.23
N HIS C 208 9.24 42.15 34.36
CA HIS C 208 7.79 42.16 34.24
C HIS C 208 7.43 41.38 32.97
N LEU C 209 6.75 40.25 33.12
CA LEU C 209 6.34 39.45 31.95
C LEU C 209 4.82 39.49 31.77
N LYS C 210 4.36 40.16 30.71
CA LYS C 210 2.93 40.18 30.32
C LYS C 210 2.65 39.16 29.24
N ASN C 211 1.60 38.37 29.43
CA ASN C 211 1.10 37.52 28.36
C ASN C 211 -0.09 38.22 27.73
N HIS C 212 0.02 38.52 26.44
CA HIS C 212 -1.05 39.16 25.73
C HIS C 212 -2.39 38.43 25.94
N LYS C 213 -3.47 39.19 26.11
CA LYS C 213 -4.79 38.61 26.40
C LYS C 213 -5.32 37.64 25.33
N ASP C 214 -4.90 37.83 24.08
CA ASP C 214 -5.30 36.94 22.97
C ASP C 214 -4.53 35.59 22.83
N SER C 215 -3.50 35.38 23.66
CA SER C 215 -2.70 34.15 23.61
C SER C 215 -3.55 32.98 24.05
N LEU C 216 -3.34 31.81 23.44
CA LEU C 216 -4.02 30.63 23.91
C LEU C 216 -3.26 29.97 25.02
N MET C 217 -1.93 30.13 24.99
CA MET C 217 -1.04 29.38 25.86
C MET C 217 -0.60 30.21 27.07
N VAL C 218 -0.26 29.55 28.16
CA VAL C 218 0.54 30.22 29.13
C VAL C 218 1.98 30.27 28.59
N HIS C 219 2.71 31.29 29.01
CA HIS C 219 4.07 31.53 28.53
C HIS C 219 4.88 31.91 29.72
N SER C 220 6.20 31.79 29.58
CA SER C 220 7.10 32.09 30.66
C SER C 220 8.50 32.41 30.12
N VAL C 221 9.50 32.45 31.00
CA VAL C 221 10.84 32.74 30.55
C VAL C 221 11.84 32.14 31.51
N ASP C 222 12.82 31.46 30.92
CA ASP C 222 14.00 30.94 31.59
C ASP C 222 15.22 31.68 30.95
N PHE C 223 15.96 32.43 31.78
CA PHE C 223 17.23 33.07 31.38
C PHE C 223 18.38 32.18 31.82
N HIS C 224 19.27 31.85 30.89
CA HIS C 224 20.48 31.10 31.32
C HIS C 224 21.40 31.97 32.21
N GLY C 225 21.18 33.28 32.24
CA GLY C 225 22.01 34.18 33.07
C GLY C 225 21.49 34.33 34.51
N ALA C 226 20.36 33.70 34.79
CA ALA C 226 19.67 33.78 36.07
C ALA C 226 20.03 32.56 36.92
N THR C 227 20.07 32.76 38.25
CA THR C 227 20.41 31.72 39.18
C THR C 227 19.21 31.47 40.04
N GLY C 228 18.58 30.32 39.84
CA GLY C 228 17.47 29.92 40.68
C GLY C 228 16.46 29.14 39.86
N PRO C 229 15.39 28.63 40.52
CA PRO C 229 14.33 27.80 39.99
C PRO C 229 13.92 28.17 38.57
N GLY C 230 14.19 27.24 37.64
CA GLY C 230 13.87 27.37 36.23
C GLY C 230 14.53 28.52 35.50
N GLY C 231 15.64 29.04 36.06
CA GLY C 231 16.24 30.29 35.57
C GLY C 231 15.18 31.39 35.48
N ALA C 232 14.25 31.38 36.48
CA ALA C 232 13.07 32.27 36.65
C ALA C 232 11.74 31.66 36.22
N ALA C 233 11.78 30.50 35.55
CA ALA C 233 10.57 29.90 34.98
C ALA C 233 9.56 29.54 36.04
N ALA C 234 10.03 29.16 37.23
CA ALA C 234 9.14 28.86 38.33
C ALA C 234 8.31 30.09 38.79
N PHE C 235 8.77 31.29 38.40
CA PHE C 235 8.17 32.55 38.82
C PHE C 235 7.41 33.25 37.71
N THR C 236 7.42 32.66 36.51
CA THR C 236 6.92 33.42 35.36
C THR C 236 5.93 32.72 34.47
N GLN C 237 5.32 31.65 34.98
CA GLN C 237 4.23 31.00 34.25
C GLN C 237 3.07 31.98 34.24
N THR C 238 2.78 32.55 33.07
CA THR C 238 1.84 33.65 32.95
C THR C 238 0.65 33.32 32.05
N ASP C 239 -0.54 33.29 32.64
CA ASP C 239 -1.81 33.11 31.96
C ASP C 239 -2.01 34.28 31.00
N PRO C 240 -2.74 34.03 29.90
CA PRO C 240 -3.04 35.13 28.95
C PRO C 240 -3.77 36.28 29.66
N GLY C 241 -3.34 37.52 29.39
CA GLY C 241 -3.93 38.71 30.03
C GLY C 241 -3.36 39.07 31.40
N GLU C 242 -2.58 38.16 31.99
CA GLU C 242 -1.93 38.40 33.28
C GLU C 242 -0.50 38.93 33.14
N GLU C 243 0.09 39.24 34.29
CA GLU C 243 1.45 39.74 34.38
C GLU C 243 2.10 39.05 35.55
N THR C 244 3.38 38.78 35.37
CA THR C 244 4.12 38.04 36.34
C THR C 244 5.36 38.91 36.59
N VAL C 245 5.79 39.02 37.83
CA VAL C 245 7.02 39.76 38.10
C VAL C 245 7.99 39.00 39.00
N VAL C 246 9.27 39.09 38.64
CA VAL C 246 10.35 38.32 39.29
C VAL C 246 11.58 39.22 39.29
N THR C 247 12.32 39.24 40.39
CA THR C 247 13.58 39.96 40.36
C THR C 247 14.68 38.95 40.64
N PHE C 248 15.80 39.09 39.96
CA PHE C 248 16.89 38.12 40.11
C PHE C 248 18.18 38.85 39.87
N LYS C 249 19.26 38.44 40.49
CA LYS C 249 20.55 39.06 40.29
C LYS C 249 21.32 38.37 39.16
N ALA C 250 22.07 39.16 38.39
CA ALA C 250 22.96 38.69 37.34
C ALA C 250 24.35 38.51 37.94
N LEU C 251 24.62 37.29 38.42
CA LEU C 251 25.83 36.98 39.19
C LEU C 251 27.08 36.75 38.34
N ILE C 252 26.91 36.31 37.09
CA ILE C 252 28.07 35.87 36.27
C ILE C 252 28.07 36.49 34.84
N PRO C 253 29.16 37.17 34.43
CA PRO C 253 29.16 37.75 33.06
C PRO C 253 29.04 36.64 32.02
N GLY C 254 28.45 36.95 30.88
CA GLY C 254 28.36 35.98 29.77
C GLY C 254 27.31 36.36 28.75
N ILE C 255 27.25 35.61 27.64
CA ILE C 255 26.23 35.82 26.64
C ILE C 255 25.29 34.61 26.74
N TYR C 256 24.06 34.83 27.20
CA TYR C 256 23.19 33.75 27.58
C TYR C 256 21.93 33.65 26.69
N VAL C 257 21.53 32.44 26.35
CA VAL C 257 20.21 32.32 25.79
C VAL C 257 19.09 32.39 26.84
N TYR C 258 17.97 32.99 26.46
CA TYR C 258 16.75 32.83 27.27
C TYR C 258 15.64 32.27 26.38
N HIS C 259 14.64 31.62 26.96
CA HIS C 259 13.57 31.10 26.14
C HIS C 259 12.36 30.87 27.01
N CYS C 260 11.21 30.74 26.40
CA CYS C 260 10.04 30.36 27.13
C CYS C 260 10.29 28.97 27.73
N ALA C 261 9.77 28.73 28.91
CA ALA C 261 9.95 27.43 29.53
C ALA C 261 8.61 26.80 30.01
N THR C 262 7.54 26.99 29.26
CA THR C 262 6.31 26.28 29.63
C THR C 262 6.18 25.00 28.81
N PRO C 263 5.86 23.88 29.46
CA PRO C 263 5.78 22.64 28.65
C PRO C 263 4.70 22.77 27.55
N SER C 264 4.96 22.30 26.33
CA SER C 264 6.18 21.63 25.87
C SER C 264 7.24 22.66 25.51
N VAL C 265 8.36 22.62 26.21
CA VAL C 265 9.40 23.64 26.00
C VAL C 265 9.95 23.62 24.57
N PRO C 266 10.26 22.42 23.98
CA PRO C 266 10.69 22.44 22.57
C PRO C 266 9.66 23.05 21.64
N THR C 267 8.37 22.89 21.94
CA THR C 267 7.30 23.50 21.12
C THR C 267 7.34 25.04 21.23
N HIS C 268 7.46 25.58 22.42
CA HIS C 268 7.48 27.02 22.58
C HIS C 268 8.75 27.59 21.91
N ILE C 269 9.85 26.87 22.00
CA ILE C 269 11.09 27.30 21.37
C ILE C 269 10.99 27.28 19.86
N THR C 270 10.56 26.16 19.27
CA THR C 270 10.46 26.09 17.81
C THR C 270 9.54 27.20 17.23
N ASN C 271 8.48 27.51 17.97
CA ASN C 271 7.56 28.56 17.54
C ASN C 271 8.13 29.99 17.57
N GLY C 272 9.25 30.21 18.25
CA GLY C 272 9.97 31.50 18.13
C GLY C 272 10.37 32.06 19.48
N MET C 273 10.16 31.36 20.60
CA MET C 273 10.37 32.00 21.91
C MET C 273 11.78 31.81 22.45
N TYR C 274 12.71 32.58 21.89
CA TYR C 274 14.10 32.53 22.33
C TYR C 274 14.72 33.89 22.08
N GLY C 275 15.74 34.22 22.87
CA GLY C 275 16.50 35.46 22.68
C GLY C 275 17.82 35.37 23.44
N LEU C 276 18.58 36.48 23.45
CA LEU C 276 19.83 36.60 24.21
C LEU C 276 19.81 37.68 25.31
N LEU C 277 20.49 37.36 26.41
CA LEU C 277 20.75 38.23 27.52
C LEU C 277 22.28 38.32 27.61
N LEU C 278 22.83 39.51 27.43
CA LEU C 278 24.22 39.73 27.74
C LEU C 278 24.35 40.28 29.16
N VAL C 279 25.14 39.59 29.98
CA VAL C 279 25.56 40.13 31.26
C VAL C 279 27.02 40.59 31.07
N GLU C 280 27.21 41.90 30.87
CA GLU C 280 28.54 42.47 30.63
C GLU C 280 29.50 42.23 31.81
N PRO C 281 30.79 41.98 31.53
CA PRO C 281 31.74 41.98 32.64
C PRO C 281 31.98 43.44 33.09
N GLU C 282 32.70 43.60 34.19
CA GLU C 282 32.94 44.89 34.80
C GLU C 282 33.43 45.98 33.82
N GLY C 283 34.48 45.77 33.09
CA GLY C 283 34.83 46.93 32.22
C GLY C 283 34.20 46.94 30.83
N GLY C 284 33.10 46.20 30.65
CA GLY C 284 32.50 45.99 29.33
C GLY C 284 33.29 45.05 28.43
N LEU C 285 32.72 44.74 27.26
CA LEU C 285 33.47 44.05 26.19
C LEU C 285 34.31 45.08 25.42
N PRO C 286 35.34 44.62 24.67
CA PRO C 286 36.14 45.53 23.87
C PRO C 286 35.26 46.35 22.94
N GLN C 287 35.61 47.62 22.73
CA GLN C 287 34.82 48.45 21.83
C GLN C 287 35.01 48.05 20.36
N VAL C 288 33.93 48.20 19.60
CA VAL C 288 33.84 47.65 18.29
C VAL C 288 33.01 48.72 17.56
N ASP C 289 33.14 48.79 16.23
CA ASP C 289 32.34 49.69 15.42
C ASP C 289 30.84 49.36 15.37
N ARG C 290 30.51 48.08 15.17
CA ARG C 290 29.10 47.60 15.04
C ARG C 290 28.93 46.24 15.75
N GLU C 291 27.80 46.10 16.45
CA GLU C 291 27.37 44.84 17.05
C GLU C 291 26.11 44.37 16.34
N PHE C 292 25.99 43.04 16.19
CA PHE C 292 24.84 42.43 15.54
C PHE C 292 24.27 41.30 16.38
N TYR C 293 22.96 41.08 16.24
CA TYR C 293 22.20 40.11 17.02
C TYR C 293 21.61 39.07 16.07
N VAL C 294 22.10 37.82 16.15
CA VAL C 294 21.55 36.75 15.32
C VAL C 294 21.33 35.43 16.07
N MET C 295 20.16 34.84 15.85
CA MET C 295 19.88 33.52 16.44
C MET C 295 19.38 32.56 15.38
N GLN C 296 19.73 31.30 15.56
CA GLN C 296 19.33 30.22 14.65
C GLN C 296 18.30 29.37 15.34
N GLY C 297 17.27 28.98 14.61
CA GLY C 297 16.27 28.02 15.10
C GLY C 297 15.67 27.17 14.01
N GLU C 298 14.83 26.20 14.37
CA GLU C 298 14.20 25.30 13.37
C GLU C 298 12.69 25.38 13.45
N ILE C 299 12.04 25.15 12.31
CA ILE C 299 10.62 25.01 12.31
C ILE C 299 10.31 23.67 11.63
N TYR C 300 9.31 22.97 12.20
CA TYR C 300 8.99 21.62 11.79
C TYR C 300 7.57 21.61 11.21
N THR C 301 7.43 21.80 9.91
CA THR C 301 6.10 21.88 9.30
C THR C 301 5.59 20.54 8.80
N VAL C 302 4.28 20.41 8.71
CA VAL C 302 3.68 19.20 8.11
C VAL C 302 4.15 19.00 6.68
N LYS C 303 4.08 20.08 5.90
CA LYS C 303 4.53 20.13 4.51
C LYS C 303 6.02 20.32 4.41
N SER C 304 6.58 19.85 3.30
CA SER C 304 8.01 19.99 3.00
C SER C 304 8.42 21.44 2.84
N PHE C 305 9.66 21.75 3.21
CA PHE C 305 10.25 23.08 3.04
C PHE C 305 9.92 23.49 1.61
N GLY C 306 9.46 24.72 1.40
CA GLY C 306 9.32 25.23 0.04
C GLY C 306 7.89 25.14 -0.47
N THR C 307 7.04 24.43 0.25
CA THR C 307 5.62 24.34 -0.06
C THR C 307 4.86 25.51 0.54
N SER C 308 4.15 26.26 -0.30
CA SER C 308 3.54 27.51 0.13
C SER C 308 2.25 27.27 0.90
N GLY C 309 1.66 28.34 1.42
CA GLY C 309 0.39 28.23 2.14
C GLY C 309 0.55 28.35 3.65
N GLU C 310 -0.51 28.03 4.37
CA GLU C 310 -0.51 28.12 5.82
C GLU C 310 0.09 26.84 6.42
N GLN C 311 1.25 26.98 7.04
CA GLN C 311 2.00 25.84 7.57
C GLN C 311 1.58 25.55 8.98
N GLU C 312 1.70 24.28 9.36
CA GLU C 312 1.40 23.88 10.73
C GLU C 312 2.49 23.01 11.31
N MET C 313 2.59 22.98 12.62
CA MET C 313 3.58 22.19 13.27
C MET C 313 3.30 20.69 13.10
N ASP C 314 4.36 19.95 12.87
CA ASP C 314 4.29 18.50 12.86
C ASP C 314 5.05 17.98 14.10
N TYR C 315 4.31 17.46 15.07
CA TYR C 315 4.89 17.02 16.33
C TYR C 315 5.82 15.81 16.15
N GLU C 316 5.49 14.90 15.24
CA GLU C 316 6.39 13.79 14.95
C GLU C 316 7.76 14.32 14.48
N LYS C 317 7.75 15.32 13.60
CA LYS C 317 9.04 15.84 13.06
C LYS C 317 9.84 16.55 14.16
N LEU C 318 9.14 17.29 15.02
CA LEU C 318 9.76 17.96 16.17
C LEU C 318 10.40 16.96 17.12
N ILE C 319 9.64 15.97 17.63
CA ILE C 319 10.29 15.16 18.65
C ILE C 319 11.38 14.23 18.09
N ASN C 320 11.32 13.94 16.78
CA ASN C 320 12.31 13.07 16.13
C ASN C 320 13.36 13.87 15.35
N GLU C 321 13.34 15.20 15.50
CA GLU C 321 14.41 16.09 15.02
C GLU C 321 14.51 15.98 13.51
N LYS C 322 13.38 16.15 12.81
CA LYS C 322 13.38 16.19 11.36
C LYS C 322 12.87 17.53 10.88
N PRO C 323 13.73 18.60 10.93
CA PRO C 323 13.23 19.93 10.62
C PRO C 323 12.95 20.15 9.13
N GLU C 324 12.06 21.11 8.86
CA GLU C 324 11.87 21.54 7.49
C GLU C 324 12.52 22.90 7.19
N TYR C 325 12.56 23.79 8.17
CA TYR C 325 13.11 25.14 8.02
C TYR C 325 14.20 25.36 9.06
N PHE C 326 15.34 25.84 8.61
CA PHE C 326 16.40 26.32 9.47
C PHE C 326 16.49 27.82 9.18
N LEU C 327 16.47 28.63 10.24
CA LEU C 327 16.25 30.07 10.10
C LEU C 327 17.19 30.95 10.93
N PHE C 328 17.61 32.07 10.35
CA PHE C 328 18.27 33.17 11.09
C PHE C 328 17.17 34.20 11.33
N ASN C 329 17.04 34.63 12.57
CA ASN C 329 16.07 35.68 12.89
C ASN C 329 14.66 35.50 12.29
N GLY C 330 14.13 34.27 12.40
CA GLY C 330 12.69 34.01 12.25
C GLY C 330 12.10 33.54 10.94
N SER C 331 12.76 33.77 9.80
CA SER C 331 12.06 33.69 8.54
C SER C 331 13.00 33.45 7.34
N VAL C 332 12.50 32.84 6.26
CA VAL C 332 13.30 32.68 5.05
C VAL C 332 13.54 34.08 4.45
N GLY C 333 14.80 34.37 4.10
CA GLY C 333 15.15 35.65 3.53
C GLY C 333 15.29 36.74 4.60
N SER C 334 15.15 36.36 5.87
CA SER C 334 15.26 37.29 6.98
C SER C 334 16.52 38.19 6.91
N LEU C 335 17.69 37.59 6.67
CA LEU C 335 18.97 38.33 6.71
C LEU C 335 19.60 38.48 5.33
N THR C 336 18.85 38.14 4.29
CA THR C 336 19.24 38.39 2.90
C THR C 336 18.42 39.51 2.28
N ARG C 337 17.10 39.45 2.40
CA ARG C 337 16.25 40.37 1.65
C ARG C 337 15.54 41.38 2.51
N SER C 338 15.20 40.99 3.75
CA SER C 338 14.47 41.85 4.69
C SER C 338 15.39 42.82 5.41
N HIS C 339 16.29 42.27 6.24
CA HIS C 339 17.21 43.09 7.05
C HIS C 339 18.60 42.50 7.03
N PRO C 340 19.31 42.62 5.89
CA PRO C 340 20.70 42.12 5.91
C PRO C 340 21.56 42.95 6.88
N LEU C 341 22.74 42.43 7.23
CA LEU C 341 23.69 43.16 8.05
C LEU C 341 24.43 44.14 7.13
N TYR C 342 24.71 45.33 7.66
CA TYR C 342 25.46 46.31 6.89
C TYR C 342 26.69 46.75 7.68
N ALA C 343 27.84 46.86 7.01
CA ALA C 343 28.99 47.48 7.65
C ALA C 343 29.87 48.13 6.57
N SER C 344 31.00 48.79 6.96
CA SER C 344 31.93 49.43 5.98
C SER C 344 33.33 48.92 6.12
N VAL C 345 34.14 49.08 5.06
CA VAL C 345 35.50 48.54 5.14
C VAL C 345 36.33 49.19 6.24
N GLY C 346 37.15 48.38 6.91
CA GLY C 346 37.97 48.84 8.01
C GLY C 346 37.32 48.72 9.38
N GLU C 347 36.00 48.56 9.43
CA GLU C 347 35.33 48.44 10.73
C GLU C 347 35.62 47.13 11.45
N THR C 348 35.65 47.18 12.76
CA THR C 348 35.66 45.97 13.55
C THR C 348 34.23 45.73 14.02
N VAL C 349 33.79 44.49 13.82
CA VAL C 349 32.41 44.14 13.94
C VAL C 349 32.24 43.01 14.96
N ARG C 350 31.11 43.01 15.66
CA ARG C 350 30.83 41.90 16.58
C ARG C 350 29.51 41.20 16.25
N ILE C 351 29.52 39.86 16.22
CA ILE C 351 28.24 39.14 16.22
C ILE C 351 27.94 38.40 17.52
N PHE C 352 26.84 38.80 18.18
CA PHE C 352 26.19 38.01 19.22
C PHE C 352 25.34 36.93 18.53
N PHE C 353 25.78 35.67 18.67
CA PHE C 353 25.19 34.55 17.93
C PHE C 353 24.77 33.46 18.88
N GLY C 354 23.48 33.15 18.84
CA GLY C 354 22.94 32.13 19.72
C GLY C 354 22.07 31.16 18.95
N VAL C 355 21.93 29.95 19.50
CA VAL C 355 21.07 28.93 18.93
C VAL C 355 19.90 28.68 19.87
N GLY C 356 18.74 29.20 19.47
CA GLY C 356 17.49 28.85 20.11
C GLY C 356 17.19 27.36 19.92
N GLY C 357 17.43 26.85 18.72
CA GLY C 357 17.17 25.44 18.39
C GLY C 357 15.73 25.20 17.93
N PRO C 358 15.01 24.25 18.58
CA PRO C 358 15.42 23.59 19.84
C PRO C 358 16.54 22.54 19.86
N ASN C 359 16.95 22.00 18.71
CA ASN C 359 17.71 20.74 18.67
C ASN C 359 19.10 20.71 18.01
N PHE C 360 19.38 21.61 17.08
CA PHE C 360 20.56 21.43 16.20
C PHE C 360 21.72 22.32 16.57
N THR C 361 22.91 21.75 16.60
CA THR C 361 24.07 22.55 16.80
C THR C 361 24.52 23.15 15.49
N SER C 362 24.78 24.44 15.61
CA SER C 362 25.19 25.27 14.50
C SER C 362 26.70 25.30 14.34
N SER C 363 27.13 25.22 13.08
CA SER C 363 28.55 25.36 12.70
C SER C 363 28.76 26.76 12.07
N PHE C 364 28.74 27.78 12.91
CA PHE C 364 28.55 29.15 12.45
C PHE C 364 29.80 29.65 11.77
N HIS C 365 29.62 30.22 10.58
CA HIS C 365 30.74 30.59 9.74
C HIS C 365 30.32 31.81 8.92
N VAL C 366 31.24 32.73 8.68
CA VAL C 366 30.98 33.89 7.78
C VAL C 366 31.86 33.74 6.53
N ILE C 367 31.24 33.36 5.41
CA ILE C 367 31.96 33.11 4.16
C ILE C 367 32.69 34.37 3.70
N GLY C 368 33.99 34.26 3.49
CA GLY C 368 34.80 35.39 3.05
C GLY C 368 35.49 36.11 4.19
N GLU C 369 35.19 35.73 5.43
CA GLU C 369 35.87 36.31 6.58
C GLU C 369 36.34 35.28 7.58
N ILE C 370 37.12 35.71 8.56
CA ILE C 370 37.74 34.83 9.57
C ILE C 370 37.48 35.45 10.91
N PHE C 371 37.10 34.66 11.92
CA PHE C 371 36.85 35.29 13.23
C PHE C 371 38.19 35.62 13.91
N ASP C 372 38.42 36.89 14.21
CA ASP C 372 39.62 37.32 14.93
C ASP C 372 39.59 36.80 16.35
N HIS C 373 38.43 36.93 17.01
CA HIS C 373 38.16 36.39 18.35
C HIS C 373 36.87 35.60 18.42
N VAL C 374 36.95 34.44 19.10
CA VAL C 374 35.80 33.61 19.41
C VAL C 374 35.75 33.38 20.92
N TYR C 375 34.65 33.81 21.53
CA TYR C 375 34.39 33.60 22.95
C TYR C 375 33.82 32.19 23.16
N SER C 376 34.72 31.22 23.41
CA SER C 376 34.32 29.80 23.39
C SER C 376 33.23 29.54 24.41
N LEU C 377 32.20 28.82 23.96
CA LEU C 377 31.05 28.46 24.78
C LEU C 377 30.37 29.64 25.45
N GLY C 378 30.58 30.83 24.86
CA GLY C 378 29.93 32.01 25.36
C GLY C 378 30.57 32.56 26.64
N SER C 379 31.70 31.98 27.05
CA SER C 379 32.47 32.56 28.15
C SER C 379 32.93 33.95 27.79
N VAL C 380 32.69 34.88 28.70
CA VAL C 380 33.13 36.23 28.53
C VAL C 380 34.33 36.52 29.50
N VAL C 381 34.56 35.63 30.46
CA VAL C 381 35.66 35.80 31.41
C VAL C 381 36.98 35.20 30.89
N SER C 382 36.88 34.06 30.20
CA SER C 382 38.06 33.34 29.68
C SER C 382 38.55 34.06 28.43
N PRO C 383 39.87 33.98 28.13
CA PRO C 383 40.41 34.58 26.91
C PRO C 383 39.79 33.97 25.66
N PRO C 384 39.32 34.82 24.76
CA PRO C 384 38.75 34.36 23.48
C PRO C 384 39.82 33.59 22.69
N LEU C 385 39.39 32.65 21.85
CA LEU C 385 40.28 32.00 20.86
C LEU C 385 40.54 32.93 19.67
N ILE C 386 41.70 32.78 19.05
CA ILE C 386 42.13 33.73 18.03
C ILE C 386 42.23 33.06 16.67
N GLY C 387 41.63 33.67 15.66
CA GLY C 387 41.86 33.22 14.29
C GLY C 387 41.16 31.90 13.99
N VAL C 388 39.82 31.98 13.87
CA VAL C 388 38.98 30.77 13.80
C VAL C 388 37.99 30.85 12.62
N GLN C 389 37.90 29.80 11.81
CA GLN C 389 37.01 29.86 10.63
C GLN C 389 35.53 29.63 10.96
N THR C 390 35.26 28.71 11.90
CA THR C 390 33.92 28.15 12.09
C THR C 390 33.75 27.84 13.56
N VAL C 391 32.58 28.15 14.12
CA VAL C 391 32.35 27.93 15.57
C VAL C 391 31.10 27.10 15.84
N SER C 392 31.31 26.01 16.55
CA SER C 392 30.27 25.13 16.93
C SER C 392 29.50 25.69 18.11
N VAL C 393 28.21 25.91 17.90
CA VAL C 393 27.37 26.51 18.94
C VAL C 393 26.18 25.58 19.23
N PRO C 394 26.08 25.08 20.48
CA PRO C 394 24.96 24.16 20.74
C PRO C 394 23.56 24.85 20.91
N PRO C 395 22.45 24.08 20.74
CA PRO C 395 21.13 24.65 21.08
C PRO C 395 21.20 25.05 22.56
N GLY C 396 20.63 26.21 22.91
CA GLY C 396 20.72 26.72 24.30
C GLY C 396 22.10 27.27 24.62
N GLY C 397 22.91 27.53 23.60
CA GLY C 397 24.22 28.11 23.79
C GLY C 397 24.33 29.33 22.92
N ALA C 398 25.30 30.19 23.24
CA ALA C 398 25.55 31.38 22.43
C ALA C 398 27.06 31.60 22.46
N THR C 399 27.52 32.42 21.53
CA THR C 399 28.89 32.80 21.44
C THR C 399 28.99 34.30 21.04
N ILE C 400 30.22 34.83 21.05
CA ILE C 400 30.49 36.15 20.50
C ILE C 400 31.67 35.95 19.57
N VAL C 401 31.56 36.51 18.38
CA VAL C 401 32.65 36.54 17.46
C VAL C 401 32.91 38.03 17.09
N ASP C 402 34.20 38.40 17.01
CA ASP C 402 34.64 39.74 16.63
C ASP C 402 35.51 39.54 15.39
N PHE C 403 35.39 40.44 14.41
CA PHE C 403 36.38 40.49 13.31
C PHE C 403 36.50 41.87 12.67
N LYS C 404 37.72 42.26 12.29
CA LYS C 404 37.93 43.42 11.42
C LYS C 404 37.57 43.02 9.98
N ILE C 405 36.76 43.83 9.31
CA ILE C 405 36.44 43.62 7.91
C ILE C 405 37.51 44.33 7.07
N ASP C 406 38.38 43.58 6.43
CA ASP C 406 39.51 44.21 5.77
C ASP C 406 39.11 44.89 4.47
N ARG C 407 38.07 44.37 3.80
CA ARG C 407 37.75 44.83 2.46
C ARG C 407 36.30 44.57 2.14
N ALA C 408 35.84 45.13 1.03
CA ALA C 408 34.46 45.11 0.63
C ALA C 408 34.03 43.73 0.16
N GLY C 409 32.73 43.51 0.12
CA GLY C 409 32.18 42.33 -0.49
C GLY C 409 30.90 42.01 0.22
N ARG C 410 30.17 41.06 -0.33
CA ARG C 410 29.02 40.50 0.36
C ARG C 410 29.42 39.23 1.15
N TYR C 411 29.44 39.35 2.48
CA TYR C 411 29.87 38.24 3.33
C TYR C 411 28.66 37.42 3.68
N ILE C 412 28.85 36.11 3.84
CA ILE C 412 27.69 35.23 3.98
C ILE C 412 27.67 34.40 5.25
N LEU C 413 26.67 34.65 6.08
CA LEU C 413 26.47 33.96 7.33
C LEU C 413 25.78 32.65 7.01
N VAL C 414 26.29 31.56 7.59
CA VAL C 414 25.79 30.19 7.34
C VAL C 414 26.04 29.32 8.57
N ASP C 415 25.25 28.26 8.66
CA ASP C 415 25.59 27.09 9.47
C ASP C 415 26.32 26.22 8.41
N HIS C 416 27.60 25.89 8.66
CA HIS C 416 28.33 25.12 7.64
C HIS C 416 27.92 23.65 7.47
N ALA C 417 26.84 23.20 8.14
CA ALA C 417 26.12 21.99 7.73
C ALA C 417 25.26 22.44 6.54
N LEU C 418 25.86 22.39 5.35
CA LEU C 418 25.43 23.24 4.23
C LEU C 418 24.15 22.79 3.51
N SER C 419 23.67 21.59 3.77
CA SER C 419 22.32 21.27 3.34
C SER C 419 21.30 22.23 3.92
N ARG C 420 21.63 22.87 5.04
CA ARG C 420 20.69 23.81 5.69
C ARG C 420 20.50 25.09 4.85
N LEU C 421 21.44 25.33 3.93
CA LEU C 421 21.39 26.44 2.99
C LEU C 421 20.08 26.39 2.27
N GLU C 422 19.74 25.20 1.79
CA GLU C 422 18.58 25.04 0.97
C GLU C 422 17.37 24.73 1.83
N HIS C 423 17.42 25.02 3.13
CA HIS C 423 16.23 24.99 4.01
C HIS C 423 15.97 26.34 4.64
N GLY C 424 16.54 27.38 4.07
CA GLY C 424 16.38 28.71 4.59
C GLY C 424 17.52 29.38 5.36
N LEU C 425 18.62 28.68 5.61
CA LEU C 425 19.66 29.21 6.52
C LEU C 425 20.80 29.88 5.78
N VAL C 426 20.67 31.19 5.57
CA VAL C 426 21.69 32.00 4.91
C VAL C 426 21.42 33.48 5.31
N GLY C 427 22.49 34.24 5.48
CA GLY C 427 22.41 35.64 5.86
C GLY C 427 23.48 36.39 5.08
N PHE C 428 23.25 37.69 4.84
CA PHE C 428 24.22 38.56 4.13
C PHE C 428 24.68 39.71 5.04
N LEU C 429 25.98 39.98 5.03
CA LEU C 429 26.61 41.13 5.64
C LEU C 429 27.23 41.88 4.44
N ASN C 430 26.65 43.05 4.12
CA ASN C 430 26.99 43.74 2.89
C ASN C 430 27.97 44.86 3.23
N VAL C 431 29.11 44.85 2.53
CA VAL C 431 30.16 45.85 2.74
C VAL C 431 30.54 46.45 1.37
N ASP C 432 30.19 47.72 1.18
CA ASP C 432 30.38 48.41 -0.11
C ASP C 432 31.83 48.69 -0.42
N GLY C 433 32.17 48.62 -1.70
CA GLY C 433 33.50 48.97 -2.18
C GLY C 433 33.91 48.19 -3.41
N PRO C 434 35.13 48.44 -3.93
CA PRO C 434 35.54 47.79 -5.21
C PRO C 434 35.65 46.25 -5.11
N LYS C 435 35.34 45.57 -6.20
CA LYS C 435 35.57 44.12 -6.30
C LYS C 435 37.06 43.79 -6.07
N ASN C 436 37.93 44.50 -6.80
CA ASN C 436 39.35 44.19 -6.86
C ASN C 436 40.19 45.10 -5.97
N ASP C 437 41.06 44.49 -5.18
CA ASP C 437 42.02 45.22 -4.38
C ASP C 437 43.23 44.34 -4.06
N SER C 438 44.12 44.83 -3.20
CA SER C 438 45.36 44.11 -2.92
C SER C 438 45.16 42.84 -2.07
N ILE C 439 44.06 42.79 -1.30
CA ILE C 439 43.76 41.62 -0.47
C ILE C 439 43.17 40.45 -1.30
N MET C 440 42.45 40.78 -2.37
CA MET C 440 41.90 39.76 -3.27
C MET C 440 41.49 40.44 -4.56
N HIS C 441 41.98 39.93 -5.69
CA HIS C 441 41.62 40.51 -6.98
C HIS C 441 41.69 39.43 -8.03
N GLU C 442 40.98 39.64 -9.14
CA GLU C 442 41.09 38.74 -10.29
C GLU C 442 42.46 38.89 -10.98
N GLY C 443 42.89 37.84 -11.68
CA GLY C 443 44.15 37.85 -12.41
C GLY C 443 45.37 37.64 -11.53
N PRO C 444 46.57 37.62 -12.15
CA PRO C 444 47.81 37.25 -11.48
C PRO C 444 48.33 38.38 -10.62
N ALA C 445 49.27 38.05 -9.73
CA ALA C 445 49.94 39.06 -8.91
C ALA C 445 50.91 39.88 -9.76
N HIS D 24 -26.60 -32.63 9.80
CA HIS D 24 -27.25 -31.64 8.86
C HIS D 24 -26.33 -31.44 7.64
N ALA D 25 -26.09 -30.19 7.21
CA ALA D 25 -25.02 -29.89 6.20
C ALA D 25 -23.62 -29.94 6.88
N PRO D 26 -22.49 -29.98 6.08
CA PRO D 26 -21.21 -30.01 6.82
C PRO D 26 -20.97 -28.73 7.61
N VAL D 27 -20.27 -28.88 8.71
CA VAL D 27 -19.77 -27.76 9.43
C VAL D 27 -18.43 -27.40 8.75
N VAL D 28 -18.29 -26.13 8.39
CA VAL D 28 -17.16 -25.72 7.57
C VAL D 28 -16.28 -24.83 8.41
N PHE D 29 -14.99 -25.15 8.47
CA PHE D 29 -14.05 -24.24 9.07
C PHE D 29 -12.99 -23.81 8.06
N THR D 30 -12.63 -22.53 8.08
CA THR D 30 -11.59 -22.01 7.23
C THR D 30 -10.39 -21.56 8.07
N LEU D 31 -9.20 -22.00 7.65
CA LEU D 31 -7.95 -21.72 8.29
C LEU D 31 -7.02 -21.11 7.25
N ARG D 32 -6.40 -20.00 7.59
CA ARG D 32 -5.27 -19.54 6.82
C ARG D 32 -4.01 -19.72 7.67
N THR D 33 -2.88 -19.91 7.00
CA THR D 33 -1.63 -20.00 7.70
C THR D 33 -1.05 -18.58 7.79
N GLY D 34 -0.15 -18.39 8.77
CA GLY D 34 0.57 -17.15 8.85
C GLY D 34 1.41 -17.07 10.11
N ILE D 35 1.89 -15.88 10.40
CA ILE D 35 2.75 -15.65 11.54
C ILE D 35 1.89 -14.82 12.41
N ALA D 36 1.63 -15.28 13.63
CA ALA D 36 0.88 -14.49 14.58
C ALA D 36 1.31 -14.88 15.96
N GLU D 37 1.30 -13.89 16.86
CA GLU D 37 1.71 -14.01 18.25
C GLU D 37 3.07 -14.64 18.33
N GLY D 38 3.95 -14.22 17.44
CA GLY D 38 5.33 -14.66 17.48
C GLY D 38 5.66 -16.05 16.97
N ARG D 39 4.72 -16.76 16.34
CA ARG D 39 4.93 -18.14 15.83
C ARG D 39 4.35 -18.36 14.43
N MET D 40 4.75 -19.44 13.80
CA MET D 40 4.04 -19.94 12.62
C MET D 40 2.81 -20.76 13.06
N VAL D 41 1.63 -20.34 12.62
CA VAL D 41 0.36 -20.82 13.16
C VAL D 41 -0.72 -20.96 12.09
N TYR D 42 -1.85 -21.56 12.44
CA TYR D 42 -3.05 -21.44 11.64
C TYR D 42 -3.86 -20.29 12.24
N ILE D 43 -4.64 -19.61 11.41
CA ILE D 43 -5.53 -18.57 11.90
C ILE D 43 -6.92 -18.78 11.35
N GLY D 44 -7.92 -18.83 12.22
CA GLY D 44 -9.31 -18.99 11.84
C GLY D 44 -9.87 -17.82 11.02
N VAL D 45 -10.75 -18.13 10.08
CA VAL D 45 -11.39 -17.14 9.24
C VAL D 45 -12.91 -17.32 9.35
N GLY D 46 -13.62 -16.32 9.88
CA GLY D 46 -15.08 -16.40 9.94
C GLY D 46 -15.58 -17.28 11.07
N GLY D 47 -16.90 -17.55 11.06
CA GLY D 47 -17.59 -18.28 12.14
C GLY D 47 -17.21 -17.90 13.55
N ASP D 48 -17.15 -18.90 14.42
CA ASP D 48 -16.76 -18.71 15.81
C ASP D 48 -15.24 -18.66 16.03
N ILE D 49 -14.45 -18.80 14.95
CA ILE D 49 -12.99 -18.90 15.05
C ILE D 49 -12.24 -17.73 14.43
N ASP D 50 -13.00 -16.71 14.03
CA ASP D 50 -12.45 -15.56 13.32
C ASP D 50 -11.27 -14.89 14.00
N HIS D 51 -10.17 -14.76 13.26
CA HIS D 51 -8.92 -14.26 13.81
C HIS D 51 -8.34 -14.99 15.03
N LYS D 52 -8.82 -16.18 15.35
CA LYS D 52 -8.25 -16.90 16.50
C LYS D 52 -7.05 -17.72 16.03
N ILE D 53 -6.00 -17.70 16.84
CA ILE D 53 -4.75 -18.43 16.54
C ILE D 53 -4.95 -19.91 16.89
N ASN D 54 -4.57 -20.82 16.01
CA ASN D 54 -4.72 -22.25 16.28
C ASN D 54 -6.09 -22.61 16.92
N PRO D 55 -7.20 -22.19 16.29
CA PRO D 55 -8.49 -22.20 17.00
C PRO D 55 -8.91 -23.63 17.29
N THR D 56 -9.71 -23.80 18.33
CA THR D 56 -10.29 -25.10 18.60
C THR D 56 -11.54 -25.27 17.71
N LEU D 57 -11.60 -26.38 16.99
CA LEU D 57 -12.71 -26.61 16.08
C LEU D 57 -13.73 -27.49 16.79
N VAL D 58 -14.85 -26.90 17.21
CA VAL D 58 -15.83 -27.71 17.94
C VAL D 58 -16.99 -28.22 17.10
N VAL D 59 -17.20 -29.51 17.28
CA VAL D 59 -17.91 -30.33 16.37
C VAL D 59 -18.68 -31.36 17.21
N HIS D 60 -19.71 -31.96 16.62
CA HIS D 60 -20.56 -32.95 17.28
C HIS D 60 -20.50 -34.27 16.58
N GLU D 61 -20.56 -35.33 17.38
CA GLU D 61 -20.50 -36.70 16.89
C GLU D 61 -21.45 -36.91 15.70
N GLY D 62 -20.92 -37.48 14.63
CA GLY D 62 -21.73 -37.77 13.44
C GLY D 62 -21.77 -36.65 12.41
N GLU D 63 -21.32 -35.46 12.76
CA GLU D 63 -21.17 -34.39 11.75
C GLU D 63 -20.06 -34.66 10.72
N THR D 64 -20.33 -34.25 9.49
CA THR D 64 -19.32 -34.20 8.42
C THR D 64 -18.65 -32.86 8.60
N VAL D 65 -17.35 -32.89 8.82
CA VAL D 65 -16.56 -31.72 9.11
C VAL D 65 -15.73 -31.40 7.86
N GLN D 66 -15.83 -30.17 7.38
CA GLN D 66 -15.06 -29.70 6.24
C GLN D 66 -14.09 -28.65 6.70
N VAL D 67 -12.84 -28.76 6.24
CA VAL D 67 -11.79 -27.76 6.59
C VAL D 67 -11.21 -27.19 5.29
N ASN D 68 -11.18 -25.86 5.19
CA ASN D 68 -10.59 -25.13 4.07
C ASN D 68 -9.28 -24.53 4.54
N LEU D 69 -8.18 -25.02 3.99
CA LEU D 69 -6.87 -24.49 4.30
C LEU D 69 -6.47 -23.55 3.17
N VAL D 70 -6.09 -22.32 3.52
CA VAL D 70 -5.60 -21.37 2.54
C VAL D 70 -4.19 -20.93 2.98
N ASN D 71 -3.23 -20.99 2.07
CA ASN D 71 -1.88 -20.59 2.36
C ASN D 71 -1.74 -19.07 2.45
N GLY D 72 -1.29 -18.58 3.61
CA GLY D 72 -1.31 -17.14 3.87
C GLY D 72 0.00 -16.46 3.52
N GLU D 73 1.12 -17.12 3.79
CA GLU D 73 2.42 -16.47 3.71
C GLU D 73 3.37 -17.11 2.72
N GLY D 74 3.07 -18.31 2.23
CA GLY D 74 3.86 -18.86 1.14
C GLY D 74 4.86 -19.93 1.50
N ALA D 75 4.91 -20.35 2.76
CA ALA D 75 5.66 -21.56 3.09
C ALA D 75 4.78 -22.77 2.73
N GLN D 76 5.37 -23.96 2.75
CA GLN D 76 4.63 -25.17 2.39
C GLN D 76 3.83 -25.68 3.59
N HIS D 77 2.54 -25.99 3.38
CA HIS D 77 1.70 -26.46 4.49
C HIS D 77 0.75 -27.59 4.14
N ASP D 78 0.25 -28.25 5.16
CA ASP D 78 -0.98 -29.03 5.06
C ASP D 78 -1.65 -28.96 6.40
N VAL D 79 -2.75 -29.70 6.57
CA VAL D 79 -3.39 -29.96 7.85
C VAL D 79 -3.62 -31.46 7.88
N VAL D 80 -3.21 -32.11 8.98
CA VAL D 80 -3.45 -33.53 9.19
C VAL D 80 -4.28 -33.65 10.50
N VAL D 81 -5.34 -34.45 10.48
CA VAL D 81 -6.11 -34.65 11.71
C VAL D 81 -5.70 -35.98 12.34
N ASP D 82 -5.17 -35.87 13.56
CA ASP D 82 -4.67 -37.00 14.30
C ASP D 82 -5.78 -37.96 14.71
N GLN D 83 -5.61 -39.22 14.27
CA GLN D 83 -6.51 -40.36 14.56
C GLN D 83 -7.59 -40.54 13.51
N TYR D 84 -7.87 -39.52 12.73
CA TYR D 84 -8.93 -39.65 11.75
C TYR D 84 -8.46 -40.04 10.37
N ALA D 85 -7.15 -40.08 10.19
CA ALA D 85 -6.54 -40.28 8.86
C ALA D 85 -7.02 -39.24 7.81
N ALA D 86 -7.40 -38.05 8.23
CA ALA D 86 -7.92 -37.08 7.29
C ALA D 86 -6.87 -36.01 7.13
N ARG D 87 -6.67 -35.57 5.91
CA ARG D 87 -5.71 -34.52 5.67
C ARG D 87 -6.02 -33.74 4.41
N SER D 88 -5.51 -32.52 4.35
CA SER D 88 -5.56 -31.69 3.16
C SER D 88 -4.40 -32.10 2.26
N ALA D 89 -4.47 -31.65 1.01
CA ALA D 89 -3.31 -31.69 0.17
C ALA D 89 -2.29 -30.62 0.66
N ILE D 90 -1.06 -30.78 0.20
CA ILE D 90 -0.05 -29.81 0.50
C ILE D 90 -0.27 -28.56 -0.39
N VAL D 91 0.02 -27.41 0.20
CA VAL D 91 -0.35 -26.12 -0.32
C VAL D 91 0.96 -25.36 -0.32
N ASN D 92 1.42 -24.96 -1.52
CA ASN D 92 2.77 -24.38 -1.69
C ASN D 92 2.84 -22.84 -1.73
N GLY D 93 2.18 -22.21 -2.69
CA GLY D 93 2.30 -20.75 -2.71
C GLY D 93 1.22 -20.02 -1.93
N LYS D 94 1.46 -18.73 -1.75
CA LYS D 94 0.49 -17.86 -1.16
C LYS D 94 -0.85 -17.98 -1.90
N ASN D 95 -1.95 -18.10 -1.15
CA ASN D 95 -3.30 -18.31 -1.74
C ASN D 95 -3.66 -19.72 -2.14
N ALA D 96 -2.66 -20.58 -2.35
CA ALA D 96 -2.91 -21.99 -2.66
C ALA D 96 -3.75 -22.62 -1.56
N SER D 97 -4.69 -23.47 -1.98
CA SER D 97 -5.79 -23.87 -1.10
C SER D 97 -6.07 -25.39 -1.21
N SER D 98 -6.52 -25.97 -0.11
CA SER D 98 -6.92 -27.36 -0.12
C SER D 98 -8.02 -27.54 0.88
N THR D 99 -9.00 -28.28 0.45
CA THR D 99 -10.26 -28.40 1.12
C THR D 99 -10.37 -29.95 1.43
N PHE D 100 -10.85 -30.36 2.60
CA PHE D 100 -11.07 -31.81 2.83
C PHE D 100 -12.12 -32.00 3.89
N SER D 101 -12.62 -33.21 4.03
CA SER D 101 -13.64 -33.47 5.03
C SER D 101 -13.42 -34.81 5.73
N PHE D 102 -14.11 -35.00 6.85
CA PHE D 102 -14.13 -36.29 7.56
C PHE D 102 -15.40 -36.34 8.38
N VAL D 103 -15.91 -37.54 8.63
CA VAL D 103 -17.03 -37.71 9.56
C VAL D 103 -16.47 -37.82 11.00
N ALA D 104 -16.91 -36.93 11.89
CA ALA D 104 -16.45 -36.96 13.28
C ALA D 104 -17.19 -38.07 14.05
N SER D 105 -16.77 -39.31 13.85
CA SER D 105 -17.52 -40.45 14.37
C SER D 105 -17.10 -40.86 15.81
N LYS D 106 -16.01 -40.30 16.33
CA LYS D 106 -15.49 -40.63 17.69
C LYS D 106 -15.39 -39.36 18.54
N VAL D 107 -16.20 -39.30 19.61
CA VAL D 107 -16.12 -38.24 20.65
C VAL D 107 -14.69 -38.18 21.22
N GLY D 108 -14.24 -37.01 21.63
CA GLY D 108 -12.85 -36.84 22.05
C GLY D 108 -12.16 -35.56 21.57
N GLU D 109 -10.88 -35.44 21.90
CA GLU D 109 -10.04 -34.34 21.46
C GLU D 109 -8.96 -34.87 20.56
N PHE D 110 -8.73 -34.19 19.43
CA PHE D 110 -7.81 -34.67 18.40
C PHE D 110 -7.00 -33.49 17.90
N ASN D 111 -5.69 -33.63 17.83
CA ASN D 111 -4.88 -32.53 17.31
C ASN D 111 -5.04 -32.44 15.80
N TYR D 112 -5.01 -31.22 15.28
CA TYR D 112 -4.71 -31.03 13.87
C TYR D 112 -3.38 -30.27 13.81
N TYR D 113 -2.59 -30.55 12.80
CA TYR D 113 -1.24 -30.05 12.75
C TYR D 113 -0.72 -30.06 11.31
N CYS D 114 0.30 -29.24 11.06
CA CYS D 114 1.02 -29.30 9.81
C CYS D 114 2.13 -30.36 9.87
N SER D 115 2.17 -31.21 8.85
CA SER D 115 3.13 -32.34 8.80
C SER D 115 4.45 -31.95 8.17
N ILE D 116 4.55 -30.71 7.67
CA ILE D 116 5.77 -30.30 6.97
C ILE D 116 6.89 -30.14 8.01
N ALA D 117 8.13 -30.49 7.64
CA ALA D 117 9.22 -30.65 8.61
C ALA D 117 9.40 -29.36 9.41
N GLY D 118 9.31 -29.49 10.73
CA GLY D 118 9.52 -28.38 11.67
C GLY D 118 8.27 -27.57 11.99
N HIS D 119 7.25 -27.64 11.14
CA HIS D 119 6.11 -26.72 11.29
C HIS D 119 5.25 -26.92 12.52
N ARG D 120 4.97 -28.17 12.87
CA ARG D 120 4.21 -28.42 14.10
C ARG D 120 4.96 -27.90 15.32
N GLN D 121 6.27 -28.15 15.37
CA GLN D 121 7.16 -27.59 16.42
C GLN D 121 7.19 -26.07 16.40
N ALA D 122 7.24 -25.46 15.21
CA ALA D 122 7.19 -24.00 15.09
C ALA D 122 5.88 -23.40 15.57
N GLY D 123 4.83 -24.21 15.71
CA GLY D 123 3.60 -23.71 16.30
C GLY D 123 2.32 -24.12 15.59
N MET D 124 2.42 -24.81 14.46
CA MET D 124 1.20 -25.16 13.67
C MET D 124 0.50 -26.40 14.21
N GLU D 125 -0.33 -26.20 15.23
CA GLU D 125 -1.10 -27.25 15.84
C GLU D 125 -2.30 -26.65 16.56
N GLY D 126 -3.46 -27.29 16.47
CA GLY D 126 -4.61 -26.92 17.27
C GLY D 126 -5.41 -28.17 17.60
N ASN D 127 -6.62 -27.99 18.15
CA ASN D 127 -7.51 -29.08 18.56
C ASN D 127 -8.83 -29.15 17.83
N ILE D 128 -9.32 -30.37 17.65
CA ILE D 128 -10.70 -30.61 17.28
C ILE D 128 -11.40 -31.28 18.49
N GLN D 129 -12.47 -30.67 18.97
CA GLN D 129 -13.32 -31.23 20.05
C GLN D 129 -14.58 -31.87 19.46
N VAL D 130 -14.65 -33.19 19.47
CA VAL D 130 -15.86 -33.87 19.05
C VAL D 130 -16.69 -34.11 20.30
N LEU D 131 -17.82 -33.41 20.38
CA LEU D 131 -18.72 -33.48 21.52
C LEU D 131 -19.88 -34.45 21.26
N PRO D 132 -20.45 -35.03 22.33
CA PRO D 132 -21.60 -35.90 22.08
C PRO D 132 -22.87 -35.07 21.84
N GLY D 133 -23.94 -35.69 21.36
CA GLY D 133 -25.19 -34.97 21.19
C GLY D 133 -25.24 -34.22 19.86
N ASN D 134 -26.23 -33.34 19.74
CA ASN D 134 -26.48 -32.56 18.54
C ASN D 134 -26.10 -31.12 18.75
N ARG D 135 -25.74 -30.45 17.65
CA ARG D 135 -25.44 -29.02 17.65
C ARG D 135 -26.67 -28.23 18.04
N ALA D 136 -26.45 -27.19 18.86
CA ALA D 136 -27.53 -26.27 19.21
C ALA D 136 -28.14 -25.68 17.96
N GLU D 137 -29.42 -25.30 18.09
CA GLU D 137 -30.15 -24.57 17.06
C GLU D 137 -29.46 -23.24 16.81
N MET D 138 -29.61 -22.70 15.61
CA MET D 138 -29.10 -21.39 15.28
C MET D 138 -29.83 -20.35 16.13
N LYS D 139 -29.11 -19.33 16.57
CA LYS D 139 -29.69 -18.25 17.38
C LYS D 139 -29.08 -16.92 16.97
N SER D 140 -29.84 -15.85 17.16
CA SER D 140 -29.36 -14.53 16.88
C SER D 140 -30.32 -13.56 17.56
N SER D 141 -30.00 -12.28 17.52
CA SER D 141 -30.90 -11.28 18.02
C SER D 141 -31.96 -10.85 16.97
N GLY D 142 -32.02 -11.54 15.82
CA GLY D 142 -32.98 -11.16 14.75
C GLY D 142 -34.23 -12.01 14.70
N ALA D 143 -35.26 -11.49 14.05
CA ALA D 143 -36.52 -12.20 13.86
C ALA D 143 -36.35 -13.35 12.84
N ASP D 144 -37.13 -14.42 12.99
CA ASP D 144 -37.21 -15.43 11.97
C ASP D 144 -38.00 -14.87 10.79
N ILE D 145 -37.33 -14.75 9.64
CA ILE D 145 -37.98 -14.19 8.48
C ILE D 145 -38.20 -15.24 7.39
N THR D 146 -38.04 -16.52 7.73
CA THR D 146 -38.13 -17.56 6.75
C THR D 146 -39.55 -17.95 6.39
N ARG D 147 -39.80 -18.09 5.09
CA ARG D 147 -41.03 -18.71 4.66
C ARG D 147 -40.95 -20.21 4.86
N ASP D 148 -41.92 -20.78 5.55
CA ASP D 148 -42.03 -22.21 5.66
C ASP D 148 -42.48 -22.71 4.26
N PRO D 149 -41.78 -23.70 3.70
CA PRO D 149 -42.10 -24.17 2.32
C PRO D 149 -43.49 -24.79 2.18
N ALA D 150 -44.09 -25.30 3.26
CA ALA D 150 -45.49 -25.76 3.26
C ALA D 150 -46.51 -24.61 3.44
N ASP D 151 -46.03 -23.40 3.65
CA ASP D 151 -46.92 -22.24 3.85
C ASP D 151 -47.39 -21.62 2.51
N LEU D 152 -48.41 -22.23 1.90
CA LEU D 152 -49.07 -21.70 0.68
C LEU D 152 -50.55 -22.21 0.62
N PRO D 153 -51.46 -21.48 -0.07
CA PRO D 153 -52.81 -22.00 -0.37
C PRO D 153 -52.80 -23.23 -1.27
N GLY D 154 -53.77 -24.13 -1.06
CA GLY D 154 -53.85 -25.34 -1.87
C GLY D 154 -54.60 -25.08 -3.19
N PRO D 155 -54.73 -26.12 -4.03
CA PRO D 155 -55.47 -25.94 -5.23
C PRO D 155 -56.81 -25.23 -4.98
N ILE D 156 -57.14 -24.28 -5.83
CA ILE D 156 -58.42 -23.59 -5.79
C ILE D 156 -59.56 -24.60 -6.00
N GLY D 157 -60.65 -24.41 -5.25
CA GLY D 157 -61.82 -25.31 -5.34
C GLY D 157 -62.57 -25.13 -6.66
N PRO D 158 -63.66 -25.92 -6.87
CA PRO D 158 -64.47 -25.84 -8.10
C PRO D 158 -65.39 -24.61 -8.09
N ARG D 159 -64.85 -23.50 -8.57
CA ARG D 159 -65.32 -22.15 -8.42
C ARG D 159 -65.35 -21.60 -9.84
N GLN D 160 -66.27 -20.70 -10.15
CA GLN D 160 -66.11 -19.88 -11.35
C GLN D 160 -65.24 -18.64 -11.01
N ALA D 161 -64.95 -17.82 -12.02
CA ALA D 161 -64.15 -16.60 -11.84
C ALA D 161 -64.82 -15.64 -10.88
N LYS D 162 -64.04 -15.03 -10.00
CA LYS D 162 -64.57 -14.04 -9.04
C LYS D 162 -63.58 -12.90 -8.80
N THR D 163 -64.02 -11.92 -8.01
CA THR D 163 -63.12 -10.93 -7.49
C THR D 163 -62.47 -11.48 -6.22
N VAL D 164 -61.14 -11.50 -6.20
CA VAL D 164 -60.35 -12.04 -5.12
C VAL D 164 -59.66 -10.84 -4.47
N ARG D 165 -59.77 -10.73 -3.16
CA ARG D 165 -59.11 -9.68 -2.43
C ARG D 165 -57.80 -10.25 -1.96
N ILE D 166 -56.73 -9.49 -2.20
CA ILE D 166 -55.40 -9.86 -1.69
C ILE D 166 -54.84 -8.69 -0.90
N ASP D 167 -54.29 -9.01 0.27
CA ASP D 167 -53.64 -8.02 1.11
C ASP D 167 -52.15 -8.31 1.24
N LEU D 168 -51.35 -7.29 0.94
CA LEU D 168 -49.93 -7.32 1.21
C LEU D 168 -49.60 -6.20 2.18
N GLU D 169 -48.61 -6.45 3.01
CA GLU D 169 -48.06 -5.39 3.84
C GLU D 169 -46.54 -5.40 3.74
N THR D 170 -45.95 -4.24 3.53
CA THR D 170 -44.50 -4.13 3.38
C THR D 170 -43.85 -3.74 4.70
N VAL D 171 -43.00 -4.63 5.18
CA VAL D 171 -42.36 -4.44 6.47
C VAL D 171 -40.84 -4.66 6.48
N GLU D 172 -40.19 -3.72 7.15
CA GLU D 172 -38.76 -3.65 7.33
C GLU D 172 -38.46 -4.18 8.73
N VAL D 173 -37.56 -5.16 8.81
CA VAL D 173 -37.41 -5.91 10.04
C VAL D 173 -35.97 -6.39 10.16
N LYS D 174 -35.44 -6.35 11.38
CA LYS D 174 -34.15 -6.98 11.66
C LYS D 174 -34.31 -8.49 11.70
N GLY D 175 -33.67 -9.20 10.79
CA GLY D 175 -33.95 -10.62 10.62
C GLY D 175 -32.71 -11.44 10.84
N GLN D 176 -32.90 -12.69 11.20
CA GLN D 176 -31.79 -13.64 11.31
C GLN D 176 -31.37 -14.12 9.91
N LEU D 177 -30.13 -13.87 9.59
CA LEU D 177 -29.54 -14.28 8.31
C LEU D 177 -28.76 -15.59 8.47
N ASP D 178 -28.13 -15.79 9.64
CA ASP D 178 -27.32 -16.96 9.91
C ASP D 178 -27.18 -17.05 11.45
N ASP D 179 -26.61 -18.14 11.93
CA ASP D 179 -26.24 -18.24 13.33
C ASP D 179 -25.48 -16.97 13.74
N ASN D 180 -25.98 -16.29 14.76
CA ASN D 180 -25.32 -15.13 15.33
C ASN D 180 -25.11 -14.01 14.28
N THR D 181 -25.93 -14.01 13.24
CA THR D 181 -25.80 -13.00 12.20
C THR D 181 -27.14 -12.40 11.72
N THR D 182 -27.23 -11.08 11.68
CA THR D 182 -28.49 -10.43 11.38
C THR D 182 -28.39 -9.45 10.24
N TYR D 183 -29.55 -9.02 9.74
CA TYR D 183 -29.62 -8.16 8.55
C TYR D 183 -30.97 -7.45 8.51
N THR D 184 -31.02 -6.21 8.00
CA THR D 184 -32.30 -5.54 7.82
C THR D 184 -32.99 -6.01 6.53
N TYR D 185 -33.96 -6.89 6.69
CA TYR D 185 -34.74 -7.36 5.56
C TYR D 185 -35.90 -6.40 5.26
N TRP D 186 -36.28 -6.33 3.99
CA TRP D 186 -37.49 -5.62 3.60
C TRP D 186 -38.35 -6.73 3.02
N THR D 187 -39.60 -6.83 3.48
CA THR D 187 -40.38 -8.02 3.20
C THR D 187 -41.80 -7.69 2.84
N PHE D 188 -42.48 -8.64 2.18
CA PHE D 188 -43.91 -8.66 2.16
C PHE D 188 -44.39 -9.51 3.37
N ASN D 189 -45.06 -8.86 4.32
CA ASN D 189 -45.73 -9.57 5.41
C ASN D 189 -44.74 -10.28 6.30
N GLY D 190 -43.53 -9.75 6.36
CA GLY D 190 -42.57 -10.17 7.37
C GLY D 190 -41.79 -11.43 7.10
N LYS D 191 -41.94 -12.04 5.92
CA LYS D 191 -41.18 -13.28 5.59
C LYS D 191 -40.66 -13.22 4.18
N VAL D 192 -39.68 -14.10 3.87
CA VAL D 192 -39.04 -14.15 2.56
C VAL D 192 -39.05 -15.59 2.07
N PRO D 193 -39.65 -15.85 0.88
CA PRO D 193 -40.42 -14.98 -0.02
C PRO D 193 -41.72 -14.49 0.61
N GLY D 194 -42.35 -13.48 0.02
CA GLY D 194 -43.65 -13.08 0.47
C GLY D 194 -44.73 -14.16 0.34
N PRO D 195 -45.99 -13.80 0.69
CA PRO D 195 -47.09 -14.76 0.62
C PRO D 195 -47.28 -15.32 -0.76
N PHE D 196 -47.53 -16.63 -0.81
CA PHE D 196 -47.81 -17.30 -2.08
C PHE D 196 -49.25 -16.93 -2.42
N LEU D 197 -49.44 -16.23 -3.54
CA LEU D 197 -50.78 -15.85 -4.00
C LEU D 197 -51.30 -16.85 -5.04
N ARG D 198 -52.58 -17.19 -4.96
CA ARG D 198 -53.16 -18.22 -5.80
C ARG D 198 -54.54 -17.77 -6.28
N VAL D 199 -54.65 -17.53 -7.59
CA VAL D 199 -55.90 -17.13 -8.22
C VAL D 199 -56.11 -18.05 -9.42
N ARG D 200 -57.24 -17.92 -10.06
CA ARG D 200 -57.63 -18.74 -11.23
C ARG D 200 -57.67 -17.82 -12.42
N VAL D 201 -57.26 -18.24 -13.64
CA VAL D 201 -57.39 -17.32 -14.81
C VAL D 201 -58.79 -16.78 -14.87
N GLY D 202 -58.96 -15.51 -15.24
CA GLY D 202 -60.29 -14.93 -15.33
C GLY D 202 -60.73 -14.20 -14.07
N ASP D 203 -60.04 -14.44 -12.95
CA ASP D 203 -60.29 -13.73 -11.71
C ASP D 203 -59.91 -12.26 -11.89
N THR D 204 -60.58 -11.42 -11.11
CA THR D 204 -60.17 -10.03 -10.94
C THR D 204 -59.59 -9.95 -9.57
N VAL D 205 -58.39 -9.38 -9.45
CA VAL D 205 -57.71 -9.28 -8.17
C VAL D 205 -57.82 -7.85 -7.67
N GLU D 206 -58.32 -7.69 -6.44
CA GLU D 206 -58.31 -6.40 -5.76
C GLU D 206 -57.21 -6.43 -4.71
N LEU D 207 -56.10 -5.76 -5.02
CA LEU D 207 -54.93 -5.77 -4.15
C LEU D 207 -54.90 -4.52 -3.25
N HIS D 208 -54.76 -4.79 -1.95
CA HIS D 208 -54.57 -3.77 -0.96
C HIS D 208 -53.15 -3.87 -0.40
N LEU D 209 -52.35 -2.85 -0.64
CA LEU D 209 -50.98 -2.83 -0.15
C LEU D 209 -50.85 -1.74 0.91
N LYS D 210 -50.58 -2.17 2.14
CA LYS D 210 -50.24 -1.27 3.22
C LYS D 210 -48.73 -1.27 3.38
N ASN D 211 -48.14 -0.09 3.51
CA ASN D 211 -46.76 0.04 3.90
C ASN D 211 -46.72 0.37 5.41
N HIS D 212 -46.12 -0.49 6.22
CA HIS D 212 -46.10 -0.28 7.66
C HIS D 212 -45.53 1.12 8.01
N LYS D 213 -46.03 1.74 9.07
CA LYS D 213 -45.64 3.15 9.35
C LYS D 213 -44.19 3.34 9.85
N ASP D 214 -43.61 2.26 10.35
CA ASP D 214 -42.17 2.24 10.69
C ASP D 214 -41.19 2.13 9.49
N SER D 215 -41.71 1.83 8.31
CA SER D 215 -40.86 1.68 7.12
C SER D 215 -40.12 2.99 6.87
N LEU D 216 -38.85 2.92 6.46
CA LEU D 216 -38.16 4.15 6.03
C LEU D 216 -38.49 4.45 4.59
N MET D 217 -38.79 3.40 3.83
CA MET D 217 -38.84 3.51 2.38
C MET D 217 -40.27 3.46 1.89
N VAL D 218 -40.52 4.02 0.72
CA VAL D 218 -41.69 3.58 -0.04
C VAL D 218 -41.52 2.15 -0.58
N HIS D 219 -42.60 1.39 -0.64
CA HIS D 219 -42.64 0.06 -1.22
C HIS D 219 -43.81 -0.04 -2.19
N SER D 220 -43.82 -1.09 -3.01
CA SER D 220 -44.80 -1.28 -4.08
C SER D 220 -44.80 -2.74 -4.51
N VAL D 221 -45.48 -3.05 -5.60
CA VAL D 221 -45.50 -4.42 -6.06
C VAL D 221 -45.75 -4.44 -7.56
N ASP D 222 -45.01 -5.30 -8.25
CA ASP D 222 -45.11 -5.56 -9.68
C ASP D 222 -45.38 -7.06 -9.74
N PHE D 223 -46.53 -7.45 -10.30
CA PHE D 223 -46.85 -8.87 -10.53
C PHE D 223 -46.56 -9.20 -11.98
N HIS D 224 -45.75 -10.23 -12.21
CA HIS D 224 -45.51 -10.69 -13.59
C HIS D 224 -46.77 -11.28 -14.22
N GLY D 225 -47.74 -11.66 -13.38
CA GLY D 225 -49.03 -12.18 -13.87
C GLY D 225 -50.03 -11.09 -14.20
N ALA D 226 -49.68 -9.83 -13.89
CA ALA D 226 -50.60 -8.69 -14.09
C ALA D 226 -50.29 -8.06 -15.42
N THR D 227 -51.29 -7.42 -16.02
CA THR D 227 -51.17 -6.80 -17.35
C THR D 227 -51.45 -5.28 -17.22
N GLY D 228 -50.43 -4.46 -17.47
CA GLY D 228 -50.61 -3.03 -17.37
C GLY D 228 -49.40 -2.42 -16.66
N PRO D 229 -49.38 -1.07 -16.54
CA PRO D 229 -48.27 -0.23 -16.06
C PRO D 229 -47.55 -0.77 -14.81
N GLY D 230 -46.28 -1.16 -15.00
CA GLY D 230 -45.39 -1.61 -13.96
C GLY D 230 -45.83 -2.95 -13.39
N GLY D 231 -46.70 -3.65 -14.13
CA GLY D 231 -47.41 -4.83 -13.57
C GLY D 231 -48.09 -4.51 -12.23
N ALA D 232 -48.58 -3.25 -12.11
CA ALA D 232 -49.24 -2.64 -10.91
C ALA D 232 -48.39 -1.66 -10.12
N ALA D 233 -47.08 -1.63 -10.36
CA ALA D 233 -46.15 -0.74 -9.63
C ALA D 233 -46.53 0.71 -9.80
N ALA D 234 -47.09 1.04 -10.96
CA ALA D 234 -47.52 2.42 -11.24
C ALA D 234 -48.67 2.84 -10.32
N PHE D 235 -49.36 1.85 -9.77
CA PHE D 235 -50.52 2.10 -8.93
C PHE D 235 -50.25 1.85 -7.45
N THR D 236 -49.10 1.30 -7.12
CA THR D 236 -48.88 0.79 -5.76
C THR D 236 -47.68 1.39 -5.03
N GLN D 237 -47.13 2.52 -5.49
CA GLN D 237 -46.05 3.23 -4.73
C GLN D 237 -46.66 3.80 -3.44
N THR D 238 -46.34 3.20 -2.31
CA THR D 238 -47.06 3.43 -1.07
C THR D 238 -46.09 3.97 -0.02
N ASP D 239 -46.43 5.14 0.54
CA ASP D 239 -45.63 5.77 1.59
C ASP D 239 -45.82 5.02 2.89
N PRO D 240 -44.81 5.07 3.79
CA PRO D 240 -44.97 4.49 5.13
C PRO D 240 -46.27 4.98 5.82
N GLY D 241 -47.02 4.06 6.40
CA GLY D 241 -48.30 4.35 7.01
C GLY D 241 -49.48 4.45 6.05
N GLU D 242 -49.25 4.43 4.74
CA GLU D 242 -50.33 4.54 3.78
C GLU D 242 -50.75 3.19 3.23
N GLU D 243 -51.81 3.24 2.44
CA GLU D 243 -52.34 2.06 1.80
C GLU D 243 -52.64 2.42 0.38
N THR D 244 -52.48 1.46 -0.49
CA THR D 244 -52.73 1.70 -1.88
C THR D 244 -53.63 0.55 -2.35
N VAL D 245 -54.61 0.86 -3.18
CA VAL D 245 -55.40 -0.22 -3.78
C VAL D 245 -55.48 -0.21 -5.30
N VAL D 246 -55.34 -1.43 -5.85
CA VAL D 246 -55.32 -1.59 -7.28
C VAL D 246 -56.13 -2.83 -7.66
N THR D 247 -56.87 -2.74 -8.74
CA THR D 247 -57.52 -3.94 -9.27
C THR D 247 -57.08 -4.25 -10.66
N PHE D 248 -56.86 -5.54 -10.91
CA PHE D 248 -56.34 -6.00 -12.19
C PHE D 248 -56.87 -7.39 -12.53
N LYS D 249 -57.10 -7.64 -13.81
CA LYS D 249 -57.50 -8.98 -14.27
C LYS D 249 -56.33 -9.92 -14.42
N ALA D 250 -56.51 -11.16 -13.94
CA ALA D 250 -55.54 -12.24 -14.19
C ALA D 250 -55.88 -12.91 -15.52
N LEU D 251 -55.16 -12.52 -16.57
CA LEU D 251 -55.56 -12.87 -17.94
C LEU D 251 -54.95 -14.17 -18.45
N ILE D 252 -53.81 -14.59 -17.90
CA ILE D 252 -53.05 -15.70 -18.49
C ILE D 252 -52.53 -16.69 -17.44
N PRO D 253 -52.87 -17.97 -17.59
CA PRO D 253 -52.33 -18.81 -16.53
C PRO D 253 -50.79 -18.87 -16.54
N GLY D 254 -50.22 -19.10 -15.36
CA GLY D 254 -48.81 -19.37 -15.21
C GLY D 254 -48.38 -19.21 -13.77
N ILE D 255 -47.09 -19.46 -13.50
CA ILE D 255 -46.51 -19.28 -12.20
C ILE D 255 -45.55 -18.06 -12.31
N TYR D 256 -45.87 -16.99 -11.59
CA TYR D 256 -45.29 -15.68 -11.84
C TYR D 256 -44.57 -15.16 -10.63
N VAL D 257 -43.39 -14.56 -10.84
CA VAL D 257 -42.80 -13.83 -9.72
C VAL D 257 -43.44 -12.46 -9.53
N TYR D 258 -43.52 -12.06 -8.27
CA TYR D 258 -43.83 -10.68 -8.00
C TYR D 258 -42.76 -10.11 -7.09
N HIS D 259 -42.59 -8.80 -7.12
CA HIS D 259 -41.55 -8.20 -6.31
C HIS D 259 -41.82 -6.74 -6.15
N CYS D 260 -41.16 -6.11 -5.18
CA CYS D 260 -41.31 -4.68 -4.99
C CYS D 260 -40.70 -3.99 -6.21
N ALA D 261 -41.28 -2.86 -6.62
CA ALA D 261 -40.74 -2.15 -7.78
C ALA D 261 -40.53 -0.65 -7.54
N THR D 262 -40.05 -0.31 -6.35
CA THR D 262 -39.64 1.03 -6.04
C THR D 262 -38.10 1.12 -6.25
N PRO D 263 -37.62 2.15 -6.95
CA PRO D 263 -36.18 2.30 -7.12
C PRO D 263 -35.52 2.53 -5.77
N SER D 264 -34.41 1.86 -5.47
CA SER D 264 -33.72 0.93 -6.35
C SER D 264 -34.30 -0.47 -6.37
N VAL D 265 -34.83 -0.89 -7.52
CA VAL D 265 -35.53 -2.19 -7.57
C VAL D 265 -34.60 -3.35 -7.13
N PRO D 266 -33.36 -3.47 -7.69
CA PRO D 266 -32.52 -4.59 -7.19
C PRO D 266 -32.24 -4.50 -5.67
N THR D 267 -32.20 -3.29 -5.10
CA THR D 267 -32.06 -3.23 -3.66
C THR D 267 -33.30 -3.69 -2.90
N HIS D 268 -34.51 -3.34 -3.37
CA HIS D 268 -35.70 -3.83 -2.66
C HIS D 268 -35.79 -5.36 -2.76
N ILE D 269 -35.38 -5.92 -3.90
CA ILE D 269 -35.37 -7.38 -4.08
C ILE D 269 -34.33 -8.11 -3.23
N THR D 270 -33.09 -7.63 -3.24
CA THR D 270 -32.06 -8.37 -2.47
C THR D 270 -32.43 -8.38 -0.95
N ASN D 271 -33.02 -7.28 -0.48
CA ASN D 271 -33.50 -7.19 0.91
C ASN D 271 -34.67 -8.12 1.27
N GLY D 272 -35.35 -8.69 0.27
CA GLY D 272 -36.32 -9.78 0.51
C GLY D 272 -37.68 -9.66 -0.17
N MET D 273 -37.85 -8.65 -0.98
CA MET D 273 -39.20 -8.32 -1.44
C MET D 273 -39.51 -9.02 -2.74
N TYR D 274 -39.74 -10.33 -2.62
CA TYR D 274 -40.14 -11.12 -3.77
C TYR D 274 -41.08 -12.25 -3.36
N GLY D 275 -41.93 -12.72 -4.28
CA GLY D 275 -42.89 -13.79 -3.94
C GLY D 275 -43.40 -14.44 -5.19
N LEU D 276 -44.28 -15.42 -5.06
CA LEU D 276 -44.90 -16.06 -6.22
C LEU D 276 -46.42 -15.83 -6.28
N LEU D 277 -46.92 -15.74 -7.50
CA LEU D 277 -48.33 -15.69 -7.81
C LEU D 277 -48.64 -16.78 -8.87
N LEU D 278 -49.50 -17.72 -8.51
CA LEU D 278 -49.97 -18.72 -9.45
C LEU D 278 -51.33 -18.28 -9.96
N VAL D 279 -51.43 -18.18 -11.28
CA VAL D 279 -52.72 -18.05 -11.94
C VAL D 279 -52.96 -19.45 -12.56
N GLU D 280 -53.88 -20.18 -11.96
CA GLU D 280 -54.14 -21.54 -12.33
C GLU D 280 -54.91 -21.60 -13.63
N PRO D 281 -54.70 -22.67 -14.39
CA PRO D 281 -55.59 -22.90 -15.51
C PRO D 281 -56.99 -23.20 -14.98
N GLU D 282 -57.99 -23.02 -15.84
CA GLU D 282 -59.42 -23.27 -15.52
C GLU D 282 -59.73 -24.49 -14.60
N GLY D 283 -59.21 -25.67 -14.96
CA GLY D 283 -59.47 -26.90 -14.18
C GLY D 283 -58.35 -27.27 -13.22
N GLY D 284 -57.46 -26.31 -12.94
CA GLY D 284 -56.37 -26.49 -11.98
C GLY D 284 -55.18 -27.18 -12.60
N LEU D 285 -54.05 -27.15 -11.91
CA LEU D 285 -52.89 -27.99 -12.27
C LEU D 285 -53.20 -29.45 -11.95
N PRO D 286 -52.49 -30.41 -12.58
CA PRO D 286 -52.66 -31.82 -12.20
C PRO D 286 -52.54 -31.98 -10.69
N GLN D 287 -53.37 -32.86 -10.14
CA GLN D 287 -53.41 -33.09 -8.70
C GLN D 287 -52.17 -33.86 -8.23
N VAL D 288 -51.72 -33.56 -7.04
CA VAL D 288 -50.44 -33.97 -6.57
C VAL D 288 -50.73 -34.18 -5.08
N ASP D 289 -49.94 -34.98 -4.39
CA ASP D 289 -50.14 -35.24 -2.98
C ASP D 289 -49.72 -34.08 -2.10
N ARG D 290 -48.69 -33.35 -2.51
CA ARG D 290 -48.12 -32.32 -1.65
C ARG D 290 -47.50 -31.22 -2.49
N GLU D 291 -47.60 -29.97 -2.06
CA GLU D 291 -46.98 -28.84 -2.76
C GLU D 291 -46.05 -28.07 -1.84
N PHE D 292 -44.97 -27.52 -2.41
CA PHE D 292 -44.02 -26.67 -1.66
C PHE D 292 -43.72 -25.34 -2.37
N TYR D 293 -43.27 -24.39 -1.59
CA TYR D 293 -43.04 -23.03 -2.05
C TYR D 293 -41.58 -22.68 -1.81
N VAL D 294 -40.78 -22.56 -2.88
CA VAL D 294 -39.38 -22.16 -2.65
C VAL D 294 -38.85 -21.09 -3.57
N MET D 295 -38.19 -20.08 -2.99
CA MET D 295 -37.55 -19.07 -3.81
C MET D 295 -36.09 -18.91 -3.44
N GLN D 296 -35.29 -18.57 -4.46
CA GLN D 296 -33.85 -18.31 -4.29
C GLN D 296 -33.57 -16.81 -4.44
N GLY D 297 -32.69 -16.29 -3.58
CA GLY D 297 -32.26 -14.91 -3.72
C GLY D 297 -30.84 -14.76 -3.26
N GLU D 298 -30.28 -13.56 -3.43
CA GLU D 298 -28.93 -13.24 -2.98
C GLU D 298 -28.92 -12.04 -1.99
N ILE D 299 -27.92 -12.04 -1.10
CA ILE D 299 -27.68 -10.90 -0.23
C ILE D 299 -26.19 -10.53 -0.35
N TYR D 300 -25.93 -9.22 -0.39
CA TYR D 300 -24.64 -8.65 -0.72
C TYR D 300 -24.17 -7.87 0.49
N THR D 301 -23.44 -8.51 1.38
CA THR D 301 -23.05 -7.89 2.65
C THR D 301 -21.63 -7.30 2.53
N VAL D 302 -21.36 -6.27 3.32
CA VAL D 302 -20.02 -5.71 3.43
C VAL D 302 -19.00 -6.78 3.87
N LYS D 303 -19.33 -7.55 4.90
CA LYS D 303 -18.43 -8.60 5.35
C LYS D 303 -18.64 -9.88 4.57
N SER D 304 -17.59 -10.70 4.48
CA SER D 304 -17.67 -11.97 3.76
C SER D 304 -18.64 -12.97 4.38
N PHE D 305 -19.24 -13.82 3.56
CA PHE D 305 -20.03 -14.99 4.06
C PHE D 305 -19.34 -15.66 5.28
N GLY D 306 -20.10 -16.06 6.28
CA GLY D 306 -19.59 -16.74 7.48
C GLY D 306 -19.12 -15.81 8.59
N THR D 307 -19.07 -14.50 8.33
CA THR D 307 -18.69 -13.53 9.36
C THR D 307 -19.89 -13.09 10.12
N SER D 308 -19.89 -13.33 11.43
CA SER D 308 -21.04 -13.10 12.27
C SER D 308 -21.24 -11.63 12.62
N GLY D 309 -22.33 -11.33 13.31
CA GLY D 309 -22.62 -9.94 13.73
C GLY D 309 -23.65 -9.30 12.81
N GLU D 310 -23.75 -7.97 12.85
CA GLU D 310 -24.77 -7.20 12.18
C GLU D 310 -24.33 -6.84 10.76
N GLN D 311 -25.05 -7.37 9.77
CA GLN D 311 -24.64 -7.27 8.40
C GLN D 311 -25.27 -6.04 7.74
N GLU D 312 -24.57 -5.47 6.77
CA GLU D 312 -25.08 -4.32 6.03
C GLU D 312 -24.89 -4.55 4.55
N MET D 313 -25.71 -3.89 3.75
CA MET D 313 -25.63 -4.01 2.31
C MET D 313 -24.37 -3.31 1.79
N ASP D 314 -23.77 -3.92 0.78
CA ASP D 314 -22.61 -3.35 0.12
C ASP D 314 -23.07 -3.10 -1.32
N TYR D 315 -23.23 -1.83 -1.66
CA TYR D 315 -23.79 -1.49 -2.95
C TYR D 315 -22.84 -1.84 -4.14
N GLU D 316 -21.55 -1.72 -3.93
CA GLU D 316 -20.57 -2.10 -4.94
C GLU D 316 -20.71 -3.58 -5.26
N LYS D 317 -20.87 -4.42 -4.25
CA LYS D 317 -21.09 -5.85 -4.49
C LYS D 317 -22.43 -6.13 -5.20
N LEU D 318 -23.48 -5.41 -4.80
CA LEU D 318 -24.79 -5.54 -5.44
C LEU D 318 -24.72 -5.20 -6.94
N ILE D 319 -24.25 -4.00 -7.24
CA ILE D 319 -24.31 -3.55 -8.64
C ILE D 319 -23.38 -4.30 -9.53
N ASN D 320 -22.32 -4.85 -8.96
CA ASN D 320 -21.32 -5.63 -9.70
C ASN D 320 -21.54 -7.13 -9.59
N GLU D 321 -22.66 -7.57 -8.99
CA GLU D 321 -23.07 -8.97 -9.00
C GLU D 321 -22.05 -9.86 -8.28
N LYS D 322 -21.64 -9.43 -7.08
CA LYS D 322 -20.72 -10.24 -6.23
C LYS D 322 -21.39 -10.67 -4.89
N PRO D 323 -22.28 -11.67 -4.95
CA PRO D 323 -23.05 -11.99 -3.74
C PRO D 323 -22.20 -12.53 -2.60
N GLU D 324 -22.65 -12.34 -1.36
CA GLU D 324 -22.04 -13.05 -0.24
C GLU D 324 -22.90 -14.23 0.22
N TYR D 325 -24.22 -14.08 0.17
CA TYR D 325 -25.17 -15.13 0.58
C TYR D 325 -26.06 -15.53 -0.60
N PHE D 326 -26.25 -16.84 -0.80
CA PHE D 326 -27.28 -17.33 -1.68
C PHE D 326 -28.24 -18.12 -0.76
N LEU D 327 -29.54 -17.88 -0.93
CA LEU D 327 -30.51 -18.28 0.08
C LEU D 327 -31.77 -18.90 -0.51
N PHE D 328 -32.23 -20.01 0.07
CA PHE D 328 -33.61 -20.49 -0.15
C PHE D 328 -34.44 -19.92 1.00
N ASN D 329 -35.57 -19.31 0.68
CA ASN D 329 -36.50 -18.87 1.71
C ASN D 329 -35.88 -18.03 2.83
N GLY D 330 -35.04 -17.05 2.47
CA GLY D 330 -34.69 -15.99 3.41
C GLY D 330 -33.41 -16.04 4.24
N SER D 331 -32.89 -17.23 4.55
CA SER D 331 -31.86 -17.30 5.57
C SER D 331 -31.03 -18.58 5.42
N VAL D 332 -29.86 -18.60 6.07
CA VAL D 332 -29.02 -19.78 6.10
C VAL D 332 -29.67 -20.84 6.98
N GLY D 333 -29.78 -22.06 6.46
CA GLY D 333 -30.41 -23.13 7.24
C GLY D 333 -31.95 -23.08 7.22
N SER D 334 -32.48 -22.11 6.50
CA SER D 334 -33.93 -21.96 6.36
C SER D 334 -34.63 -23.29 6.04
N LEU D 335 -34.13 -24.01 5.03
CA LEU D 335 -34.74 -25.27 4.60
C LEU D 335 -34.01 -26.53 5.03
N THR D 336 -32.98 -26.39 5.87
CA THR D 336 -32.31 -27.56 6.40
C THR D 336 -32.68 -27.76 7.87
N ARG D 337 -32.54 -26.72 8.67
CA ARG D 337 -32.72 -26.83 10.10
C ARG D 337 -34.04 -26.22 10.57
N SER D 338 -34.49 -25.11 9.98
CA SER D 338 -35.66 -24.38 10.51
C SER D 338 -36.95 -25.00 10.02
N HIS D 339 -37.12 -25.01 8.70
CA HIS D 339 -38.32 -25.57 8.07
C HIS D 339 -38.00 -26.49 6.89
N PRO D 340 -37.41 -27.67 7.13
CA PRO D 340 -37.15 -28.57 6.00
C PRO D 340 -38.45 -29.04 5.31
N LEU D 341 -38.34 -29.56 4.09
CA LEU D 341 -39.47 -30.19 3.38
C LEU D 341 -39.63 -31.64 3.86
N TYR D 342 -40.87 -32.13 3.94
CA TYR D 342 -41.15 -33.50 4.37
C TYR D 342 -42.15 -34.07 3.42
N ALA D 343 -41.92 -35.31 2.95
CA ALA D 343 -42.94 -36.04 2.20
C ALA D 343 -42.86 -37.52 2.54
N SER D 344 -43.75 -38.31 1.96
CA SER D 344 -43.77 -39.78 2.17
C SER D 344 -43.52 -40.55 0.88
N VAL D 345 -42.95 -41.75 1.00
CA VAL D 345 -42.70 -42.57 -0.19
C VAL D 345 -43.99 -42.92 -0.87
N GLY D 346 -43.97 -42.88 -2.20
CA GLY D 346 -45.20 -43.00 -3.01
C GLY D 346 -45.91 -41.69 -3.31
N GLU D 347 -45.60 -40.62 -2.60
CA GLU D 347 -46.27 -39.32 -2.87
C GLU D 347 -45.70 -38.66 -4.12
N THR D 348 -46.58 -38.05 -4.90
CA THR D 348 -46.14 -37.17 -5.98
C THR D 348 -46.09 -35.75 -5.41
N VAL D 349 -44.94 -35.10 -5.56
CA VAL D 349 -44.63 -33.81 -4.97
C VAL D 349 -44.50 -32.76 -6.07
N ARG D 350 -44.97 -31.54 -5.78
CA ARG D 350 -44.80 -30.38 -6.64
C ARG D 350 -44.01 -29.31 -5.88
N ILE D 351 -42.97 -28.77 -6.53
CA ILE D 351 -42.31 -27.56 -6.04
C ILE D 351 -42.57 -26.37 -6.98
N PHE D 352 -43.15 -25.31 -6.44
CA PHE D 352 -43.22 -24.01 -7.06
C PHE D 352 -41.90 -23.33 -6.72
N PHE D 353 -41.05 -23.14 -7.73
CA PHE D 353 -39.70 -22.62 -7.47
C PHE D 353 -39.52 -21.37 -8.27
N GLY D 354 -39.05 -20.31 -7.64
CA GLY D 354 -38.84 -19.06 -8.32
C GLY D 354 -37.57 -18.40 -7.85
N VAL D 355 -37.04 -17.52 -8.69
CA VAL D 355 -35.82 -16.80 -8.38
C VAL D 355 -36.20 -15.31 -8.31
N GLY D 356 -36.17 -14.77 -7.10
CA GLY D 356 -36.21 -13.31 -6.87
C GLY D 356 -34.92 -12.67 -7.36
N GLY D 357 -33.79 -13.31 -7.07
CA GLY D 357 -32.47 -12.84 -7.48
C GLY D 357 -31.88 -11.88 -6.45
N PRO D 358 -31.57 -10.62 -6.85
CA PRO D 358 -31.88 -9.95 -8.12
C PRO D 358 -31.18 -10.46 -9.41
N ASN D 359 -30.05 -11.17 -9.33
CA ASN D 359 -29.15 -11.30 -10.49
C ASN D 359 -28.86 -12.68 -11.11
N PHE D 360 -28.90 -13.73 -10.29
CA PHE D 360 -28.31 -15.02 -10.66
C PHE D 360 -29.37 -16.02 -11.11
N THR D 361 -29.09 -16.66 -12.23
CA THR D 361 -29.91 -17.76 -12.77
C THR D 361 -29.56 -19.01 -11.96
N SER D 362 -30.61 -19.68 -11.48
CA SER D 362 -30.44 -20.89 -10.67
C SER D 362 -30.53 -22.16 -11.52
N SER D 363 -29.67 -23.15 -11.22
CA SER D 363 -29.71 -24.42 -11.90
C SER D 363 -30.30 -25.42 -10.92
N PHE D 364 -31.63 -25.40 -10.84
CA PHE D 364 -32.31 -26.03 -9.75
C PHE D 364 -32.31 -27.54 -9.89
N HIS D 365 -31.86 -28.20 -8.83
CA HIS D 365 -31.74 -29.65 -8.84
C HIS D 365 -32.14 -30.23 -7.45
N VAL D 366 -32.79 -31.40 -7.44
CA VAL D 366 -33.02 -32.15 -6.19
C VAL D 366 -32.15 -33.39 -6.18
N ILE D 367 -31.09 -33.37 -5.37
CA ILE D 367 -30.13 -34.47 -5.34
C ILE D 367 -30.84 -35.77 -4.90
N GLY D 368 -30.75 -36.80 -5.73
CA GLY D 368 -31.33 -38.12 -5.44
C GLY D 368 -32.67 -38.33 -6.11
N GLU D 369 -33.21 -37.26 -6.71
CA GLU D 369 -34.47 -37.39 -7.47
C GLU D 369 -34.39 -36.84 -8.89
N ILE D 370 -35.46 -37.02 -9.67
CA ILE D 370 -35.49 -36.64 -11.09
C ILE D 370 -36.85 -35.99 -11.28
N PHE D 371 -36.89 -34.84 -11.97
CA PHE D 371 -38.17 -34.22 -12.23
C PHE D 371 -38.93 -34.97 -13.32
N ASP D 372 -40.12 -35.48 -12.97
CA ASP D 372 -40.97 -36.18 -13.93
C ASP D 372 -41.53 -35.16 -14.90
N HIS D 373 -41.91 -33.99 -14.39
CA HIS D 373 -42.44 -32.90 -15.21
C HIS D 373 -41.78 -31.56 -14.85
N VAL D 374 -41.36 -30.83 -15.89
CA VAL D 374 -40.86 -29.48 -15.73
C VAL D 374 -41.61 -28.51 -16.61
N TYR D 375 -42.22 -27.51 -15.98
CA TYR D 375 -42.99 -26.50 -16.72
C TYR D 375 -42.02 -25.43 -17.19
N SER D 376 -41.49 -25.64 -18.40
CA SER D 376 -40.43 -24.81 -18.97
C SER D 376 -40.80 -23.34 -18.94
N LEU D 377 -39.92 -22.52 -18.37
CA LEU D 377 -40.05 -21.06 -18.30
C LEU D 377 -41.32 -20.60 -17.55
N GLY D 378 -41.87 -21.53 -16.76
CA GLY D 378 -43.07 -21.30 -15.99
C GLY D 378 -44.36 -21.33 -16.76
N SER D 379 -44.30 -21.81 -18.00
CA SER D 379 -45.49 -21.98 -18.81
C SER D 379 -46.36 -23.12 -18.24
N VAL D 380 -47.62 -22.77 -18.05
CA VAL D 380 -48.59 -23.67 -17.54
C VAL D 380 -49.50 -24.17 -18.69
N VAL D 381 -49.50 -23.47 -19.83
CA VAL D 381 -50.35 -23.87 -20.95
C VAL D 381 -49.64 -24.90 -21.87
N SER D 382 -48.34 -24.73 -22.07
CA SER D 382 -47.58 -25.68 -22.87
C SER D 382 -47.39 -27.00 -22.13
N PRO D 383 -47.30 -28.13 -22.89
CA PRO D 383 -46.94 -29.42 -22.25
C PRO D 383 -45.61 -29.31 -21.51
N PRO D 384 -45.57 -29.74 -20.23
CA PRO D 384 -44.29 -29.79 -19.50
C PRO D 384 -43.30 -30.75 -20.15
N LEU D 385 -42.00 -30.49 -20.00
CA LEU D 385 -40.95 -31.45 -20.35
C LEU D 385 -40.94 -32.61 -19.37
N ILE D 386 -40.41 -33.76 -19.83
CA ILE D 386 -40.52 -35.00 -19.11
C ILE D 386 -39.15 -35.57 -18.78
N GLY D 387 -38.93 -35.96 -17.53
CA GLY D 387 -37.65 -36.62 -17.18
C GLY D 387 -36.40 -35.74 -17.27
N VAL D 388 -36.35 -34.72 -16.39
CA VAL D 388 -35.30 -33.67 -16.40
C VAL D 388 -34.52 -33.69 -15.06
N GLN D 389 -33.17 -33.66 -15.12
CA GLN D 389 -32.35 -33.62 -13.90
C GLN D 389 -32.33 -32.24 -13.23
N THR D 390 -32.13 -31.21 -14.06
CA THR D 390 -31.90 -29.87 -13.57
C THR D 390 -32.48 -28.81 -14.48
N VAL D 391 -33.08 -27.78 -13.88
CA VAL D 391 -33.80 -26.78 -14.63
C VAL D 391 -33.20 -25.39 -14.36
N SER D 392 -32.82 -24.71 -15.43
CA SER D 392 -32.32 -23.35 -15.39
C SER D 392 -33.49 -22.38 -15.15
N VAL D 393 -33.42 -21.60 -14.08
CA VAL D 393 -34.52 -20.64 -13.77
C VAL D 393 -33.94 -19.21 -13.64
N PRO D 394 -34.33 -18.27 -14.52
CA PRO D 394 -33.70 -16.96 -14.48
C PRO D 394 -34.21 -16.10 -13.31
N PRO D 395 -33.45 -15.05 -12.92
CA PRO D 395 -34.02 -14.11 -11.95
C PRO D 395 -35.31 -13.52 -12.52
N GLY D 396 -36.34 -13.34 -11.70
CA GLY D 396 -37.61 -12.86 -12.24
C GLY D 396 -38.37 -13.92 -13.04
N GLY D 397 -37.96 -15.19 -12.91
CA GLY D 397 -38.66 -16.31 -13.54
C GLY D 397 -39.02 -17.36 -12.50
N ALA D 398 -39.98 -18.23 -12.84
CA ALA D 398 -40.39 -19.33 -11.92
C ALA D 398 -40.68 -20.54 -12.78
N THR D 399 -40.62 -21.76 -12.19
CA THR D 399 -41.14 -22.98 -12.80
C THR D 399 -41.96 -23.76 -11.77
N ILE D 400 -42.49 -24.89 -12.24
CA ILE D 400 -43.13 -25.87 -11.42
C ILE D 400 -42.41 -27.16 -11.79
N VAL D 401 -41.97 -27.91 -10.79
CA VAL D 401 -41.46 -29.23 -11.05
C VAL D 401 -42.36 -30.19 -10.24
N ASP D 402 -42.68 -31.35 -10.84
CA ASP D 402 -43.37 -32.46 -10.13
C ASP D 402 -42.48 -33.71 -10.20
N PHE D 403 -42.59 -34.55 -9.17
CA PHE D 403 -41.91 -35.86 -9.16
C PHE D 403 -42.53 -36.80 -8.14
N LYS D 404 -42.68 -38.07 -8.52
CA LYS D 404 -43.05 -39.08 -7.56
C LYS D 404 -41.82 -39.47 -6.74
N ILE D 405 -41.99 -39.57 -5.43
CA ILE D 405 -40.94 -40.10 -4.54
C ILE D 405 -41.09 -41.64 -4.47
N ASP D 406 -40.05 -42.37 -4.89
CA ASP D 406 -40.18 -43.82 -5.05
C ASP D 406 -39.68 -44.47 -3.82
N ARG D 407 -38.80 -43.80 -3.09
CA ARG D 407 -38.21 -44.44 -1.92
C ARG D 407 -37.74 -43.41 -0.91
N ALA D 408 -37.33 -43.92 0.25
CA ALA D 408 -36.88 -43.09 1.36
C ALA D 408 -35.53 -42.41 1.08
N GLY D 409 -35.27 -41.31 1.80
CA GLY D 409 -33.99 -40.66 1.83
C GLY D 409 -34.10 -39.19 2.18
N ARG D 410 -32.95 -38.59 2.44
CA ARG D 410 -32.87 -37.12 2.52
C ARG D 410 -32.52 -36.55 1.13
N TYR D 411 -33.49 -35.97 0.46
CA TYR D 411 -33.25 -35.32 -0.82
C TYR D 411 -32.77 -33.88 -0.61
N ILE D 412 -31.94 -33.38 -1.51
CA ILE D 412 -31.25 -32.10 -1.26
C ILE D 412 -31.53 -31.10 -2.38
N LEU D 413 -32.27 -30.04 -2.05
CA LEU D 413 -32.47 -28.91 -2.96
C LEU D 413 -31.20 -28.14 -3.06
N VAL D 414 -30.72 -27.96 -4.30
CA VAL D 414 -29.56 -27.10 -4.56
C VAL D 414 -29.75 -26.28 -5.83
N ASP D 415 -29.00 -25.18 -5.91
CA ASP D 415 -28.64 -24.57 -7.21
C ASP D 415 -27.35 -25.29 -7.59
N HIS D 416 -27.36 -25.93 -8.76
CA HIS D 416 -26.25 -26.74 -9.16
C HIS D 416 -24.97 -25.97 -9.60
N ALA D 417 -24.97 -24.63 -9.49
CA ALA D 417 -23.69 -23.88 -9.42
C ALA D 417 -23.17 -24.09 -7.97
N LEU D 418 -22.48 -25.21 -7.77
CA LEU D 418 -22.34 -25.80 -6.44
C LEU D 418 -21.44 -25.00 -5.48
N SER D 419 -20.68 -24.03 -5.99
CA SER D 419 -19.99 -23.14 -5.04
C SER D 419 -21.00 -22.45 -4.14
N ARG D 420 -22.25 -22.35 -4.59
CA ARG D 420 -23.30 -21.68 -3.79
C ARG D 420 -23.71 -22.44 -2.49
N LEU D 421 -23.41 -23.74 -2.42
CA LEU D 421 -23.60 -24.58 -1.23
C LEU D 421 -22.96 -23.94 -0.04
N GLU D 422 -21.75 -23.47 -0.27
CA GLU D 422 -20.92 -22.94 0.76
C GLU D 422 -21.24 -21.46 1.00
N HIS D 423 -22.21 -20.90 0.28
CA HIS D 423 -22.72 -19.56 0.63
C HIS D 423 -24.14 -19.63 1.19
N GLY D 424 -24.59 -20.80 1.64
CA GLY D 424 -25.88 -20.92 2.35
C GLY D 424 -27.03 -21.56 1.56
N LEU D 425 -26.76 -21.96 0.30
CA LEU D 425 -27.80 -22.48 -0.59
C LEU D 425 -27.89 -23.98 -0.60
N VAL D 426 -28.77 -24.52 0.25
CA VAL D 426 -29.03 -25.94 0.38
C VAL D 426 -30.37 -26.11 1.18
N GLY D 427 -31.18 -27.10 0.83
CA GLY D 427 -32.48 -27.30 1.43
C GLY D 427 -32.65 -28.81 1.49
N PHE D 428 -33.38 -29.30 2.49
CA PHE D 428 -33.60 -30.76 2.61
C PHE D 428 -35.06 -31.13 2.38
N LEU D 429 -35.26 -32.27 1.76
CA LEU D 429 -36.57 -32.87 1.61
C LEU D 429 -36.48 -34.27 2.25
N ASN D 430 -37.07 -34.40 3.44
CA ASN D 430 -36.92 -35.59 4.28
C ASN D 430 -38.01 -36.60 4.02
N VAL D 431 -37.63 -37.83 3.67
CA VAL D 431 -38.59 -38.89 3.38
C VAL D 431 -38.16 -40.12 4.18
N ASP D 432 -39.05 -40.57 5.08
CA ASP D 432 -38.76 -41.75 5.94
C ASP D 432 -38.92 -43.07 5.25
N GLY D 433 -38.14 -44.05 5.73
CA GLY D 433 -38.30 -45.47 5.33
C GLY D 433 -36.93 -46.17 5.30
N PRO D 434 -36.88 -47.40 4.76
CA PRO D 434 -35.64 -48.15 4.88
C PRO D 434 -34.51 -47.55 4.04
N LYS D 435 -33.28 -47.69 4.53
CA LYS D 435 -32.10 -47.28 3.77
C LYS D 435 -31.99 -48.12 2.49
N ASN D 436 -32.06 -49.45 2.63
CA ASN D 436 -31.90 -50.37 1.51
C ASN D 436 -33.22 -50.86 1.00
N ASP D 437 -33.40 -50.78 -0.30
CA ASP D 437 -34.52 -51.41 -0.95
C ASP D 437 -34.14 -51.83 -2.37
N SER D 438 -35.12 -52.24 -3.17
CA SER D 438 -34.84 -52.75 -4.50
C SER D 438 -34.45 -51.62 -5.46
N ILE D 439 -34.90 -50.40 -5.15
CA ILE D 439 -34.54 -49.25 -5.99
C ILE D 439 -33.09 -48.81 -5.81
N MET D 440 -32.58 -48.86 -4.57
CA MET D 440 -31.20 -48.58 -4.27
C MET D 440 -30.81 -49.28 -2.97
N HIS D 441 -29.70 -50.02 -2.99
CA HIS D 441 -29.20 -50.67 -1.76
C HIS D 441 -27.69 -50.87 -1.81
N GLU D 442 -27.08 -51.03 -0.63
CA GLU D 442 -25.66 -51.39 -0.57
C GLU D 442 -25.41 -52.84 -1.07
N GLY D 443 -24.17 -53.09 -1.53
CA GLY D 443 -23.75 -54.40 -2.01
C GLY D 443 -24.29 -54.77 -3.38
N PRO D 444 -23.92 -55.97 -3.86
CA PRO D 444 -24.23 -56.44 -5.21
C PRO D 444 -25.70 -56.75 -5.42
N ALA D 445 -26.11 -56.83 -6.68
CA ALA D 445 -27.44 -57.24 -7.06
C ALA D 445 -27.57 -58.75 -6.93
N HIS E 24 -4.28 -23.98 -36.00
CA HIS E 24 -4.92 -24.34 -34.69
C HIS E 24 -5.77 -23.15 -34.17
N ALA E 25 -5.81 -22.92 -32.85
CA ALA E 25 -6.42 -21.70 -32.24
C ALA E 25 -5.38 -20.57 -32.24
N PRO E 26 -5.81 -19.28 -32.33
CA PRO E 26 -4.78 -18.22 -32.40
C PRO E 26 -3.76 -18.37 -31.28
N VAL E 27 -2.50 -18.13 -31.59
CA VAL E 27 -1.49 -18.00 -30.59
C VAL E 27 -1.62 -16.57 -30.07
N VAL E 28 -1.72 -16.44 -28.76
CA VAL E 28 -2.02 -15.16 -28.13
C VAL E 28 -0.81 -14.73 -27.31
N PHE E 29 -0.41 -13.48 -27.45
CA PHE E 29 0.64 -12.92 -26.62
C PHE E 29 0.02 -11.69 -25.98
N THR E 30 0.28 -11.50 -24.69
CA THR E 30 -0.14 -10.28 -23.97
C THR E 30 1.10 -9.47 -23.58
N LEU E 31 1.10 -8.19 -23.92
CA LEU E 31 2.15 -7.24 -23.55
C LEU E 31 1.54 -6.16 -22.69
N ARG E 32 2.18 -5.82 -21.57
CA ARG E 32 1.85 -4.61 -20.85
C ARG E 32 2.98 -3.64 -21.08
N THR E 33 2.68 -2.35 -21.11
CA THR E 33 3.74 -1.37 -21.21
C THR E 33 4.18 -0.96 -19.77
N GLY E 34 5.40 -0.44 -19.66
CA GLY E 34 5.90 0.05 -18.39
C GLY E 34 7.36 0.48 -18.49
N ILE E 35 7.93 0.76 -17.33
CA ILE E 35 9.33 1.16 -17.20
C ILE E 35 10.01 0.01 -16.52
N ALA E 36 11.01 -0.53 -17.19
CA ALA E 36 11.72 -1.66 -16.66
C ALA E 36 13.10 -1.68 -17.29
N GLU E 37 14.09 -2.12 -16.49
CA GLU E 37 15.49 -2.16 -16.90
C GLU E 37 15.97 -0.82 -17.40
N GLY E 38 15.50 0.28 -16.80
CA GLY E 38 15.98 1.62 -17.20
C GLY E 38 15.31 2.37 -18.34
N ARG E 39 14.37 1.75 -19.06
CA ARG E 39 13.75 2.28 -20.29
C ARG E 39 12.22 2.06 -20.30
N MET E 40 11.52 2.77 -21.18
CA MET E 40 10.12 2.53 -21.50
C MET E 40 10.00 1.39 -22.50
N VAL E 41 9.29 0.32 -22.12
CA VAL E 41 9.36 -0.96 -22.79
C VAL E 41 7.97 -1.65 -22.81
N TYR E 42 7.86 -2.72 -23.59
CA TYR E 42 6.78 -3.68 -23.43
C TYR E 42 7.31 -4.74 -22.49
N ILE E 43 6.42 -5.34 -21.70
CA ILE E 43 6.78 -6.44 -20.83
C ILE E 43 5.79 -7.57 -21.09
N GLY E 44 6.28 -8.81 -21.26
CA GLY E 44 5.38 -9.92 -21.55
C GLY E 44 4.56 -10.32 -20.33
N VAL E 45 3.36 -10.84 -20.58
CA VAL E 45 2.46 -11.38 -19.54
C VAL E 45 2.09 -12.84 -19.86
N GLY E 46 2.59 -13.79 -19.05
CA GLY E 46 2.24 -15.20 -19.17
C GLY E 46 2.98 -15.88 -20.31
N GLY E 47 2.60 -17.12 -20.62
CA GLY E 47 3.19 -17.89 -21.73
C GLY E 47 4.71 -18.03 -21.64
N ASP E 48 5.38 -18.11 -22.79
CA ASP E 48 6.86 -18.14 -22.86
C ASP E 48 7.54 -16.78 -22.58
N ILE E 49 6.76 -15.72 -22.44
CA ILE E 49 7.29 -14.35 -22.43
C ILE E 49 7.09 -13.62 -21.09
N ASP E 50 6.58 -14.36 -20.11
CA ASP E 50 6.24 -13.82 -18.81
C ASP E 50 7.37 -13.00 -18.17
N HIS E 51 7.06 -11.76 -17.85
CA HIS E 51 7.98 -10.77 -17.31
C HIS E 51 9.23 -10.47 -18.15
N LYS E 52 9.29 -10.90 -19.40
CA LYS E 52 10.43 -10.53 -20.26
C LYS E 52 10.24 -9.15 -20.90
N ILE E 53 11.33 -8.39 -20.99
CA ILE E 53 11.34 -7.03 -21.53
C ILE E 53 11.35 -7.13 -23.05
N ASN E 54 10.46 -6.39 -23.75
CA ASN E 54 10.43 -6.44 -25.24
C ASN E 54 10.64 -7.84 -25.78
N PRO E 55 9.76 -8.79 -25.39
CA PRO E 55 10.03 -10.18 -25.68
C PRO E 55 9.86 -10.52 -27.15
N THR E 56 10.60 -11.52 -27.58
CA THR E 56 10.48 -12.04 -28.93
C THR E 56 9.26 -12.92 -29.00
N LEU E 57 8.37 -12.61 -29.95
CA LEU E 57 7.16 -13.41 -30.12
C LEU E 57 7.45 -14.48 -31.15
N VAL E 58 7.52 -15.74 -30.73
CA VAL E 58 7.73 -16.77 -31.75
C VAL E 58 6.51 -17.52 -32.23
N VAL E 59 6.41 -17.56 -33.54
CA VAL E 59 5.22 -17.89 -34.22
C VAL E 59 5.65 -18.70 -35.45
N HIS E 60 4.72 -19.40 -36.05
CA HIS E 60 4.96 -20.26 -37.20
C HIS E 60 4.16 -19.80 -38.37
N GLU E 61 4.73 -19.99 -39.56
CA GLU E 61 4.10 -19.59 -40.81
C GLU E 61 2.65 -20.07 -40.89
N GLY E 62 1.73 -19.17 -41.27
CA GLY E 62 0.32 -19.47 -41.36
C GLY E 62 -0.49 -19.39 -40.06
N GLU E 63 0.17 -19.22 -38.93
CA GLU E 63 -0.53 -18.97 -37.67
C GLU E 63 -1.25 -17.64 -37.68
N THR E 64 -2.44 -17.63 -37.09
CA THR E 64 -3.12 -16.38 -36.73
C THR E 64 -2.60 -15.97 -35.39
N VAL E 65 -1.95 -14.81 -35.34
CA VAL E 65 -1.30 -14.31 -34.13
C VAL E 65 -2.16 -13.19 -33.50
N GLN E 66 -2.47 -13.32 -32.21
CA GLN E 66 -3.23 -12.28 -31.51
C GLN E 66 -2.33 -11.63 -30.48
N VAL E 67 -2.33 -10.29 -30.46
CA VAL E 67 -1.53 -9.55 -29.49
C VAL E 67 -2.51 -8.72 -28.67
N ASN E 68 -2.42 -8.85 -27.33
CA ASN E 68 -3.27 -8.06 -26.44
C ASN E 68 -2.32 -7.06 -25.82
N LEU E 69 -2.61 -5.76 -25.98
CA LEU E 69 -1.79 -4.70 -25.42
C LEU E 69 -2.51 -4.06 -24.25
N VAL E 70 -1.82 -3.93 -23.11
CA VAL E 70 -2.43 -3.34 -21.93
C VAL E 70 -1.51 -2.22 -21.45
N ASN E 71 -2.08 -1.02 -21.33
CA ASN E 71 -1.36 0.13 -20.84
C ASN E 71 -1.02 -0.03 -19.34
N GLY E 72 0.28 -0.11 -19.04
CA GLY E 72 0.74 -0.30 -17.66
C GLY E 72 0.84 1.02 -16.91
N GLU E 73 1.34 2.09 -17.52
CA GLU E 73 1.70 3.27 -16.71
C GLU E 73 1.01 4.58 -17.06
N GLY E 74 0.24 4.60 -18.14
CA GLY E 74 -0.55 5.79 -18.40
C GLY E 74 -0.01 6.74 -19.46
N ALA E 75 1.14 6.43 -20.06
CA ALA E 75 1.51 7.20 -21.26
C ALA E 75 0.72 6.61 -22.46
N GLN E 76 0.72 7.29 -23.59
CA GLN E 76 -0.09 6.88 -24.73
C GLN E 76 0.74 5.89 -25.55
N HIS E 77 0.12 4.77 -25.97
CA HIS E 77 0.86 3.70 -26.63
C HIS E 77 0.07 3.00 -27.75
N ASP E 78 0.77 2.30 -28.63
CA ASP E 78 0.16 1.29 -29.51
C ASP E 78 1.20 0.21 -29.78
N VAL E 79 0.90 -0.72 -30.68
CA VAL E 79 1.87 -1.71 -31.17
C VAL E 79 1.62 -1.74 -32.65
N VAL E 80 2.70 -1.61 -33.41
CA VAL E 80 2.62 -1.62 -34.87
C VAL E 80 3.53 -2.76 -35.30
N VAL E 81 3.02 -3.69 -36.11
CA VAL E 81 3.88 -4.76 -36.63
C VAL E 81 4.42 -4.34 -38.00
N ASP E 82 5.73 -4.12 -38.04
CA ASP E 82 6.46 -3.79 -39.28
C ASP E 82 6.30 -4.85 -40.37
N GLN E 83 5.99 -4.38 -41.59
CA GLN E 83 5.75 -5.21 -42.77
C GLN E 83 4.35 -5.82 -42.90
N TYR E 84 3.71 -6.20 -41.79
CA TYR E 84 2.39 -6.83 -41.88
C TYR E 84 1.24 -5.84 -41.89
N ALA E 85 1.53 -4.57 -41.63
CA ALA E 85 0.47 -3.56 -41.59
C ALA E 85 -0.56 -3.81 -40.46
N ALA E 86 -0.18 -4.55 -39.43
CA ALA E 86 -1.11 -4.89 -38.38
C ALA E 86 -0.81 -3.94 -37.21
N ARG E 87 -1.84 -3.46 -36.54
CA ARG E 87 -1.61 -2.63 -35.39
C ARG E 87 -2.77 -2.61 -34.40
N SER E 88 -2.45 -2.28 -33.15
CA SER E 88 -3.46 -2.10 -32.14
C SER E 88 -4.01 -0.70 -32.30
N ALA E 89 -5.15 -0.46 -31.69
CA ALA E 89 -5.56 0.90 -31.43
C ALA E 89 -4.61 1.55 -30.43
N ILE E 90 -4.67 2.88 -30.39
CA ILE E 90 -3.96 3.63 -29.38
C ILE E 90 -4.70 3.50 -28.03
N VAL E 91 -3.92 3.38 -27.07
CA VAL E 91 -4.27 3.08 -25.69
C VAL E 91 -3.84 4.22 -24.76
N ASN E 92 -4.70 4.96 -24.09
CA ASN E 92 -4.31 6.23 -23.45
C ASN E 92 -4.11 6.20 -21.93
N GLY E 93 -5.09 5.71 -21.17
CA GLY E 93 -4.84 5.66 -19.73
C GLY E 93 -4.39 4.28 -19.23
N LYS E 94 -3.92 4.24 -17.98
CA LYS E 94 -3.54 2.99 -17.34
C LYS E 94 -4.69 1.97 -17.44
N ASN E 95 -4.38 0.74 -17.87
CA ASN E 95 -5.37 -0.35 -18.01
C ASN E 95 -6.10 -0.39 -19.36
N ALA E 96 -6.08 0.73 -20.08
CA ALA E 96 -6.69 0.82 -21.37
C ALA E 96 -6.01 -0.20 -22.26
N SER E 97 -6.82 -0.87 -23.07
CA SER E 97 -6.35 -2.06 -23.72
C SER E 97 -6.78 -2.06 -25.17
N SER E 98 -6.00 -2.76 -25.98
CA SER E 98 -6.32 -3.00 -27.34
C SER E 98 -5.76 -4.36 -27.76
N THR E 99 -6.58 -5.03 -28.52
CA THR E 99 -6.39 -6.38 -28.91
C THR E 99 -6.39 -6.37 -30.48
N PHE E 100 -5.52 -7.15 -31.13
CA PHE E 100 -5.50 -7.24 -32.63
C PHE E 100 -4.84 -8.52 -33.05
N SER E 101 -5.00 -8.89 -34.33
CA SER E 101 -4.44 -10.10 -34.89
C SER E 101 -3.96 -9.89 -36.33
N PHE E 102 -3.19 -10.84 -36.82
CA PHE E 102 -2.72 -10.89 -38.19
C PHE E 102 -2.28 -12.33 -38.47
N VAL E 103 -2.33 -12.75 -39.73
CA VAL E 103 -1.89 -14.08 -40.14
C VAL E 103 -0.40 -13.97 -40.44
N ALA E 104 0.40 -14.84 -39.83
CA ALA E 104 1.86 -14.82 -40.03
C ALA E 104 2.24 -15.55 -41.35
N SER E 105 1.87 -14.93 -42.47
CA SER E 105 1.96 -15.58 -43.78
C SER E 105 3.36 -15.59 -44.38
N LYS E 106 4.28 -14.82 -43.78
CA LYS E 106 5.63 -14.63 -44.33
C LYS E 106 6.68 -14.97 -43.26
N VAL E 107 7.48 -16.00 -43.53
CA VAL E 107 8.65 -16.34 -42.72
C VAL E 107 9.64 -15.15 -42.67
N GLY E 108 10.34 -14.99 -41.54
CA GLY E 108 11.24 -13.86 -41.34
C GLY E 108 11.22 -13.28 -39.92
N GLU E 109 11.93 -12.17 -39.72
CA GLU E 109 11.96 -11.48 -38.44
C GLU E 109 11.38 -10.10 -38.70
N PHE E 110 10.50 -9.65 -37.80
CA PHE E 110 9.79 -8.39 -38.00
C PHE E 110 9.71 -7.62 -36.70
N ASN E 111 9.99 -6.32 -36.75
CA ASN E 111 9.90 -5.50 -35.54
C ASN E 111 8.44 -5.23 -35.17
N TYR E 112 8.14 -5.21 -33.87
CA TYR E 112 6.92 -4.54 -33.40
C TYR E 112 7.40 -3.35 -32.60
N TYR E 113 6.67 -2.25 -32.65
CA TYR E 113 7.19 -1.06 -32.00
C TYR E 113 6.00 -0.17 -31.65
N CYS E 114 6.24 0.82 -30.81
CA CYS E 114 5.22 1.82 -30.52
C CYS E 114 5.43 3.00 -31.44
N SER E 115 4.33 3.46 -32.05
CA SER E 115 4.43 4.54 -33.03
C SER E 115 4.32 5.95 -32.40
N ILE E 116 4.07 6.01 -31.10
CA ILE E 116 3.86 7.31 -30.46
C ILE E 116 5.23 7.99 -30.44
N ALA E 117 5.23 9.29 -30.70
CA ALA E 117 6.47 10.05 -30.93
C ALA E 117 7.46 9.85 -29.80
N GLY E 118 8.65 9.42 -30.16
CA GLY E 118 9.71 9.26 -29.18
C GLY E 118 9.77 7.87 -28.58
N HIS E 119 8.67 7.10 -28.64
CA HIS E 119 8.57 5.86 -27.84
C HIS E 119 9.42 4.72 -28.34
N ARG E 120 9.48 4.52 -29.66
CA ARG E 120 10.41 3.53 -30.21
C ARG E 120 11.87 3.79 -29.76
N GLN E 121 12.33 5.05 -29.89
CA GLN E 121 13.66 5.43 -29.43
C GLN E 121 13.85 5.26 -27.92
N ALA E 122 12.80 5.50 -27.13
CA ALA E 122 12.86 5.36 -25.68
C ALA E 122 12.94 3.88 -25.27
N GLY E 123 12.68 2.95 -26.19
CA GLY E 123 12.88 1.54 -25.87
C GLY E 123 11.76 0.60 -26.31
N MET E 124 10.65 1.14 -26.82
CA MET E 124 9.48 0.30 -27.11
C MET E 124 9.57 -0.42 -28.46
N GLU E 125 10.35 -1.50 -28.49
CA GLU E 125 10.52 -2.24 -29.73
C GLU E 125 10.85 -3.64 -29.40
N GLY E 126 10.25 -4.59 -30.11
CA GLY E 126 10.75 -5.96 -30.01
C GLY E 126 10.69 -6.64 -31.36
N ASN E 127 10.81 -7.96 -31.32
CA ASN E 127 10.76 -8.79 -32.53
C ASN E 127 9.68 -9.86 -32.49
N ILE E 128 9.07 -10.08 -33.67
CA ILE E 128 8.33 -11.28 -33.98
C ILE E 128 9.17 -12.16 -34.90
N GLN E 129 9.29 -13.44 -34.56
CA GLN E 129 9.97 -14.41 -35.39
C GLN E 129 8.93 -15.36 -35.98
N VAL E 130 8.74 -15.28 -37.29
CA VAL E 130 7.90 -16.22 -38.01
C VAL E 130 8.78 -17.34 -38.57
N LEU E 131 8.65 -18.53 -37.99
CA LEU E 131 9.39 -19.72 -38.37
C LEU E 131 8.61 -20.60 -39.36
N PRO E 132 9.32 -21.39 -40.20
CA PRO E 132 8.67 -22.32 -41.12
C PRO E 132 8.12 -23.48 -40.30
N GLY E 133 7.27 -24.29 -40.91
CA GLY E 133 6.83 -25.50 -40.23
C GLY E 133 5.75 -25.31 -39.18
N ASN E 134 5.52 -26.36 -38.41
CA ASN E 134 4.47 -26.42 -37.40
C ASN E 134 5.01 -26.25 -35.99
N ARG E 135 4.24 -25.53 -35.19
CA ARG E 135 4.39 -25.47 -33.74
C ARG E 135 4.57 -26.86 -33.13
N ALA E 136 5.53 -27.00 -32.22
CA ALA E 136 5.68 -28.21 -31.41
C ALA E 136 4.38 -28.53 -30.63
N GLU E 137 4.12 -29.82 -30.41
CA GLU E 137 2.98 -30.25 -29.60
C GLU E 137 3.17 -29.78 -28.16
N MET E 138 2.04 -29.63 -27.46
CA MET E 138 2.06 -29.33 -26.03
C MET E 138 2.78 -30.46 -25.29
N LYS E 139 3.52 -30.10 -24.24
CA LYS E 139 4.18 -31.11 -23.41
C LYS E 139 4.29 -30.54 -22.01
N SER E 140 4.42 -31.44 -21.04
CA SER E 140 4.63 -31.08 -19.64
C SER E 140 5.05 -32.34 -18.90
N SER E 141 5.27 -32.20 -17.59
CA SER E 141 5.52 -33.36 -16.76
C SER E 141 4.23 -34.07 -16.29
N GLY E 142 3.06 -33.65 -16.79
CA GLY E 142 1.81 -34.21 -16.33
C GLY E 142 1.30 -35.38 -17.16
N ALA E 143 0.47 -36.22 -16.54
CA ALA E 143 -0.20 -37.28 -17.27
C ALA E 143 -1.18 -36.66 -18.24
N ASP E 144 -1.49 -37.40 -19.31
CA ASP E 144 -2.58 -37.00 -20.17
C ASP E 144 -3.92 -37.40 -19.51
N ILE E 145 -4.70 -36.41 -19.08
CA ILE E 145 -5.96 -36.72 -18.40
C ILE E 145 -7.18 -36.46 -19.28
N THR E 146 -6.97 -36.22 -20.57
CA THR E 146 -8.08 -35.80 -21.43
C THR E 146 -8.89 -37.02 -21.87
N ARG E 147 -10.21 -36.91 -21.82
CA ARG E 147 -11.10 -37.86 -22.44
C ARG E 147 -11.17 -37.66 -23.97
N ASP E 148 -10.94 -38.72 -24.73
CA ASP E 148 -11.07 -38.63 -26.20
C ASP E 148 -12.56 -38.53 -26.41
N PRO E 149 -13.01 -37.55 -27.21
CA PRO E 149 -14.47 -37.38 -27.37
C PRO E 149 -15.13 -38.52 -28.14
N ALA E 150 -14.33 -39.42 -28.72
CA ALA E 150 -14.92 -40.60 -29.38
C ALA E 150 -14.88 -41.81 -28.45
N ASP E 151 -14.39 -41.60 -27.22
CA ASP E 151 -14.26 -42.64 -26.23
C ASP E 151 -15.55 -42.78 -25.43
N LEU E 152 -16.54 -43.43 -26.04
CA LEU E 152 -17.78 -43.79 -25.35
C LEU E 152 -18.30 -45.08 -25.99
N PRO E 153 -19.15 -45.84 -25.26
CA PRO E 153 -19.89 -46.95 -25.86
C PRO E 153 -20.96 -46.52 -26.83
N GLY E 154 -21.22 -47.36 -27.84
CA GLY E 154 -22.23 -47.07 -28.88
C GLY E 154 -23.60 -47.52 -28.43
N PRO E 155 -24.61 -47.38 -29.31
CA PRO E 155 -25.92 -47.83 -28.91
C PRO E 155 -25.94 -49.18 -28.21
N ILE E 156 -26.78 -49.24 -27.19
CA ILE E 156 -27.04 -50.45 -26.41
C ILE E 156 -27.58 -51.63 -27.29
N GLY E 157 -28.41 -51.32 -28.29
CA GLY E 157 -29.09 -52.32 -29.08
C GLY E 157 -30.39 -52.71 -28.41
N PRO E 158 -31.33 -53.32 -29.16
CA PRO E 158 -32.65 -53.68 -28.64
C PRO E 158 -32.66 -54.82 -27.60
N ARG E 159 -31.90 -54.62 -26.52
CA ARG E 159 -31.90 -55.47 -25.32
C ARG E 159 -33.20 -55.47 -24.56
N GLN E 160 -33.37 -56.49 -23.73
CA GLN E 160 -34.29 -56.42 -22.60
C GLN E 160 -33.50 -55.76 -21.43
N ALA E 161 -34.19 -55.27 -20.40
CA ALA E 161 -33.54 -54.76 -19.19
C ALA E 161 -32.68 -55.83 -18.53
N LYS E 162 -31.53 -55.45 -17.99
CA LYS E 162 -30.76 -56.35 -17.15
C LYS E 162 -30.03 -55.71 -16.00
N THR E 163 -29.20 -56.53 -15.37
CA THR E 163 -28.31 -56.07 -14.33
C THR E 163 -26.96 -55.86 -14.98
N VAL E 164 -26.55 -54.61 -14.97
CA VAL E 164 -25.35 -54.15 -15.63
C VAL E 164 -24.31 -53.83 -14.56
N ARG E 165 -23.07 -54.28 -14.75
CA ARG E 165 -22.00 -53.92 -13.82
C ARG E 165 -21.21 -52.71 -14.35
N ILE E 166 -21.06 -51.67 -13.52
CA ILE E 166 -20.15 -50.59 -13.80
C ILE E 166 -19.04 -50.55 -12.74
N ASP E 167 -17.79 -50.42 -13.20
CA ASP E 167 -16.65 -50.29 -12.30
C ASP E 167 -15.91 -48.95 -12.41
N LEU E 168 -15.96 -48.14 -11.37
CA LEU E 168 -15.28 -46.86 -11.33
C LEU E 168 -14.09 -46.90 -10.38
N GLU E 169 -13.01 -46.22 -10.73
CA GLU E 169 -11.92 -46.04 -9.82
C GLU E 169 -11.64 -44.54 -9.72
N THR E 170 -11.52 -44.04 -8.50
CA THR E 170 -11.22 -42.61 -8.29
C THR E 170 -9.73 -42.48 -8.06
N VAL E 171 -9.12 -41.67 -8.90
CA VAL E 171 -7.69 -41.47 -8.82
C VAL E 171 -7.27 -40.00 -8.86
N GLU E 172 -6.27 -39.67 -8.04
CA GLU E 172 -5.73 -38.31 -7.95
C GLU E 172 -4.41 -38.33 -8.66
N VAL E 173 -4.22 -37.45 -9.63
CA VAL E 173 -3.05 -37.54 -10.51
C VAL E 173 -2.56 -36.17 -10.96
N LYS E 174 -1.23 -36.01 -11.03
CA LYS E 174 -0.65 -34.80 -11.60
C LYS E 174 -0.89 -34.81 -13.09
N GLY E 175 -1.70 -33.88 -13.60
CA GLY E 175 -2.11 -33.94 -15.02
C GLY E 175 -1.63 -32.70 -15.75
N GLN E 176 -1.52 -32.79 -17.08
CA GLN E 176 -1.23 -31.62 -17.90
C GLN E 176 -2.45 -30.73 -18.08
N LEU E 177 -2.32 -29.49 -17.64
CA LEU E 177 -3.41 -28.52 -17.76
C LEU E 177 -3.28 -27.72 -19.07
N ASP E 178 -2.05 -27.53 -19.51
CA ASP E 178 -1.72 -26.68 -20.67
C ASP E 178 -0.25 -26.98 -21.00
N ASP E 179 0.26 -26.40 -22.08
CA ASP E 179 1.66 -26.62 -22.43
C ASP E 179 2.55 -26.14 -21.25
N ASN E 180 3.48 -26.98 -20.81
CA ASN E 180 4.37 -26.65 -19.67
C ASN E 180 3.59 -26.32 -18.34
N THR E 181 2.36 -26.81 -18.23
CA THR E 181 1.61 -26.52 -17.00
C THR E 181 0.82 -27.69 -16.49
N THR E 182 0.89 -27.88 -15.17
CA THR E 182 0.24 -29.03 -14.57
C THR E 182 -0.65 -28.70 -13.37
N TYR E 183 -1.45 -29.66 -12.96
CA TYR E 183 -2.44 -29.42 -11.92
C TYR E 183 -2.77 -30.79 -11.35
N THR E 184 -3.18 -30.84 -10.09
CA THR E 184 -3.56 -32.09 -9.48
C THR E 184 -5.05 -32.32 -9.71
N TYR E 185 -5.32 -33.17 -10.68
CA TYR E 185 -6.68 -33.54 -11.05
C TYR E 185 -7.16 -34.69 -10.16
N TRP E 186 -8.47 -34.73 -9.93
CA TRP E 186 -9.09 -35.88 -9.28
C TRP E 186 -10.07 -36.37 -10.28
N THR E 187 -10.06 -37.68 -10.54
CA THR E 187 -10.74 -38.20 -11.70
C THR E 187 -11.46 -39.51 -11.40
N PHE E 188 -12.45 -39.81 -12.21
CA PHE E 188 -12.92 -41.17 -12.41
C PHE E 188 -12.11 -41.84 -13.53
N ASN E 189 -11.37 -42.87 -13.14
CA ASN E 189 -10.57 -43.69 -14.06
C ASN E 189 -9.49 -42.94 -14.81
N GLY E 190 -8.96 -41.90 -14.19
CA GLY E 190 -7.76 -41.24 -14.71
C GLY E 190 -7.93 -40.19 -15.80
N LYS E 191 -9.14 -39.97 -16.28
CA LYS E 191 -9.40 -38.99 -17.36
C LYS E 191 -10.57 -38.07 -16.98
N VAL E 192 -10.66 -36.93 -17.66
CA VAL E 192 -11.73 -35.94 -17.41
C VAL E 192 -12.38 -35.58 -18.73
N PRO E 193 -13.74 -35.73 -18.85
CA PRO E 193 -14.69 -36.33 -17.89
C PRO E 193 -14.46 -37.81 -17.65
N GLY E 194 -15.14 -38.39 -16.65
CA GLY E 194 -15.04 -39.82 -16.38
C GLY E 194 -15.60 -40.61 -17.56
N PRO E 195 -15.61 -41.94 -17.43
CA PRO E 195 -16.15 -42.83 -18.47
C PRO E 195 -17.61 -42.53 -18.78
N PHE E 196 -17.96 -42.54 -20.06
CA PHE E 196 -19.37 -42.41 -20.47
C PHE E 196 -20.08 -43.71 -20.12
N LEU E 197 -21.14 -43.62 -19.30
CA LEU E 197 -21.88 -44.78 -18.84
C LEU E 197 -23.16 -44.83 -19.64
N ARG E 198 -23.48 -46.00 -20.17
CA ARG E 198 -24.60 -46.19 -21.07
C ARG E 198 -25.41 -47.45 -20.70
N VAL E 199 -26.65 -47.22 -20.28
CA VAL E 199 -27.54 -48.29 -19.82
C VAL E 199 -28.93 -47.99 -20.43
N ARG E 200 -29.90 -48.86 -20.14
CA ARG E 200 -31.24 -48.74 -20.69
C ARG E 200 -32.21 -48.52 -19.50
N VAL E 201 -33.36 -47.83 -19.71
CA VAL E 201 -34.35 -47.73 -18.64
C VAL E 201 -34.68 -49.09 -18.12
N GLY E 202 -34.79 -49.22 -16.80
CA GLY E 202 -35.25 -50.44 -16.20
C GLY E 202 -34.10 -51.35 -15.90
N ASP E 203 -32.91 -51.03 -16.42
CA ASP E 203 -31.73 -51.75 -15.98
C ASP E 203 -31.51 -51.60 -14.49
N THR E 204 -30.87 -52.59 -13.88
CA THR E 204 -30.35 -52.52 -12.54
C THR E 204 -28.83 -52.34 -12.67
N VAL E 205 -28.29 -51.32 -12.03
CA VAL E 205 -26.85 -51.06 -12.13
C VAL E 205 -26.18 -51.52 -10.86
N GLU E 206 -25.19 -52.40 -10.99
CA GLU E 206 -24.35 -52.71 -9.88
C GLU E 206 -23.04 -51.96 -10.01
N LEU E 207 -22.88 -50.96 -9.14
CA LEU E 207 -21.76 -50.07 -9.26
C LEU E 207 -20.71 -50.42 -8.22
N HIS E 208 -19.48 -50.65 -8.68
CA HIS E 208 -18.33 -50.86 -7.80
C HIS E 208 -17.47 -49.62 -7.90
N LEU E 209 -17.33 -48.91 -6.78
CA LEU E 209 -16.43 -47.76 -6.68
C LEU E 209 -15.21 -48.04 -5.80
N LYS E 210 -14.06 -47.99 -6.42
CA LYS E 210 -12.84 -48.28 -5.74
C LYS E 210 -12.03 -46.97 -5.66
N ASN E 211 -11.56 -46.61 -4.47
CA ASN E 211 -10.72 -45.43 -4.34
C ASN E 211 -9.28 -45.89 -4.31
N HIS E 212 -8.48 -45.39 -5.23
CA HIS E 212 -7.07 -45.78 -5.30
C HIS E 212 -6.36 -45.60 -3.95
N LYS E 213 -5.43 -46.50 -3.64
CA LYS E 213 -4.69 -46.44 -2.35
C LYS E 213 -3.81 -45.16 -2.16
N ASP E 214 -3.37 -44.54 -3.25
CA ASP E 214 -2.56 -43.31 -3.18
C ASP E 214 -3.42 -42.03 -2.97
N SER E 215 -4.74 -42.17 -2.98
CA SER E 215 -5.61 -40.98 -2.88
C SER E 215 -5.49 -40.36 -1.48
N LEU E 216 -5.48 -39.03 -1.37
CA LEU E 216 -5.53 -38.39 -0.05
C LEU E 216 -6.95 -38.35 0.47
N MET E 217 -7.91 -38.28 -0.44
CA MET E 217 -9.26 -37.98 -0.08
C MET E 217 -10.16 -39.18 -0.22
N VAL E 218 -11.23 -39.17 0.57
CA VAL E 218 -12.39 -39.96 0.19
C VAL E 218 -13.04 -39.42 -1.09
N HIS E 219 -13.62 -40.33 -1.87
CA HIS E 219 -14.33 -39.98 -3.09
C HIS E 219 -15.59 -40.81 -3.10
N SER E 220 -16.56 -40.37 -3.89
CA SER E 220 -17.86 -41.04 -3.99
C SER E 220 -18.45 -40.74 -5.37
N VAL E 221 -19.73 -41.06 -5.55
CA VAL E 221 -20.41 -40.74 -6.79
C VAL E 221 -21.90 -40.53 -6.57
N ASP E 222 -22.43 -39.52 -7.25
CA ASP E 222 -23.84 -39.19 -7.24
C ASP E 222 -24.20 -39.23 -8.73
N PHE E 223 -25.20 -40.04 -9.10
CA PHE E 223 -25.69 -40.13 -10.48
C PHE E 223 -26.99 -39.37 -10.52
N HIS E 224 -27.10 -38.41 -11.44
CA HIS E 224 -28.39 -37.76 -11.64
C HIS E 224 -29.49 -38.65 -12.19
N GLY E 225 -29.12 -39.80 -12.78
CA GLY E 225 -30.16 -40.74 -13.21
C GLY E 225 -30.51 -41.84 -12.19
N ALA E 226 -29.88 -41.77 -11.00
CA ALA E 226 -30.17 -42.65 -9.89
C ALA E 226 -31.25 -42.06 -8.99
N THR E 227 -32.02 -42.93 -8.35
CA THR E 227 -33.10 -42.51 -7.47
C THR E 227 -32.82 -43.06 -6.08
N GLY E 228 -32.61 -42.15 -5.15
CA GLY E 228 -32.25 -42.50 -3.81
C GLY E 228 -31.21 -41.57 -3.20
N PRO E 229 -30.89 -41.77 -1.91
CA PRO E 229 -30.05 -40.87 -1.10
C PRO E 229 -28.72 -40.50 -1.78
N GLY E 230 -28.54 -39.19 -2.00
CA GLY E 230 -27.33 -38.63 -2.59
C GLY E 230 -27.12 -39.11 -4.03
N GLY E 231 -28.16 -39.65 -4.66
CA GLY E 231 -28.03 -40.19 -6.03
C GLY E 231 -27.01 -41.31 -6.05
N ALA E 232 -26.88 -41.99 -4.89
CA ALA E 232 -25.95 -43.08 -4.56
C ALA E 232 -24.80 -42.63 -3.69
N ALA E 233 -24.64 -41.33 -3.46
CA ALA E 233 -23.45 -40.88 -2.75
C ALA E 233 -23.48 -41.31 -1.29
N ALA E 234 -24.69 -41.53 -0.75
CA ALA E 234 -24.82 -42.03 0.63
C ALA E 234 -24.24 -43.45 0.79
N PHE E 235 -24.12 -44.18 -0.33
CA PHE E 235 -23.63 -45.55 -0.30
C PHE E 235 -22.19 -45.65 -0.76
N THR E 236 -21.61 -44.52 -1.22
CA THR E 236 -20.35 -44.60 -1.93
C THR E 236 -19.19 -43.79 -1.39
N GLN E 237 -19.33 -43.21 -0.20
CA GLN E 237 -18.19 -42.54 0.45
C GLN E 237 -17.09 -43.59 0.71
N THR E 238 -16.01 -43.53 -0.06
CA THR E 238 -15.06 -44.63 -0.12
C THR E 238 -13.71 -44.11 0.27
N ASP E 239 -13.11 -44.76 1.26
CA ASP E 239 -11.81 -44.38 1.75
C ASP E 239 -10.72 -44.83 0.78
N PRO E 240 -9.56 -44.15 0.80
CA PRO E 240 -8.46 -44.60 -0.06
C PRO E 240 -8.15 -46.10 0.20
N GLY E 241 -7.96 -46.88 -0.86
CA GLY E 241 -7.65 -48.29 -0.74
C GLY E 241 -8.88 -49.18 -0.63
N GLU E 242 -10.05 -48.58 -0.40
CA GLU E 242 -11.24 -49.37 -0.16
C GLU E 242 -12.20 -49.40 -1.36
N GLU E 243 -13.18 -50.28 -1.30
CA GLU E 243 -14.20 -50.40 -2.31
C GLU E 243 -15.54 -50.23 -1.65
N THR E 244 -16.47 -49.76 -2.42
CA THR E 244 -17.80 -49.58 -1.96
C THR E 244 -18.65 -50.09 -3.11
N VAL E 245 -19.78 -50.71 -2.80
CA VAL E 245 -20.65 -51.15 -3.86
C VAL E 245 -22.08 -50.85 -3.57
N VAL E 246 -22.77 -50.41 -4.60
CA VAL E 246 -24.18 -50.02 -4.44
C VAL E 246 -24.90 -50.51 -5.69
N THR E 247 -26.13 -51.00 -5.53
CA THR E 247 -26.91 -51.26 -6.71
C THR E 247 -28.15 -50.37 -6.81
N PHE E 248 -28.44 -49.88 -8.01
CA PHE E 248 -29.61 -49.00 -8.17
C PHE E 248 -30.32 -49.27 -9.47
N LYS E 249 -31.61 -48.97 -9.49
CA LYS E 249 -32.42 -49.08 -10.70
C LYS E 249 -32.34 -47.76 -11.48
N ALA E 250 -32.28 -47.87 -12.81
CA ALA E 250 -32.40 -46.71 -13.69
C ALA E 250 -33.85 -46.57 -14.15
N LEU E 251 -34.59 -45.68 -13.50
CA LEU E 251 -36.05 -45.58 -13.64
C LEU E 251 -36.54 -44.76 -14.81
N ILE E 252 -35.74 -43.78 -15.26
CA ILE E 252 -36.25 -42.75 -16.18
C ILE E 252 -35.18 -42.46 -17.22
N PRO E 253 -35.54 -42.52 -18.51
CA PRO E 253 -34.50 -42.26 -19.51
C PRO E 253 -34.04 -40.80 -19.53
N GLY E 254 -32.79 -40.57 -19.92
CA GLY E 254 -32.27 -39.20 -19.96
C GLY E 254 -30.77 -39.24 -20.14
N ILE E 255 -30.16 -38.08 -20.26
CA ILE E 255 -28.73 -37.97 -20.34
C ILE E 255 -28.34 -37.22 -19.08
N TYR E 256 -27.56 -37.87 -18.24
CA TYR E 256 -27.43 -37.42 -16.86
C TYR E 256 -26.01 -37.10 -16.52
N VAL E 257 -25.79 -36.04 -15.76
CA VAL E 257 -24.49 -35.93 -15.12
C VAL E 257 -24.29 -36.78 -13.87
N TYR E 258 -23.08 -37.28 -13.72
CA TYR E 258 -22.67 -37.86 -12.48
C TYR E 258 -21.40 -37.15 -12.05
N HIS E 259 -21.17 -37.11 -10.76
CA HIS E 259 -19.99 -36.45 -10.22
C HIS E 259 -19.75 -36.96 -8.83
N CYS E 260 -18.53 -36.74 -8.34
CA CYS E 260 -18.20 -37.01 -6.94
C CYS E 260 -19.06 -36.13 -6.04
N ALA E 261 -19.46 -36.69 -4.92
CA ALA E 261 -20.26 -35.93 -3.97
C ALA E 261 -19.70 -36.02 -2.55
N THR E 262 -18.40 -35.90 -2.41
CA THR E 262 -17.77 -35.84 -1.10
C THR E 262 -17.47 -34.37 -0.80
N PRO E 263 -17.85 -33.88 0.39
CA PRO E 263 -17.45 -32.49 0.68
C PRO E 263 -15.93 -32.28 0.60
N SER E 264 -15.48 -31.20 -0.04
CA SER E 264 -16.27 -30.12 -0.62
C SER E 264 -16.64 -30.51 -2.04
N VAL E 265 -17.93 -30.63 -2.30
CA VAL E 265 -18.38 -31.07 -3.61
C VAL E 265 -17.86 -30.19 -4.80
N PRO E 266 -18.02 -28.86 -4.74
CA PRO E 266 -17.48 -28.11 -5.90
C PRO E 266 -15.99 -28.29 -6.05
N THR E 267 -15.26 -28.58 -4.97
CA THR E 267 -13.84 -28.81 -5.17
C THR E 267 -13.53 -30.15 -5.82
N HIS E 268 -14.22 -31.21 -5.44
CA HIS E 268 -14.11 -32.49 -6.15
C HIS E 268 -14.51 -32.34 -7.64
N ILE E 269 -15.54 -31.54 -7.91
CA ILE E 269 -15.98 -31.29 -9.28
C ILE E 269 -14.96 -30.49 -10.07
N THR E 270 -14.46 -29.37 -9.52
CA THR E 270 -13.50 -28.57 -10.29
C THR E 270 -12.26 -29.39 -10.59
N ASN E 271 -11.82 -30.23 -9.65
CA ASN E 271 -10.61 -31.05 -9.89
C ASN E 271 -10.76 -32.15 -10.95
N GLY E 272 -12.00 -32.45 -11.36
CA GLY E 272 -12.20 -33.32 -12.51
C GLY E 272 -13.28 -34.37 -12.45
N MET E 273 -13.98 -34.47 -11.32
CA MET E 273 -14.80 -35.66 -11.11
C MET E 273 -16.21 -35.50 -11.59
N TYR E 274 -16.38 -35.58 -12.90
CA TYR E 274 -17.71 -35.48 -13.50
C TYR E 274 -17.75 -36.34 -14.76
N GLY E 275 -18.94 -36.82 -15.12
CA GLY E 275 -19.08 -37.70 -16.28
C GLY E 275 -20.52 -37.71 -16.74
N LEU E 276 -20.82 -38.44 -17.80
CA LEU E 276 -22.22 -38.59 -18.23
C LEU E 276 -22.68 -40.03 -18.13
N LEU E 277 -23.95 -40.16 -17.78
CA LEU E 277 -24.64 -41.41 -17.69
C LEU E 277 -25.86 -41.26 -18.60
N LEU E 278 -25.87 -42.00 -19.72
CA LEU E 278 -27.09 -42.10 -20.57
C LEU E 278 -27.98 -43.30 -20.17
N VAL E 279 -29.23 -43.02 -19.87
CA VAL E 279 -30.22 -44.05 -19.65
C VAL E 279 -31.08 -43.99 -20.92
N GLU E 280 -30.86 -44.97 -21.81
CA GLU E 280 -31.54 -44.99 -23.08
C GLU E 280 -33.02 -45.28 -22.89
N PRO E 281 -33.87 -44.66 -23.74
CA PRO E 281 -35.26 -45.09 -23.69
C PRO E 281 -35.36 -46.48 -24.34
N GLU E 282 -36.53 -47.09 -24.22
CA GLU E 282 -36.75 -48.44 -24.72
C GLU E 282 -36.27 -48.71 -26.14
N GLY E 283 -36.75 -47.95 -27.12
CA GLY E 283 -36.29 -48.24 -28.50
C GLY E 283 -34.90 -47.71 -28.87
N GLY E 284 -34.18 -47.16 -27.89
CA GLY E 284 -32.89 -46.50 -28.14
C GLY E 284 -33.11 -45.10 -28.67
N LEU E 285 -32.03 -44.35 -28.79
CA LEU E 285 -32.12 -43.02 -29.38
C LEU E 285 -32.16 -43.18 -30.94
N PRO E 286 -32.59 -42.13 -31.67
CA PRO E 286 -32.50 -42.26 -33.13
C PRO E 286 -31.09 -42.62 -33.60
N GLN E 287 -31.00 -43.50 -34.59
CA GLN E 287 -29.74 -43.87 -35.20
C GLN E 287 -29.04 -42.66 -35.82
N VAL E 288 -27.74 -42.58 -35.63
CA VAL E 288 -26.89 -41.50 -36.11
C VAL E 288 -25.63 -42.22 -36.67
N ASP E 289 -24.77 -41.53 -37.42
CA ASP E 289 -23.57 -42.16 -37.96
C ASP E 289 -22.43 -42.13 -36.97
N ARG E 290 -22.41 -41.10 -36.14
CA ARG E 290 -21.27 -40.85 -35.27
C ARG E 290 -21.71 -40.11 -33.99
N GLU E 291 -21.19 -40.54 -32.85
CA GLU E 291 -21.53 -39.97 -31.53
C GLU E 291 -20.29 -39.43 -30.85
N PHE E 292 -20.48 -38.39 -30.06
CA PHE E 292 -19.35 -37.80 -29.33
C PHE E 292 -19.72 -37.45 -27.89
N TYR E 293 -18.69 -37.37 -27.06
CA TYR E 293 -18.80 -37.22 -25.63
C TYR E 293 -17.99 -36.00 -25.25
N VAL E 294 -18.67 -34.91 -24.91
CA VAL E 294 -17.95 -33.75 -24.43
C VAL E 294 -18.51 -33.14 -23.18
N MET E 295 -17.63 -32.77 -22.25
CA MET E 295 -18.07 -32.02 -21.06
C MET E 295 -17.22 -30.78 -20.85
N GLN E 296 -17.85 -29.75 -20.29
CA GLN E 296 -17.22 -28.50 -19.93
C GLN E 296 -17.06 -28.39 -18.38
N GLY E 297 -15.93 -27.83 -17.93
CA GLY E 297 -15.76 -27.48 -16.52
C GLY E 297 -14.76 -26.34 -16.37
N GLU E 298 -14.54 -25.92 -15.12
CA GLU E 298 -13.66 -24.81 -14.81
C GLU E 298 -12.58 -25.27 -13.86
N ILE E 299 -11.44 -24.59 -13.94
CA ILE E 299 -10.40 -24.75 -12.94
C ILE E 299 -10.02 -23.36 -12.38
N TYR E 300 -9.80 -23.29 -11.07
CA TYR E 300 -9.60 -22.05 -10.33
C TYR E 300 -8.21 -22.03 -9.73
N THR E 301 -7.33 -21.36 -10.41
CA THR E 301 -5.91 -21.55 -10.20
C THR E 301 -5.41 -20.25 -9.47
N VAL E 302 -4.44 -20.39 -8.58
CA VAL E 302 -3.81 -19.22 -7.91
C VAL E 302 -3.25 -18.24 -8.95
N LYS E 303 -2.45 -18.76 -9.90
CA LYS E 303 -1.90 -17.91 -10.97
C LYS E 303 -2.91 -17.70 -12.10
N SER E 304 -2.79 -16.58 -12.82
CA SER E 304 -3.69 -16.30 -13.95
C SER E 304 -3.54 -17.32 -15.06
N PHE E 305 -4.63 -17.53 -15.81
CA PHE E 305 -4.60 -18.30 -17.05
C PHE E 305 -3.37 -17.95 -17.91
N GLY E 306 -2.71 -18.96 -18.43
CA GLY E 306 -1.59 -18.71 -19.30
C GLY E 306 -0.24 -18.67 -18.61
N THR E 307 -0.23 -18.69 -17.27
CA THR E 307 1.03 -18.82 -16.53
C THR E 307 1.47 -20.29 -16.53
N SER E 308 2.75 -20.56 -16.74
CA SER E 308 3.18 -21.93 -16.80
C SER E 308 3.58 -22.39 -15.41
N GLY E 309 3.86 -23.69 -15.28
CA GLY E 309 4.33 -24.24 -14.02
C GLY E 309 3.29 -25.08 -13.31
N GLU E 310 3.59 -25.40 -12.06
CA GLU E 310 2.73 -26.22 -11.25
C GLU E 310 1.62 -25.39 -10.65
N GLN E 311 0.40 -25.65 -11.07
CA GLN E 311 -0.72 -24.79 -10.72
C GLN E 311 -1.42 -25.36 -9.49
N GLU E 312 -1.96 -24.48 -8.67
CA GLU E 312 -2.65 -24.91 -7.46
C GLU E 312 -4.03 -24.28 -7.38
N MET E 313 -4.96 -24.92 -6.68
CA MET E 313 -6.31 -24.41 -6.53
C MET E 313 -6.32 -23.15 -5.63
N ASP E 314 -7.17 -22.21 -5.98
CA ASP E 314 -7.38 -21.02 -5.18
C ASP E 314 -8.83 -21.10 -4.67
N TYR E 315 -9.00 -21.32 -3.37
CA TYR E 315 -10.34 -21.49 -2.79
C TYR E 315 -11.18 -20.21 -2.89
N GLU E 316 -10.54 -19.05 -2.74
CA GLU E 316 -11.26 -17.77 -2.86
C GLU E 316 -11.88 -17.63 -4.28
N LYS E 317 -11.09 -17.99 -5.30
CA LYS E 317 -11.55 -17.95 -6.67
C LYS E 317 -12.67 -18.93 -6.89
N LEU E 318 -12.51 -20.16 -6.36
CA LEU E 318 -13.58 -21.18 -6.48
C LEU E 318 -14.91 -20.72 -5.88
N ILE E 319 -14.92 -20.32 -4.60
CA ILE E 319 -16.24 -20.04 -3.97
C ILE E 319 -16.82 -18.72 -4.42
N ASN E 320 -16.00 -17.81 -4.92
CA ASN E 320 -16.51 -16.57 -5.49
C ASN E 320 -16.67 -16.60 -7.02
N GLU E 321 -16.51 -17.78 -7.64
CA GLU E 321 -16.87 -18.01 -9.05
C GLU E 321 -16.01 -17.14 -9.99
N LYS E 322 -14.70 -17.16 -9.79
CA LYS E 322 -13.73 -16.38 -10.60
C LYS E 322 -12.76 -17.33 -11.26
N PRO E 323 -13.22 -18.06 -12.27
CA PRO E 323 -12.38 -19.14 -12.85
C PRO E 323 -11.19 -18.63 -13.65
N GLU E 324 -10.18 -19.49 -13.79
CA GLU E 324 -9.04 -19.17 -14.63
C GLU E 324 -9.05 -19.97 -15.92
N TYR E 325 -9.45 -21.23 -15.84
CA TYR E 325 -9.48 -22.09 -17.02
C TYR E 325 -10.91 -22.54 -17.24
N PHE E 326 -11.39 -22.43 -18.49
CA PHE E 326 -12.59 -23.11 -18.94
C PHE E 326 -12.19 -24.18 -19.95
N LEU E 327 -12.70 -25.39 -19.77
CA LEU E 327 -12.13 -26.53 -20.44
C LEU E 327 -13.16 -27.48 -21.02
N PHE E 328 -12.88 -27.98 -22.23
CA PHE E 328 -13.62 -29.15 -22.73
C PHE E 328 -12.73 -30.35 -22.44
N ASN E 329 -13.32 -31.40 -21.89
CA ASN E 329 -12.59 -32.66 -21.68
C ASN E 329 -11.21 -32.51 -21.03
N GLY E 330 -11.16 -31.65 -20.01
CA GLY E 330 -10.09 -31.76 -18.99
C GLY E 330 -8.88 -30.85 -19.12
N SER E 331 -8.61 -30.28 -20.31
CA SER E 331 -7.33 -29.62 -20.56
C SER E 331 -7.30 -28.57 -21.69
N VAL E 332 -6.34 -27.63 -21.62
CA VAL E 332 -6.17 -26.70 -22.76
C VAL E 332 -5.68 -27.49 -24.00
N GLY E 333 -6.34 -27.28 -25.14
CA GLY E 333 -6.00 -27.96 -26.37
C GLY E 333 -6.53 -29.39 -26.47
N SER E 334 -7.33 -29.78 -25.47
CA SER E 334 -7.86 -31.13 -25.42
C SER E 334 -8.54 -31.53 -26.73
N LEU E 335 -9.40 -30.64 -27.23
CA LEU E 335 -10.25 -30.99 -28.35
C LEU E 335 -9.81 -30.31 -29.62
N THR E 336 -8.68 -29.62 -29.55
CA THR E 336 -8.11 -29.02 -30.75
C THR E 336 -6.84 -29.75 -31.23
N ARG E 337 -5.88 -29.96 -30.33
CA ARG E 337 -4.59 -30.52 -30.69
C ARG E 337 -4.41 -31.96 -30.26
N SER E 338 -5.00 -32.35 -29.13
CA SER E 338 -4.79 -33.66 -28.58
C SER E 338 -5.75 -34.70 -29.17
N HIS E 339 -7.06 -34.46 -29.03
CA HIS E 339 -8.07 -35.36 -29.56
C HIS E 339 -9.23 -34.64 -30.25
N PRO E 340 -8.97 -34.00 -31.40
CA PRO E 340 -10.10 -33.31 -32.05
C PRO E 340 -11.18 -34.31 -32.45
N LEU E 341 -12.39 -33.81 -32.71
CA LEU E 341 -13.45 -34.65 -33.27
C LEU E 341 -13.19 -34.78 -34.80
N TYR E 342 -13.57 -35.91 -35.38
CA TYR E 342 -13.46 -36.14 -36.83
C TYR E 342 -14.74 -36.77 -37.31
N ALA E 343 -15.26 -36.27 -38.43
CA ALA E 343 -16.45 -36.83 -39.07
C ALA E 343 -16.39 -36.60 -40.60
N SER E 344 -17.32 -37.20 -41.34
CA SER E 344 -17.31 -37.10 -42.82
C SER E 344 -18.57 -36.41 -43.32
N VAL E 345 -18.49 -35.77 -44.49
CA VAL E 345 -19.64 -35.03 -45.00
C VAL E 345 -20.77 -35.99 -45.29
N GLY E 346 -22.00 -35.53 -45.05
CA GLY E 346 -23.21 -36.33 -45.18
C GLY E 346 -23.50 -37.09 -43.89
N GLU E 347 -22.52 -37.22 -43.00
CA GLU E 347 -22.82 -37.90 -41.70
C GLU E 347 -23.76 -37.09 -40.81
N THR E 348 -24.70 -37.79 -40.19
CA THR E 348 -25.44 -37.24 -39.05
C THR E 348 -24.65 -37.53 -37.76
N VAL E 349 -24.37 -36.47 -37.01
CA VAL E 349 -23.50 -36.55 -35.83
C VAL E 349 -24.34 -36.23 -34.59
N ARG E 350 -24.03 -36.90 -33.47
CA ARG E 350 -24.65 -36.58 -32.16
C ARG E 350 -23.58 -36.17 -31.15
N ILE E 351 -23.82 -35.08 -30.43
CA ILE E 351 -22.95 -34.78 -29.30
C ILE E 351 -23.71 -34.91 -27.98
N PHE E 352 -23.18 -35.75 -27.08
CA PHE E 352 -23.62 -35.81 -25.70
C PHE E 352 -22.80 -34.76 -25.00
N PHE E 353 -23.47 -33.70 -24.55
CA PHE E 353 -22.74 -32.57 -24.01
C PHE E 353 -23.21 -32.27 -22.60
N GLY E 354 -22.29 -32.25 -21.63
CA GLY E 354 -22.70 -31.98 -20.24
C GLY E 354 -21.84 -30.93 -19.60
N VAL E 355 -22.36 -30.29 -18.58
CA VAL E 355 -21.55 -29.34 -17.84
C VAL E 355 -21.23 -29.86 -16.43
N GLY E 356 -19.97 -30.20 -16.18
CA GLY E 356 -19.55 -30.55 -14.83
C GLY E 356 -19.57 -29.28 -14.00
N GLY E 357 -19.00 -28.20 -14.57
CA GLY E 357 -18.97 -26.92 -13.87
C GLY E 357 -17.69 -26.78 -13.07
N PRO E 358 -17.81 -26.49 -11.76
CA PRO E 358 -19.05 -26.50 -10.95
C PRO E 358 -20.07 -25.37 -11.11
N ASN E 359 -19.71 -24.23 -11.70
CA ASN E 359 -20.54 -23.03 -11.55
C ASN E 359 -21.21 -22.34 -12.75
N PHE E 360 -20.66 -22.49 -13.95
CA PHE E 360 -21.09 -21.68 -15.09
C PHE E 360 -21.94 -22.44 -16.10
N THR E 361 -23.02 -21.79 -16.54
CA THR E 361 -23.83 -22.34 -17.62
C THR E 361 -23.24 -22.02 -18.96
N SER E 362 -23.19 -23.08 -19.77
CA SER E 362 -22.52 -23.00 -21.08
C SER E 362 -23.57 -22.63 -22.10
N SER E 363 -23.16 -21.85 -23.09
CA SER E 363 -24.01 -21.51 -24.27
C SER E 363 -23.41 -22.27 -25.45
N PHE E 364 -23.73 -23.56 -25.51
CA PHE E 364 -22.99 -24.46 -26.37
C PHE E 364 -23.38 -24.25 -27.85
N HIS E 365 -22.36 -24.09 -28.69
CA HIS E 365 -22.57 -23.76 -30.10
C HIS E 365 -21.46 -24.40 -30.94
N VAL E 366 -21.80 -24.88 -32.16
CA VAL E 366 -20.78 -25.40 -33.08
C VAL E 366 -20.77 -24.41 -34.25
N ILE E 367 -19.71 -23.62 -34.33
CA ILE E 367 -19.56 -22.59 -35.37
C ILE E 367 -19.56 -23.26 -36.77
N GLY E 368 -20.44 -22.78 -37.66
CA GLY E 368 -20.53 -23.33 -39.03
C GLY E 368 -21.61 -24.37 -39.17
N GLU E 369 -22.21 -24.78 -38.06
CA GLU E 369 -23.36 -25.69 -38.11
C GLU E 369 -24.50 -25.20 -37.29
N ILE E 370 -25.62 -25.91 -37.41
CA ILE E 370 -26.87 -25.61 -36.75
C ILE E 370 -27.35 -26.96 -36.22
N PHE E 371 -27.90 -26.98 -35.00
CA PHE E 371 -28.40 -28.22 -34.42
C PHE E 371 -29.75 -28.53 -35.03
N ASP E 372 -29.84 -29.65 -35.72
CA ASP E 372 -31.14 -30.13 -36.21
C ASP E 372 -32.07 -30.45 -35.05
N HIS E 373 -31.55 -31.12 -34.02
CA HIS E 373 -32.32 -31.53 -32.83
C HIS E 373 -31.56 -31.17 -31.57
N VAL E 374 -32.29 -30.53 -30.66
CA VAL E 374 -31.79 -30.24 -29.31
C VAL E 374 -32.73 -30.87 -28.30
N TYR E 375 -32.21 -31.78 -27.49
CA TYR E 375 -33.00 -32.44 -26.45
C TYR E 375 -33.01 -31.54 -25.21
N SER E 376 -34.01 -30.67 -25.11
CA SER E 376 -34.06 -29.62 -24.08
C SER E 376 -33.91 -30.16 -22.66
N LEU E 377 -33.02 -29.51 -21.90
CA LEU E 377 -32.75 -29.85 -20.51
C LEU E 377 -32.38 -31.33 -20.31
N GLY E 378 -31.97 -31.96 -21.41
CA GLY E 378 -31.54 -33.34 -21.41
C GLY E 378 -32.70 -34.31 -21.44
N SER E 379 -33.92 -33.81 -21.60
CA SER E 379 -35.07 -34.70 -21.70
C SER E 379 -34.97 -35.56 -22.97
N VAL E 380 -35.05 -36.87 -22.78
CA VAL E 380 -35.00 -37.82 -23.88
C VAL E 380 -36.43 -38.30 -24.23
N VAL E 381 -37.40 -37.95 -23.40
CA VAL E 381 -38.79 -38.36 -23.62
C VAL E 381 -39.60 -37.30 -24.39
N SER E 382 -39.37 -36.02 -24.10
CA SER E 382 -40.10 -34.96 -24.80
C SER E 382 -39.55 -34.84 -26.23
N PRO E 383 -40.38 -34.39 -27.20
CA PRO E 383 -39.88 -34.17 -28.58
C PRO E 383 -38.74 -33.13 -28.58
N PRO E 384 -37.59 -33.41 -29.24
CA PRO E 384 -36.49 -32.39 -29.22
C PRO E 384 -36.91 -31.09 -29.94
N LEU E 385 -36.26 -29.96 -29.62
CA LEU E 385 -36.46 -28.72 -30.39
C LEU E 385 -35.73 -28.81 -31.73
N ILE E 386 -36.20 -28.08 -32.73
CA ILE E 386 -35.69 -28.24 -34.09
C ILE E 386 -35.04 -26.97 -34.62
N GLY E 387 -33.84 -27.09 -35.17
CA GLY E 387 -33.18 -25.98 -35.86
C GLY E 387 -32.77 -24.90 -34.87
N VAL E 388 -31.75 -25.20 -34.08
CA VAL E 388 -31.36 -24.31 -32.99
C VAL E 388 -29.88 -23.98 -33.12
N GLN E 389 -29.51 -22.73 -32.88
CA GLN E 389 -28.11 -22.33 -33.06
C GLN E 389 -27.23 -22.61 -31.85
N THR E 390 -27.80 -22.43 -30.65
CA THR E 390 -27.05 -22.30 -29.38
C THR E 390 -27.96 -22.80 -28.25
N VAL E 391 -27.42 -23.69 -27.41
CA VAL E 391 -28.19 -24.27 -26.30
C VAL E 391 -27.52 -23.99 -24.96
N SER E 392 -28.35 -23.51 -24.05
CA SER E 392 -27.92 -23.17 -22.72
C SER E 392 -27.95 -24.43 -21.83
N VAL E 393 -26.82 -24.78 -21.22
CA VAL E 393 -26.71 -26.02 -20.45
C VAL E 393 -26.19 -25.65 -19.09
N PRO E 394 -27.02 -25.87 -18.04
CA PRO E 394 -26.59 -25.47 -16.69
C PRO E 394 -25.51 -26.40 -16.11
N PRO E 395 -24.73 -25.92 -15.12
CA PRO E 395 -23.86 -26.90 -14.45
C PRO E 395 -24.75 -27.97 -13.81
N GLY E 396 -24.27 -29.23 -13.79
CA GLY E 396 -25.10 -30.35 -13.33
C GLY E 396 -26.20 -30.74 -14.33
N GLY E 397 -26.13 -30.21 -15.57
CA GLY E 397 -27.09 -30.55 -16.61
C GLY E 397 -26.39 -31.03 -17.88
N ALA E 398 -27.15 -31.69 -18.75
CA ALA E 398 -26.59 -32.22 -19.99
C ALA E 398 -27.67 -32.11 -21.08
N THR E 399 -27.27 -32.11 -22.36
CA THR E 399 -28.22 -32.24 -23.45
C THR E 399 -27.64 -33.19 -24.47
N ILE E 400 -28.44 -33.39 -25.52
CA ILE E 400 -28.00 -34.05 -26.73
C ILE E 400 -28.32 -33.13 -27.89
N VAL E 401 -27.35 -32.97 -28.78
CA VAL E 401 -27.58 -32.24 -30.03
C VAL E 401 -27.23 -33.20 -31.20
N ASP E 402 -28.07 -33.21 -32.24
CA ASP E 402 -27.91 -34.03 -33.47
C ASP E 402 -27.86 -33.03 -34.65
N PHE E 403 -27.04 -33.29 -35.65
CA PHE E 403 -26.98 -32.44 -36.84
C PHE E 403 -26.32 -33.21 -37.97
N LYS E 404 -26.89 -33.08 -39.16
CA LYS E 404 -26.28 -33.55 -40.38
C LYS E 404 -25.17 -32.60 -40.80
N ILE E 405 -24.01 -33.16 -41.15
CA ILE E 405 -22.92 -32.36 -41.67
C ILE E 405 -23.02 -32.31 -43.22
N ASP E 406 -23.37 -31.16 -43.76
CA ASP E 406 -23.72 -31.08 -45.17
C ASP E 406 -22.51 -30.89 -46.08
N ARG E 407 -21.41 -30.40 -45.51
CA ARG E 407 -20.27 -30.08 -46.31
C ARG E 407 -19.02 -30.03 -45.41
N ALA E 408 -17.86 -29.91 -46.06
CA ALA E 408 -16.59 -30.03 -45.40
C ALA E 408 -16.28 -28.76 -44.56
N GLY E 409 -15.35 -28.89 -43.63
CA GLY E 409 -14.91 -27.72 -42.87
C GLY E 409 -14.32 -28.11 -41.52
N ARG E 410 -13.69 -27.15 -40.88
CA ARG E 410 -13.30 -27.32 -39.49
C ARG E 410 -14.36 -26.61 -38.68
N TYR E 411 -15.21 -27.37 -37.98
CA TYR E 411 -16.32 -26.82 -37.21
C TYR E 411 -15.82 -26.62 -35.80
N ILE E 412 -16.40 -25.69 -35.07
CA ILE E 412 -15.69 -25.21 -33.88
C ILE E 412 -16.66 -25.19 -32.72
N LEU E 413 -16.43 -26.05 -31.74
CA LEU E 413 -17.25 -26.15 -30.52
C LEU E 413 -16.88 -25.00 -29.61
N VAL E 414 -17.87 -24.27 -29.11
CA VAL E 414 -17.60 -23.17 -28.17
C VAL E 414 -18.72 -23.04 -27.14
N ASP E 415 -18.38 -22.45 -26.00
CA ASP E 415 -19.24 -21.78 -25.09
C ASP E 415 -19.39 -20.44 -25.62
N HIS E 416 -20.57 -20.02 -26.06
CA HIS E 416 -20.71 -18.73 -26.71
C HIS E 416 -20.58 -17.47 -25.80
N ALA E 417 -20.27 -17.69 -24.53
CA ALA E 417 -19.74 -16.64 -23.73
C ALA E 417 -18.26 -16.52 -24.15
N LEU E 418 -17.98 -15.76 -25.19
CA LEU E 418 -16.73 -15.93 -25.94
C LEU E 418 -15.45 -15.42 -25.26
N SER E 419 -15.55 -14.67 -24.16
CA SER E 419 -14.32 -14.43 -23.42
C SER E 419 -13.68 -15.78 -23.00
N ARG E 420 -14.49 -16.84 -22.91
CA ARG E 420 -13.94 -18.15 -22.45
C ARG E 420 -13.01 -18.80 -23.48
N LEU E 421 -13.08 -18.33 -24.72
CA LEU E 421 -12.17 -18.79 -25.80
C LEU E 421 -10.75 -18.60 -25.39
N GLU E 422 -10.51 -17.49 -24.72
CA GLU E 422 -9.18 -17.08 -24.36
C GLU E 422 -8.77 -17.65 -23.02
N HIS E 423 -9.66 -18.42 -22.37
CA HIS E 423 -9.38 -19.20 -21.15
C HIS E 423 -9.26 -20.69 -21.39
N GLY E 424 -9.19 -21.11 -22.66
CA GLY E 424 -9.00 -22.50 -22.97
C GLY E 424 -10.14 -23.23 -23.64
N LEU E 425 -11.28 -22.54 -23.84
CA LEU E 425 -12.54 -23.22 -24.19
C LEU E 425 -12.82 -23.19 -25.69
N VAL E 426 -12.31 -24.19 -26.39
CA VAL E 426 -12.52 -24.32 -27.83
C VAL E 426 -12.24 -25.78 -28.22
N GLY E 427 -12.98 -26.30 -29.21
CA GLY E 427 -12.76 -27.64 -29.72
C GLY E 427 -12.98 -27.67 -31.24
N PHE E 428 -12.39 -28.65 -31.92
CA PHE E 428 -12.51 -28.76 -33.39
C PHE E 428 -13.23 -30.03 -33.75
N LEU E 429 -14.07 -29.93 -34.78
CA LEU E 429 -14.67 -31.03 -35.44
C LEU E 429 -14.24 -30.92 -36.90
N ASN E 430 -13.33 -31.81 -37.29
CA ASN E 430 -12.66 -31.77 -38.56
C ASN E 430 -13.39 -32.64 -39.56
N VAL E 431 -13.82 -32.01 -40.66
CA VAL E 431 -14.55 -32.71 -41.71
C VAL E 431 -13.84 -32.42 -43.04
N ASP E 432 -13.28 -33.48 -43.60
CA ASP E 432 -12.46 -33.39 -44.80
C ASP E 432 -13.27 -33.09 -46.06
N GLY E 433 -12.73 -32.26 -46.94
CA GLY E 433 -13.29 -32.11 -48.28
C GLY E 433 -13.11 -30.73 -48.87
N PRO E 434 -13.79 -30.45 -50.01
CA PRO E 434 -13.46 -29.21 -50.72
C PRO E 434 -13.94 -27.93 -50.02
N LYS E 435 -13.11 -26.89 -50.09
CA LYS E 435 -13.39 -25.60 -49.48
C LYS E 435 -14.66 -24.90 -50.07
N ASN E 436 -14.78 -24.89 -51.39
CA ASN E 436 -15.90 -24.25 -52.07
C ASN E 436 -16.89 -25.26 -52.61
N ASP E 437 -18.17 -25.07 -52.35
CA ASP E 437 -19.19 -25.89 -52.97
C ASP E 437 -20.45 -25.06 -53.08
N SER E 438 -21.56 -25.69 -53.44
CA SER E 438 -22.77 -24.92 -53.62
C SER E 438 -23.39 -24.44 -52.31
N ILE E 439 -23.06 -25.10 -51.20
CA ILE E 439 -23.59 -24.69 -49.90
C ILE E 439 -22.89 -23.45 -49.38
N MET E 440 -21.58 -23.33 -49.62
CA MET E 440 -20.86 -22.11 -49.33
C MET E 440 -19.63 -22.04 -50.24
N HIS E 441 -19.37 -20.89 -50.86
CA HIS E 441 -18.17 -20.70 -51.70
C HIS E 441 -17.77 -19.24 -51.80
N GLU E 442 -16.49 -18.98 -52.00
CA GLU E 442 -16.02 -17.62 -52.27
C GLU E 442 -16.60 -17.07 -53.56
N GLY E 443 -16.68 -15.74 -53.66
CA GLY E 443 -17.14 -15.07 -54.88
C GLY E 443 -18.64 -15.08 -55.04
N PRO E 444 -19.15 -14.39 -56.08
CA PRO E 444 -20.57 -14.13 -56.27
C PRO E 444 -21.33 -15.39 -56.67
N ALA E 445 -22.66 -15.33 -56.62
CA ALA E 445 -23.51 -16.42 -57.10
C ALA E 445 -23.70 -16.24 -58.62
N HIS F 24 -38.46 9.84 -17.10
CA HIS F 24 -37.91 8.65 -17.80
C HIS F 24 -37.40 7.59 -16.79
N ALA F 25 -36.20 7.03 -16.98
CA ALA F 25 -35.54 6.15 -15.99
C ALA F 25 -35.05 7.00 -14.82
N PRO F 26 -34.93 6.43 -13.59
CA PRO F 26 -34.46 7.30 -12.48
C PRO F 26 -33.15 8.02 -12.79
N VAL F 27 -33.04 9.24 -12.27
CA VAL F 27 -31.78 9.90 -12.31
C VAL F 27 -31.06 9.48 -11.03
N VAL F 28 -29.82 9.01 -11.18
CA VAL F 28 -29.16 8.34 -10.07
C VAL F 28 -27.94 9.14 -9.65
N PHE F 29 -27.83 9.42 -8.36
CA PHE F 29 -26.65 10.07 -7.80
C PHE F 29 -26.04 9.16 -6.77
N THR F 30 -24.74 9.00 -6.85
CA THR F 30 -23.98 8.23 -5.88
C THR F 30 -23.14 9.17 -5.01
N LEU F 31 -23.28 9.05 -3.68
CA LEU F 31 -22.55 9.83 -2.70
C LEU F 31 -21.74 8.93 -1.81
N ARG F 32 -20.46 9.23 -1.64
CA ARG F 32 -19.66 8.55 -0.61
C ARG F 32 -19.31 9.54 0.50
N THR F 33 -19.11 9.04 1.71
CA THR F 33 -18.78 9.96 2.79
C THR F 33 -17.26 9.93 2.97
N GLY F 34 -16.74 11.01 3.57
CA GLY F 34 -15.34 11.07 3.90
C GLY F 34 -14.95 12.41 4.50
N ILE F 35 -13.65 12.58 4.62
CA ILE F 35 -13.08 13.84 5.06
C ILE F 35 -12.44 14.46 3.85
N ALA F 36 -12.88 15.67 3.50
CA ALA F 36 -12.38 16.32 2.33
C ALA F 36 -12.51 17.82 2.50
N GLU F 37 -11.54 18.55 1.95
CA GLU F 37 -11.43 20.01 2.14
C GLU F 37 -11.55 20.41 3.61
N GLY F 38 -11.04 19.59 4.52
CA GLY F 38 -10.93 19.94 5.94
C GLY F 38 -12.15 19.69 6.81
N ARG F 39 -13.13 18.97 6.25
CA ARG F 39 -14.44 18.72 6.88
C ARG F 39 -14.97 17.29 6.62
N MET F 40 -15.96 16.91 7.42
CA MET F 40 -16.68 15.66 7.20
C MET F 40 -17.82 15.97 6.23
N VAL F 41 -17.79 15.33 5.07
CA VAL F 41 -18.65 15.75 3.96
C VAL F 41 -19.19 14.54 3.20
N TYR F 42 -20.05 14.82 2.22
CA TYR F 42 -20.37 13.88 1.15
C TYR F 42 -19.48 14.18 -0.04
N ILE F 43 -19.18 13.15 -0.84
CA ILE F 43 -18.38 13.34 -2.03
C ILE F 43 -19.06 12.63 -3.19
N GLY F 44 -19.34 13.36 -4.27
CA GLY F 44 -19.99 12.78 -5.42
C GLY F 44 -19.16 11.75 -6.15
N VAL F 45 -19.84 10.76 -6.73
CA VAL F 45 -19.16 9.72 -7.48
C VAL F 45 -19.81 9.61 -8.85
N GLY F 46 -19.04 9.88 -9.91
CA GLY F 46 -19.54 9.72 -11.27
C GLY F 46 -20.38 10.91 -11.74
N GLY F 47 -21.00 10.75 -12.91
CA GLY F 47 -21.94 11.72 -13.46
C GLY F 47 -21.41 13.13 -13.50
N ASP F 48 -22.32 14.09 -13.33
CA ASP F 48 -22.01 15.51 -13.25
C ASP F 48 -21.38 15.92 -11.90
N ILE F 49 -21.23 14.98 -10.96
CA ILE F 49 -20.83 15.32 -9.59
C ILE F 49 -19.53 14.64 -9.13
N ASP F 50 -18.81 14.01 -10.06
CA ASP F 50 -17.62 13.22 -9.74
C ASP F 50 -16.58 14.04 -8.98
N HIS F 51 -16.18 13.54 -7.82
CA HIS F 51 -15.20 14.16 -6.91
C HIS F 51 -15.57 15.50 -6.29
N LYS F 52 -16.81 15.97 -6.50
CA LYS F 52 -17.30 17.20 -5.92
C LYS F 52 -17.81 17.04 -4.46
N ILE F 53 -17.42 17.99 -3.62
CA ILE F 53 -17.76 17.99 -2.20
C ILE F 53 -19.18 18.49 -2.05
N ASN F 54 -19.97 17.78 -1.24
CA ASN F 54 -21.37 18.14 -1.00
C ASN F 54 -22.05 18.64 -2.28
N PRO F 55 -22.08 17.79 -3.33
CA PRO F 55 -22.46 18.29 -4.66
C PRO F 55 -23.93 18.70 -4.68
N THR F 56 -24.26 19.62 -5.56
CA THR F 56 -25.65 19.98 -5.78
C THR F 56 -26.19 18.98 -6.76
N LEU F 57 -27.35 18.42 -6.44
CA LEU F 57 -27.95 17.41 -7.27
C LEU F 57 -29.03 18.10 -8.07
N VAL F 58 -28.79 18.25 -9.37
CA VAL F 58 -29.79 18.93 -10.20
C VAL F 58 -30.69 17.99 -10.99
N VAL F 59 -31.96 18.24 -10.78
CA VAL F 59 -33.04 17.36 -11.10
C VAL F 59 -34.16 18.25 -11.71
N HIS F 60 -35.05 17.62 -12.50
CA HIS F 60 -36.21 18.30 -13.04
C HIS F 60 -37.50 17.80 -12.43
N GLU F 61 -38.48 18.69 -12.38
CA GLU F 61 -39.79 18.40 -11.79
C GLU F 61 -40.43 17.15 -12.41
N GLY F 62 -40.95 16.29 -11.52
CA GLY F 62 -41.52 15.02 -11.91
C GLY F 62 -40.57 13.81 -11.96
N GLU F 63 -39.26 14.03 -11.97
CA GLU F 63 -38.30 12.92 -12.05
C GLU F 63 -38.29 12.10 -10.76
N THR F 64 -38.05 10.79 -10.89
CA THR F 64 -37.71 9.92 -9.75
C THR F 64 -36.22 10.05 -9.53
N VAL F 65 -35.83 10.40 -8.32
CA VAL F 65 -34.43 10.62 -8.05
C VAL F 65 -33.99 9.48 -7.16
N GLN F 66 -32.89 8.83 -7.53
CA GLN F 66 -32.32 7.78 -6.68
C GLN F 66 -31.00 8.26 -6.16
N VAL F 67 -30.80 8.09 -4.86
CA VAL F 67 -29.54 8.41 -4.21
C VAL F 67 -28.91 7.15 -3.61
N ASN F 68 -27.64 6.89 -3.97
CA ASN F 68 -26.89 5.78 -3.42
C ASN F 68 -25.87 6.32 -2.42
N LEU F 69 -26.04 5.95 -1.15
CA LEU F 69 -25.14 6.42 -0.12
C LEU F 69 -24.19 5.28 0.24
N VAL F 70 -22.89 5.56 0.15
CA VAL F 70 -21.83 4.60 0.47
C VAL F 70 -20.93 5.17 1.56
N ASN F 71 -20.77 4.41 2.64
CA ASN F 71 -19.94 4.82 3.75
C ASN F 71 -18.45 4.73 3.35
N GLY F 72 -17.75 5.86 3.38
CA GLY F 72 -16.34 5.92 2.99
C GLY F 72 -15.38 5.64 4.14
N GLU F 73 -15.58 6.26 5.29
CA GLU F 73 -14.55 6.21 6.34
C GLU F 73 -14.94 5.52 7.64
N GLY F 74 -16.18 5.09 7.77
CA GLY F 74 -16.56 4.27 8.92
C GLY F 74 -17.33 4.92 10.06
N ALA F 75 -17.62 6.22 9.97
CA ALA F 75 -18.51 6.82 10.98
C ALA F 75 -19.96 6.46 10.61
N GLN F 76 -20.90 6.70 11.49
CA GLN F 76 -22.30 6.37 11.22
C GLN F 76 -22.92 7.53 10.41
N HIS F 77 -23.67 7.23 9.35
CA HIS F 77 -24.23 8.23 8.42
C HIS F 77 -25.60 7.86 7.85
N ASP F 78 -26.35 8.87 7.45
CA ASP F 78 -27.49 8.70 6.55
C ASP F 78 -27.56 9.94 5.64
N VAL F 79 -28.55 9.96 4.77
CA VAL F 79 -28.89 11.16 4.03
C VAL F 79 -30.39 11.38 4.24
N VAL F 80 -30.75 12.59 4.65
CA VAL F 80 -32.15 12.98 4.78
C VAL F 80 -32.44 14.12 3.80
N VAL F 81 -33.55 14.03 3.07
CA VAL F 81 -33.90 15.10 2.14
C VAL F 81 -34.96 15.97 2.82
N ASP F 82 -34.49 17.18 3.15
CA ASP F 82 -35.23 18.09 4.00
C ASP F 82 -36.74 18.00 3.86
N GLN F 83 -37.31 18.47 2.74
CA GLN F 83 -38.79 18.62 2.73
C GLN F 83 -39.59 17.48 2.10
N TYR F 84 -38.88 16.56 1.45
CA TYR F 84 -39.52 15.41 0.86
C TYR F 84 -39.75 14.26 1.84
N ALA F 85 -39.23 14.35 3.05
CA ALA F 85 -39.37 13.24 3.99
C ALA F 85 -38.77 11.89 3.47
N ALA F 86 -37.76 11.97 2.62
CA ALA F 86 -37.13 10.77 2.05
C ALA F 86 -35.78 10.66 2.72
N ARG F 87 -35.41 9.42 3.06
CA ARG F 87 -34.11 9.21 3.67
C ARG F 87 -33.54 7.84 3.37
N SER F 88 -32.22 7.73 3.50
CA SER F 88 -31.54 6.46 3.42
C SER F 88 -31.63 5.80 4.78
N ALA F 89 -31.39 4.49 4.84
CA ALA F 89 -31.09 3.81 6.08
C ALA F 89 -29.74 4.35 6.64
N ILE F 90 -29.50 4.08 7.93
CA ILE F 90 -28.23 4.40 8.55
C ILE F 90 -27.24 3.32 8.14
N VAL F 91 -26.04 3.78 7.88
CA VAL F 91 -24.98 3.01 7.32
C VAL F 91 -23.82 3.13 8.34
N ASN F 92 -23.32 2.00 8.81
CA ASN F 92 -22.41 2.00 9.97
C ASN F 92 -20.94 1.79 9.62
N GLY F 93 -20.59 0.68 8.97
CA GLY F 93 -19.16 0.44 8.68
C GLY F 93 -18.75 0.98 7.30
N LYS F 94 -17.44 1.09 7.08
CA LYS F 94 -16.90 1.44 5.77
C LYS F 94 -17.50 0.51 4.73
N ASN F 95 -17.89 1.05 3.58
CA ASN F 95 -18.50 0.27 2.44
C ASN F 95 -20.01 0.03 2.63
N ALA F 96 -20.52 0.14 3.87
CA ALA F 96 -21.97 -0.09 4.11
C ALA F 96 -22.78 0.92 3.31
N SER F 97 -23.87 0.46 2.72
CA SER F 97 -24.59 1.27 1.72
C SER F 97 -26.09 1.29 1.95
N SER F 98 -26.73 2.34 1.45
CA SER F 98 -28.18 2.40 1.43
C SER F 98 -28.57 3.23 0.22
N THR F 99 -29.51 2.73 -0.56
CA THR F 99 -30.08 3.44 -1.68
C THR F 99 -31.52 3.82 -1.31
N PHE F 100 -32.02 4.95 -1.80
CA PHE F 100 -33.42 5.32 -1.60
C PHE F 100 -33.80 6.23 -2.79
N SER F 101 -35.07 6.51 -2.93
CA SER F 101 -35.50 7.35 -4.02
C SER F 101 -36.68 8.23 -3.58
N PHE F 102 -37.00 9.23 -4.38
CA PHE F 102 -38.18 10.05 -4.19
C PHE F 102 -38.55 10.67 -5.52
N VAL F 103 -39.82 11.03 -5.64
CA VAL F 103 -40.31 11.75 -6.82
C VAL F 103 -40.15 13.23 -6.51
N ALA F 104 -39.37 13.92 -7.35
CA ALA F 104 -39.13 15.36 -7.18
C ALA F 104 -40.33 16.17 -7.71
N SER F 105 -41.41 16.19 -6.94
CA SER F 105 -42.68 16.74 -7.41
C SER F 105 -42.81 18.27 -7.25
N LYS F 106 -41.88 18.88 -6.52
CA LYS F 106 -41.94 20.33 -6.20
C LYS F 106 -40.66 21.04 -6.61
N VAL F 107 -40.76 22.05 -7.50
CA VAL F 107 -39.55 22.80 -7.86
C VAL F 107 -39.05 23.62 -6.67
N GLY F 108 -37.75 23.92 -6.66
CA GLY F 108 -37.15 24.62 -5.55
C GLY F 108 -35.79 24.07 -5.20
N GLU F 109 -35.30 24.52 -4.05
CA GLU F 109 -33.98 24.20 -3.57
C GLU F 109 -34.23 23.53 -2.24
N PHE F 110 -33.64 22.35 -2.02
CA PHE F 110 -33.87 21.55 -0.83
C PHE F 110 -32.56 20.97 -0.32
N ASN F 111 -32.35 21.05 0.99
CA ASN F 111 -31.16 20.48 1.59
C ASN F 111 -31.24 18.97 1.75
N TYR F 112 -30.11 18.30 1.51
CA TYR F 112 -29.87 16.97 2.05
C TYR F 112 -28.74 17.06 3.09
N TYR F 113 -28.81 16.20 4.10
CA TYR F 113 -27.95 16.32 5.24
C TYR F 113 -27.90 14.98 5.97
N CYS F 114 -26.89 14.81 6.81
CA CYS F 114 -26.80 13.63 7.65
C CYS F 114 -27.40 13.97 9.00
N SER F 115 -28.26 13.08 9.49
CA SER F 115 -28.99 13.31 10.74
C SER F 115 -28.23 12.87 11.96
N ILE F 116 -27.11 12.16 11.80
CA ILE F 116 -26.35 11.66 12.97
C ILE F 116 -25.80 12.84 13.77
N ALA F 117 -25.77 12.70 15.11
CA ALA F 117 -25.60 13.89 15.97
C ALA F 117 -24.24 14.57 15.69
N GLY F 118 -24.27 15.87 15.41
CA GLY F 118 -23.06 16.62 15.07
C GLY F 118 -22.63 16.62 13.61
N HIS F 119 -23.05 15.64 12.82
CA HIS F 119 -22.51 15.49 11.44
C HIS F 119 -22.90 16.62 10.48
N ARG F 120 -24.11 17.12 10.58
CA ARG F 120 -24.51 18.22 9.71
C ARG F 120 -23.65 19.47 10.02
N GLN F 121 -23.41 19.74 11.30
CA GLN F 121 -22.60 20.91 11.69
C GLN F 121 -21.15 20.71 11.28
N ALA F 122 -20.68 19.47 11.31
CA ALA F 122 -19.33 19.10 10.92
C ALA F 122 -19.14 19.23 9.40
N GLY F 123 -20.23 19.30 8.62
CA GLY F 123 -20.13 19.60 7.17
C GLY F 123 -21.02 18.77 6.25
N MET F 124 -21.75 17.79 6.80
CA MET F 124 -22.53 16.86 5.96
C MET F 124 -23.87 17.46 5.53
N GLU F 125 -23.80 18.29 4.50
CA GLU F 125 -24.97 18.98 3.97
C GLU F 125 -24.72 19.43 2.54
N GLY F 126 -25.68 19.20 1.65
CA GLY F 126 -25.65 19.81 0.33
C GLY F 126 -27.03 20.23 -0.12
N ASN F 127 -27.15 20.52 -1.41
CA ASN F 127 -28.41 20.96 -1.99
C ASN F 127 -28.92 20.05 -3.09
N ILE F 128 -30.23 19.88 -3.13
CA ILE F 128 -30.93 19.40 -4.31
C ILE F 128 -31.67 20.56 -4.97
N GLN F 129 -31.45 20.73 -6.26
CA GLN F 129 -32.09 21.75 -7.08
C GLN F 129 -33.04 21.05 -8.07
N VAL F 130 -34.33 21.21 -7.82
CA VAL F 130 -35.42 20.70 -8.62
C VAL F 130 -35.91 21.81 -9.57
N LEU F 131 -35.61 21.66 -10.85
CA LEU F 131 -35.87 22.67 -11.88
C LEU F 131 -37.17 22.35 -12.64
N PRO F 132 -37.81 23.40 -13.20
CA PRO F 132 -39.00 23.16 -14.04
C PRO F 132 -38.57 22.59 -15.40
N GLY F 133 -39.51 22.02 -16.12
CA GLY F 133 -39.22 21.59 -17.48
C GLY F 133 -38.64 20.20 -17.53
N ASN F 134 -38.12 19.83 -18.70
CA ASN F 134 -37.64 18.49 -18.93
C ASN F 134 -36.14 18.54 -19.06
N ARG F 135 -35.48 17.49 -18.60
CA ARG F 135 -34.04 17.33 -18.79
C ARG F 135 -33.62 17.47 -20.28
N ALA F 136 -32.55 18.19 -20.54
CA ALA F 136 -31.99 18.25 -21.91
C ALA F 136 -31.73 16.83 -22.47
N GLU F 137 -31.71 16.70 -23.79
CA GLU F 137 -31.31 15.46 -24.45
C GLU F 137 -29.85 15.11 -24.15
N MET F 138 -29.57 13.81 -24.10
CA MET F 138 -28.18 13.32 -24.06
C MET F 138 -27.41 13.90 -25.23
N LYS F 139 -26.17 14.28 -24.96
CA LYS F 139 -25.32 14.81 -26.03
C LYS F 139 -23.90 14.37 -25.73
N SER F 140 -23.05 14.43 -26.73
CA SER F 140 -21.63 14.16 -26.55
C SER F 140 -20.99 14.55 -27.85
N SER F 141 -19.69 14.36 -27.93
CA SER F 141 -18.98 14.61 -29.17
C SER F 141 -18.99 13.36 -30.02
N GLY F 142 -19.79 12.36 -29.64
CA GLY F 142 -19.82 11.08 -30.35
C GLY F 142 -20.96 11.00 -31.34
N ALA F 143 -20.80 10.21 -32.40
CA ALA F 143 -21.91 9.92 -33.34
C ALA F 143 -22.99 9.02 -32.73
N ASP F 144 -24.20 9.10 -33.27
CA ASP F 144 -25.27 8.19 -32.86
C ASP F 144 -25.07 6.84 -33.54
N ILE F 145 -24.74 5.83 -32.75
CA ILE F 145 -24.54 4.50 -33.28
C ILE F 145 -25.69 3.55 -32.93
N THR F 146 -26.82 4.08 -32.46
CA THR F 146 -27.90 3.21 -32.01
C THR F 146 -28.72 2.70 -33.20
N ARG F 147 -29.22 1.48 -33.08
CA ARG F 147 -30.21 0.94 -33.99
C ARG F 147 -31.60 1.32 -33.48
N ASP F 148 -32.39 1.94 -34.34
CA ASP F 148 -33.80 2.21 -34.06
C ASP F 148 -34.47 0.85 -34.00
N PRO F 149 -35.29 0.57 -32.94
CA PRO F 149 -35.87 -0.79 -32.82
C PRO F 149 -36.89 -1.15 -33.92
N ALA F 150 -37.42 -0.17 -34.63
CA ALA F 150 -38.34 -0.40 -35.75
C ALA F 150 -37.59 -0.50 -37.08
N ASP F 151 -36.26 -0.37 -37.03
CA ASP F 151 -35.45 -0.38 -38.26
C ASP F 151 -35.08 -1.82 -38.65
N LEU F 152 -36.07 -2.52 -39.20
CA LEU F 152 -35.82 -3.83 -39.75
C LEU F 152 -36.72 -4.02 -40.97
N PRO F 153 -36.25 -4.80 -41.98
CA PRO F 153 -37.11 -5.22 -43.07
C PRO F 153 -38.36 -5.94 -42.51
N GLY F 154 -39.50 -5.72 -43.17
CA GLY F 154 -40.73 -6.35 -42.77
C GLY F 154 -40.82 -7.72 -43.44
N PRO F 155 -41.93 -8.44 -43.20
CA PRO F 155 -42.16 -9.74 -43.82
C PRO F 155 -41.82 -9.77 -45.32
N ILE F 156 -41.05 -10.76 -45.69
CA ILE F 156 -40.75 -11.06 -47.07
C ILE F 156 -42.08 -11.44 -47.74
N GLY F 157 -42.24 -11.23 -49.02
CA GLY F 157 -43.50 -11.90 -49.52
C GLY F 157 -43.52 -13.44 -49.37
N PRO F 158 -44.65 -14.10 -49.67
CA PRO F 158 -44.73 -15.53 -50.09
C PRO F 158 -43.79 -16.04 -51.24
N ARG F 159 -43.20 -15.22 -52.10
CA ARG F 159 -41.95 -15.65 -52.82
C ARG F 159 -41.50 -17.15 -52.83
N GLN F 160 -41.00 -17.60 -53.98
CA GLN F 160 -40.14 -18.79 -54.05
C GLN F 160 -38.71 -18.42 -53.63
N ALA F 161 -37.90 -19.43 -53.29
CA ALA F 161 -36.48 -19.24 -53.00
C ALA F 161 -35.76 -18.55 -54.14
N LYS F 162 -34.82 -17.65 -53.83
CA LYS F 162 -34.05 -16.92 -54.85
C LYS F 162 -32.62 -16.58 -54.36
N THR F 163 -31.82 -16.02 -55.24
CA THR F 163 -30.55 -15.41 -54.83
C THR F 163 -30.72 -13.97 -54.36
N VAL F 164 -30.25 -13.70 -53.13
CA VAL F 164 -30.43 -12.41 -52.46
C VAL F 164 -29.05 -11.79 -52.32
N ARG F 165 -28.89 -10.50 -52.62
CA ARG F 165 -27.61 -9.84 -52.38
C ARG F 165 -27.66 -9.07 -51.06
N ILE F 166 -26.66 -9.22 -50.20
CA ILE F 166 -26.62 -8.40 -48.98
C ILE F 166 -25.26 -7.70 -48.90
N ASP F 167 -25.25 -6.40 -48.60
CA ASP F 167 -24.02 -5.61 -48.48
C ASP F 167 -23.79 -5.18 -47.03
N LEU F 168 -22.65 -5.59 -46.45
CA LEU F 168 -22.26 -5.16 -45.11
C LEU F 168 -21.02 -4.32 -45.25
N GLU F 169 -20.93 -3.27 -44.45
CA GLU F 169 -19.70 -2.49 -44.34
C GLU F 169 -19.25 -2.50 -42.89
N THR F 170 -17.95 -2.74 -42.67
CA THR F 170 -17.45 -2.77 -41.31
C THR F 170 -16.72 -1.46 -41.06
N VAL F 171 -17.19 -0.75 -40.05
CA VAL F 171 -16.81 0.64 -39.82
C VAL F 171 -16.51 0.94 -38.33
N GLU F 172 -15.30 1.47 -38.06
CA GLU F 172 -14.89 1.87 -36.72
C GLU F 172 -15.19 3.36 -36.51
N VAL F 173 -15.89 3.69 -35.44
CA VAL F 173 -16.43 5.00 -35.26
C VAL F 173 -16.50 5.43 -33.80
N LYS F 174 -16.14 6.68 -33.55
CA LYS F 174 -16.37 7.27 -32.23
C LYS F 174 -17.87 7.47 -32.01
N GLY F 175 -18.48 6.65 -31.14
CA GLY F 175 -19.91 6.79 -30.83
C GLY F 175 -20.28 7.28 -29.43
N GLN F 176 -21.50 7.76 -29.30
CA GLN F 176 -22.04 8.13 -27.99
C GLN F 176 -22.43 6.86 -27.21
N LEU F 177 -21.80 6.68 -26.05
CA LEU F 177 -22.10 5.58 -25.14
C LEU F 177 -23.11 6.02 -24.07
N ASP F 178 -23.01 7.28 -23.65
CA ASP F 178 -23.89 7.85 -22.64
C ASP F 178 -23.76 9.39 -22.79
N ASP F 179 -24.51 10.14 -22.00
CA ASP F 179 -24.39 11.61 -21.96
C ASP F 179 -22.94 11.98 -21.69
N ASN F 180 -22.37 12.84 -22.53
CA ASN F 180 -20.98 13.34 -22.28
C ASN F 180 -19.96 12.15 -22.16
N THR F 181 -20.31 11.04 -22.79
CA THR F 181 -19.42 9.87 -22.82
C THR F 181 -19.34 9.10 -24.15
N THR F 182 -18.11 8.85 -24.61
CA THR F 182 -17.94 8.26 -25.94
C THR F 182 -17.04 7.03 -25.92
N TYR F 183 -16.98 6.31 -27.04
CA TYR F 183 -16.33 5.02 -27.08
C TYR F 183 -16.03 4.74 -28.56
N THR F 184 -14.95 3.99 -28.82
CA THR F 184 -14.73 3.53 -30.20
C THR F 184 -15.48 2.22 -30.45
N TYR F 185 -16.57 2.35 -31.17
CA TYR F 185 -17.36 1.22 -31.58
C TYR F 185 -16.85 0.70 -32.89
N TRP F 186 -16.96 -0.62 -33.05
CA TRP F 186 -16.69 -1.28 -34.30
C TRP F 186 -18.07 -1.82 -34.70
N THR F 187 -18.50 -1.54 -35.94
CA THR F 187 -19.89 -1.76 -36.32
C THR F 187 -20.00 -2.39 -37.70
N PHE F 188 -21.15 -3.05 -37.93
CA PHE F 188 -21.63 -3.28 -39.26
C PHE F 188 -22.55 -2.13 -39.63
N ASN F 189 -22.16 -1.40 -40.67
CA ASN F 189 -22.97 -0.29 -41.25
C ASN F 189 -23.27 0.83 -40.31
N GLY F 190 -22.31 1.08 -39.40
CA GLY F 190 -22.36 2.27 -38.53
C GLY F 190 -23.26 2.27 -37.29
N LYS F 191 -24.00 1.18 -37.05
CA LYS F 191 -24.91 1.07 -35.90
C LYS F 191 -24.83 -0.23 -35.14
N VAL F 192 -25.38 -0.22 -33.91
CA VAL F 192 -25.35 -1.40 -33.03
C VAL F 192 -26.75 -1.71 -32.50
N PRO F 193 -27.27 -2.93 -32.73
CA PRO F 193 -26.75 -4.01 -33.60
C PRO F 193 -26.65 -3.62 -35.10
N GLY F 194 -26.06 -4.50 -35.89
CA GLY F 194 -25.94 -4.26 -37.31
C GLY F 194 -27.31 -4.47 -37.96
N PRO F 195 -27.37 -4.37 -39.29
CA PRO F 195 -28.59 -4.51 -40.06
C PRO F 195 -29.25 -5.85 -39.79
N PHE F 196 -30.55 -5.79 -39.54
CA PHE F 196 -31.39 -6.98 -39.50
C PHE F 196 -31.52 -7.55 -40.90
N LEU F 197 -31.08 -8.79 -41.07
CA LEU F 197 -31.10 -9.43 -42.37
C LEU F 197 -32.27 -10.39 -42.38
N ARG F 198 -33.01 -10.42 -43.49
CA ARG F 198 -34.25 -11.21 -43.52
C ARG F 198 -34.33 -11.91 -44.87
N VAL F 199 -34.25 -13.23 -44.84
CA VAL F 199 -34.29 -14.05 -46.02
C VAL F 199 -35.26 -15.21 -45.76
N ARG F 200 -35.45 -16.05 -46.77
CA ARG F 200 -36.33 -17.22 -46.72
C ARG F 200 -35.47 -18.49 -46.75
N VAL F 201 -35.84 -19.54 -46.02
CA VAL F 201 -35.15 -20.84 -46.20
C VAL F 201 -35.05 -21.14 -47.68
N GLY F 202 -33.96 -21.78 -48.08
CA GLY F 202 -33.72 -22.09 -49.46
C GLY F 202 -33.04 -20.95 -50.23
N ASP F 203 -33.15 -19.70 -49.76
CA ASP F 203 -32.45 -18.57 -50.41
C ASP F 203 -30.97 -18.82 -50.52
N THR F 204 -30.38 -18.31 -51.60
CA THR F 204 -28.93 -18.24 -51.72
C THR F 204 -28.56 -16.80 -51.43
N VAL F 205 -27.66 -16.61 -50.45
CA VAL F 205 -27.25 -15.27 -50.05
C VAL F 205 -25.89 -14.98 -50.63
N GLU F 206 -25.80 -13.90 -51.42
CA GLU F 206 -24.55 -13.38 -51.89
C GLU F 206 -24.14 -12.18 -50.97
N LEU F 207 -23.15 -12.43 -50.14
CA LEU F 207 -22.76 -11.48 -49.10
C LEU F 207 -21.54 -10.71 -49.57
N HIS F 208 -21.66 -9.39 -49.69
CA HIS F 208 -20.51 -8.54 -49.97
C HIS F 208 -20.05 -7.86 -48.66
N LEU F 209 -18.83 -8.10 -48.22
CA LEU F 209 -18.35 -7.43 -47.02
C LEU F 209 -17.26 -6.44 -47.37
N LYS F 210 -17.53 -5.16 -47.17
CA LYS F 210 -16.50 -4.14 -47.39
C LYS F 210 -16.00 -3.63 -46.04
N ASN F 211 -14.69 -3.62 -45.86
CA ASN F 211 -14.06 -3.03 -44.69
C ASN F 211 -13.56 -1.62 -45.00
N HIS F 212 -14.06 -0.62 -44.29
CA HIS F 212 -13.66 0.76 -44.58
C HIS F 212 -12.12 0.91 -44.54
N LYS F 213 -11.58 1.71 -45.44
CA LYS F 213 -10.13 1.93 -45.57
C LYS F 213 -9.51 2.53 -44.34
N ASP F 214 -10.30 3.31 -43.61
CA ASP F 214 -9.85 3.92 -42.36
C ASP F 214 -9.85 2.94 -41.18
N SER F 215 -10.42 1.74 -41.34
CA SER F 215 -10.44 0.78 -40.20
C SER F 215 -9.01 0.43 -39.81
N LEU F 216 -8.74 0.24 -38.51
CA LEU F 216 -7.42 -0.28 -38.11
C LEU F 216 -7.36 -1.78 -38.22
N MET F 217 -8.49 -2.46 -38.02
CA MET F 217 -8.51 -3.92 -37.87
C MET F 217 -9.04 -4.62 -39.13
N VAL F 218 -8.65 -5.89 -39.31
CA VAL F 218 -9.43 -6.74 -40.15
C VAL F 218 -10.78 -7.07 -39.50
N HIS F 219 -11.81 -7.17 -40.33
CA HIS F 219 -13.16 -7.53 -39.85
C HIS F 219 -13.70 -8.61 -40.74
N SER F 220 -14.73 -9.28 -40.26
CA SER F 220 -15.33 -10.42 -40.95
C SER F 220 -16.75 -10.67 -40.43
N VAL F 221 -17.33 -11.80 -40.80
CA VAL F 221 -18.69 -12.11 -40.35
C VAL F 221 -18.89 -13.62 -40.34
N ASP F 222 -19.58 -14.10 -39.30
CA ASP F 222 -19.98 -15.48 -39.08
C ASP F 222 -21.50 -15.39 -38.82
N PHE F 223 -22.29 -16.13 -39.63
CA PHE F 223 -23.72 -16.12 -39.48
C PHE F 223 -24.06 -17.45 -38.84
N HIS F 224 -24.83 -17.41 -37.76
CA HIS F 224 -25.24 -18.67 -37.14
C HIS F 224 -26.22 -19.40 -38.05
N GLY F 225 -26.82 -18.70 -39.01
CA GLY F 225 -27.72 -19.36 -39.98
C GLY F 225 -27.04 -19.88 -41.25
N ALA F 226 -25.72 -19.70 -41.36
CA ALA F 226 -24.94 -20.20 -42.49
C ALA F 226 -24.34 -21.57 -42.12
N THR F 227 -24.09 -22.41 -43.13
CA THR F 227 -23.57 -23.76 -42.96
C THR F 227 -22.26 -23.91 -43.70
N GLY F 228 -21.17 -24.06 -42.96
CA GLY F 228 -19.85 -24.05 -43.58
C GLY F 228 -18.83 -23.35 -42.71
N PRO F 229 -17.54 -23.41 -43.14
CA PRO F 229 -16.38 -22.90 -42.37
C PRO F 229 -16.55 -21.50 -41.74
N GLY F 230 -16.45 -21.47 -40.42
CA GLY F 230 -16.67 -20.26 -39.61
C GLY F 230 -18.02 -19.58 -39.77
N GLY F 231 -19.03 -20.27 -40.27
CA GLY F 231 -20.28 -19.58 -40.60
C GLY F 231 -20.11 -18.46 -41.61
N ALA F 232 -19.08 -18.61 -42.47
CA ALA F 232 -18.65 -17.69 -43.53
C ALA F 232 -17.38 -16.90 -43.17
N ALA F 233 -16.95 -16.98 -41.92
CA ALA F 233 -15.80 -16.23 -41.42
C ALA F 233 -14.50 -16.60 -42.13
N ALA F 234 -14.37 -17.88 -42.52
CA ALA F 234 -13.20 -18.33 -43.28
C ALA F 234 -13.15 -17.73 -44.69
N PHE F 235 -14.26 -17.15 -45.14
CA PHE F 235 -14.31 -16.53 -46.46
C PHE F 235 -14.33 -14.99 -46.37
N THR F 236 -14.38 -14.44 -45.15
CA THR F 236 -14.66 -13.00 -45.05
C THR F 236 -13.69 -12.19 -44.20
N GLN F 237 -12.50 -12.74 -43.91
CA GLN F 237 -11.47 -11.94 -43.26
C GLN F 237 -11.07 -10.83 -44.25
N THR F 238 -11.43 -9.60 -43.94
CA THR F 238 -11.33 -8.50 -44.89
C THR F 238 -10.42 -7.39 -44.37
N ASP F 239 -9.30 -7.16 -45.08
CA ASP F 239 -8.38 -6.07 -44.74
C ASP F 239 -9.05 -4.72 -44.98
N PRO F 240 -8.64 -3.69 -44.22
CA PRO F 240 -9.17 -2.36 -44.42
C PRO F 240 -9.06 -1.95 -45.92
N GLY F 241 -10.08 -1.30 -46.46
CA GLY F 241 -10.09 -0.87 -47.87
C GLY F 241 -10.41 -1.97 -48.89
N GLU F 242 -10.48 -3.21 -48.43
CA GLU F 242 -10.78 -4.35 -49.28
C GLU F 242 -12.24 -4.78 -49.17
N GLU F 243 -12.59 -5.68 -50.09
CA GLU F 243 -13.87 -6.30 -50.11
C GLU F 243 -13.71 -7.80 -50.22
N THR F 244 -14.71 -8.50 -49.70
CA THR F 244 -14.72 -9.96 -49.67
C THR F 244 -16.16 -10.37 -50.06
N VAL F 245 -16.30 -11.44 -50.84
CA VAL F 245 -17.63 -11.89 -51.27
C VAL F 245 -17.73 -13.39 -51.00
N VAL F 246 -18.85 -13.78 -50.40
CA VAL F 246 -19.08 -15.17 -50.12
C VAL F 246 -20.55 -15.44 -50.46
N THR F 247 -20.84 -16.61 -51.03
CA THR F 247 -22.24 -16.94 -51.19
C THR F 247 -22.59 -18.23 -50.43
N PHE F 248 -23.73 -18.21 -49.74
CA PHE F 248 -24.09 -19.36 -48.89
C PHE F 248 -25.59 -19.64 -48.93
N LYS F 249 -25.95 -20.91 -48.87
CA LYS F 249 -27.34 -21.28 -48.76
C LYS F 249 -27.85 -21.20 -47.32
N ALA F 250 -29.07 -20.68 -47.17
CA ALA F 250 -29.82 -20.69 -45.94
C ALA F 250 -30.65 -21.97 -45.84
N LEU F 251 -30.14 -22.97 -45.13
CA LEU F 251 -30.72 -24.32 -45.15
C LEU F 251 -31.83 -24.53 -44.13
N ILE F 252 -31.83 -23.77 -43.03
CA ILE F 252 -32.70 -24.08 -41.89
C ILE F 252 -33.34 -22.79 -41.38
N PRO F 253 -34.68 -22.75 -41.34
CA PRO F 253 -35.32 -21.52 -40.83
C PRO F 253 -34.97 -21.26 -39.34
N GLY F 254 -34.95 -20.01 -38.92
CA GLY F 254 -34.61 -19.66 -37.51
C GLY F 254 -34.25 -18.21 -37.38
N ILE F 255 -34.04 -17.77 -36.16
CA ILE F 255 -33.61 -16.42 -35.88
C ILE F 255 -32.17 -16.53 -35.34
N TYR F 256 -31.20 -16.02 -36.13
CA TYR F 256 -29.80 -16.29 -35.94
C TYR F 256 -28.97 -15.06 -35.55
N VAL F 257 -28.11 -15.20 -34.56
CA VAL F 257 -27.12 -14.14 -34.42
C VAL F 257 -26.03 -14.25 -35.44
N TYR F 258 -25.56 -13.08 -35.89
CA TYR F 258 -24.36 -13.01 -36.67
C TYR F 258 -23.46 -12.00 -35.99
N HIS F 259 -22.15 -12.15 -36.23
CA HIS F 259 -21.19 -11.27 -35.56
C HIS F 259 -19.87 -11.38 -36.29
N CYS F 260 -19.00 -10.41 -36.04
CA CYS F 260 -17.63 -10.46 -36.54
C CYS F 260 -16.90 -11.64 -35.91
N ALA F 261 -16.06 -12.29 -36.70
CA ALA F 261 -15.36 -13.48 -36.29
C ALA F 261 -13.82 -13.32 -36.49
N THR F 262 -13.31 -12.11 -36.28
CA THR F 262 -11.87 -11.90 -36.38
C THR F 262 -11.31 -11.88 -34.97
N PRO F 263 -10.22 -12.67 -34.71
CA PRO F 263 -9.58 -12.58 -33.38
C PRO F 263 -9.09 -11.16 -33.05
N SER F 264 -9.38 -10.63 -31.86
CA SER F 264 -10.06 -11.34 -30.76
C SER F 264 -11.57 -11.24 -30.94
N VAL F 265 -12.24 -12.39 -31.06
CA VAL F 265 -13.66 -12.36 -31.39
C VAL F 265 -14.49 -11.63 -30.30
N PRO F 266 -14.33 -11.95 -29.02
CA PRO F 266 -15.09 -11.19 -28.00
C PRO F 266 -14.78 -9.64 -27.98
N THR F 267 -13.59 -9.23 -28.37
CA THR F 267 -13.29 -7.81 -28.53
C THR F 267 -14.13 -7.20 -29.66
N HIS F 268 -14.15 -7.81 -30.85
CA HIS F 268 -14.99 -7.31 -31.97
C HIS F 268 -16.47 -7.27 -31.58
N ILE F 269 -16.91 -8.29 -30.84
CA ILE F 269 -18.32 -8.34 -30.38
C ILE F 269 -18.61 -7.25 -29.33
N THR F 270 -17.80 -7.13 -28.28
CA THR F 270 -18.09 -6.06 -27.29
C THR F 270 -18.06 -4.67 -27.94
N ASN F 271 -17.22 -4.47 -28.95
CA ASN F 271 -17.16 -3.14 -29.61
C ASN F 271 -18.37 -2.85 -30.49
N GLY F 272 -19.17 -3.85 -30.78
CA GLY F 272 -20.50 -3.60 -31.37
C GLY F 272 -20.84 -4.44 -32.56
N MET F 273 -20.01 -5.41 -32.90
CA MET F 273 -20.19 -6.17 -34.18
C MET F 273 -21.07 -7.41 -34.06
N TYR F 274 -22.36 -7.19 -33.96
CA TYR F 274 -23.33 -8.26 -33.83
C TYR F 274 -24.63 -7.79 -34.42
N GLY F 275 -25.39 -8.73 -34.96
CA GLY F 275 -26.75 -8.43 -35.47
C GLY F 275 -27.57 -9.70 -35.55
N LEU F 276 -28.76 -9.59 -36.14
CA LEU F 276 -29.65 -10.72 -36.35
C LEU F 276 -29.89 -11.00 -37.82
N LEU F 277 -30.00 -12.29 -38.10
CA LEU F 277 -30.41 -12.80 -39.40
C LEU F 277 -31.64 -13.69 -39.18
N LEU F 278 -32.77 -13.31 -39.76
CA LEU F 278 -33.94 -14.16 -39.81
C LEU F 278 -33.99 -14.97 -41.11
N VAL F 279 -34.00 -16.29 -40.98
CA VAL F 279 -34.35 -17.20 -42.08
C VAL F 279 -35.82 -17.59 -41.92
N GLU F 280 -36.69 -16.98 -42.71
CA GLU F 280 -38.12 -17.25 -42.58
C GLU F 280 -38.44 -18.67 -43.02
N PRO F 281 -39.40 -19.33 -42.33
CA PRO F 281 -39.90 -20.60 -42.83
C PRO F 281 -40.73 -20.32 -44.07
N GLU F 282 -40.95 -21.36 -44.87
CA GLU F 282 -41.66 -21.28 -46.17
C GLU F 282 -42.92 -20.41 -46.15
N GLY F 283 -43.77 -20.55 -45.15
CA GLY F 283 -44.95 -19.67 -45.18
C GLY F 283 -44.87 -18.32 -44.45
N GLY F 284 -43.68 -17.92 -43.99
CA GLY F 284 -43.57 -16.72 -43.17
C GLY F 284 -43.88 -16.98 -41.71
N LEU F 285 -43.49 -16.05 -40.83
CA LEU F 285 -43.90 -16.09 -39.42
C LEU F 285 -45.38 -15.70 -39.32
N PRO F 286 -46.07 -16.06 -38.21
CA PRO F 286 -47.45 -15.57 -38.11
C PRO F 286 -47.48 -14.05 -38.23
N GLN F 287 -48.52 -13.54 -38.87
CA GLN F 287 -48.63 -12.12 -39.13
C GLN F 287 -48.94 -11.35 -37.83
N VAL F 288 -48.32 -10.20 -37.65
CA VAL F 288 -48.41 -9.48 -36.40
C VAL F 288 -48.61 -8.00 -36.81
N ASP F 289 -48.97 -7.10 -35.90
CA ASP F 289 -49.09 -5.69 -36.26
C ASP F 289 -47.76 -4.92 -36.35
N ARG F 290 -46.85 -5.12 -35.39
CA ARG F 290 -45.56 -4.44 -35.48
C ARG F 290 -44.49 -5.37 -35.00
N GLU F 291 -43.34 -5.27 -35.64
CA GLU F 291 -42.17 -6.03 -35.25
C GLU F 291 -41.08 -5.08 -34.77
N PHE F 292 -40.23 -5.59 -33.87
CA PHE F 292 -39.13 -4.79 -33.34
C PHE F 292 -37.85 -5.61 -33.30
N TYR F 293 -36.74 -4.90 -33.32
CA TYR F 293 -35.40 -5.48 -33.42
C TYR F 293 -34.62 -4.98 -32.19
N VAL F 294 -34.29 -5.88 -31.28
CA VAL F 294 -33.43 -5.50 -30.14
C VAL F 294 -32.35 -6.50 -29.79
N MET F 295 -31.14 -5.98 -29.56
CA MET F 295 -30.06 -6.85 -29.08
C MET F 295 -29.42 -6.26 -27.86
N GLN F 296 -28.96 -7.16 -26.99
CA GLN F 296 -28.27 -6.81 -25.76
C GLN F 296 -26.77 -7.12 -25.90
N GLY F 297 -25.93 -6.22 -25.39
CA GLY F 297 -24.49 -6.48 -25.32
C GLY F 297 -23.83 -5.75 -24.16
N GLU F 298 -22.54 -6.04 -23.93
CA GLU F 298 -21.83 -5.43 -22.80
C GLU F 298 -20.66 -4.61 -23.33
N ILE F 299 -20.26 -3.63 -22.54
CA ILE F 299 -19.02 -2.89 -22.79
C ILE F 299 -18.21 -2.90 -21.51
N TYR F 300 -16.90 -3.07 -21.67
CA TYR F 300 -15.91 -3.27 -20.60
C TYR F 300 -14.90 -2.13 -20.60
N THR F 301 -15.18 -1.19 -19.77
CA THR F 301 -14.56 0.11 -19.87
C THR F 301 -13.55 0.25 -18.71
N VAL F 302 -12.46 0.99 -18.92
CA VAL F 302 -11.46 1.22 -17.89
C VAL F 302 -12.10 1.92 -16.67
N LYS F 303 -12.86 2.97 -16.92
CA LYS F 303 -13.55 3.73 -15.87
C LYS F 303 -14.89 3.08 -15.51
N SER F 304 -15.39 3.33 -14.31
CA SER F 304 -16.67 2.80 -13.87
C SER F 304 -17.83 3.38 -14.62
N PHE F 305 -18.88 2.58 -14.80
CA PHE F 305 -20.13 3.04 -15.37
C PHE F 305 -20.43 4.38 -14.67
N GLY F 306 -20.91 5.34 -15.42
CA GLY F 306 -21.38 6.61 -14.89
C GLY F 306 -20.33 7.69 -14.98
N THR F 307 -19.07 7.30 -15.26
CA THR F 307 -17.96 8.23 -15.45
C THR F 307 -17.93 8.78 -16.87
N SER F 308 -18.00 10.11 -16.98
CA SER F 308 -18.07 10.76 -18.27
C SER F 308 -16.74 10.78 -18.96
N GLY F 309 -16.73 11.21 -20.22
CA GLY F 309 -15.48 11.33 -20.98
C GLY F 309 -15.26 10.22 -21.99
N GLU F 310 -14.08 10.23 -22.59
CA GLU F 310 -13.68 9.26 -23.60
C GLU F 310 -13.34 7.95 -22.93
N GLN F 311 -14.12 6.93 -23.22
CA GLN F 311 -13.95 5.61 -22.61
C GLN F 311 -13.09 4.68 -23.47
N GLU F 312 -12.36 3.77 -22.81
CA GLU F 312 -11.44 2.86 -23.47
C GLU F 312 -11.75 1.45 -22.94
N MET F 313 -11.49 0.45 -23.77
CA MET F 313 -11.68 -0.96 -23.39
C MET F 313 -10.70 -1.40 -22.33
N ASP F 314 -11.19 -2.23 -21.41
CA ASP F 314 -10.35 -2.79 -20.36
C ASP F 314 -10.35 -4.29 -20.61
N TYR F 315 -9.20 -4.79 -21.02
CA TYR F 315 -9.11 -6.19 -21.45
C TYR F 315 -9.19 -7.16 -20.24
N GLU F 316 -8.62 -6.80 -19.10
CA GLU F 316 -8.81 -7.59 -17.86
C GLU F 316 -10.30 -7.76 -17.52
N LYS F 317 -11.06 -6.67 -17.67
CA LYS F 317 -12.48 -6.71 -17.35
C LYS F 317 -13.21 -7.59 -18.34
N LEU F 318 -12.83 -7.47 -19.63
CA LEU F 318 -13.46 -8.25 -20.71
C LEU F 318 -13.23 -9.74 -20.49
N ILE F 319 -11.96 -10.10 -20.34
CA ILE F 319 -11.57 -11.49 -20.30
C ILE F 319 -12.08 -12.16 -19.00
N ASN F 320 -12.23 -11.37 -17.92
CA ASN F 320 -12.77 -11.90 -16.67
C ASN F 320 -14.26 -11.61 -16.44
N GLU F 321 -14.96 -11.16 -17.48
CA GLU F 321 -16.41 -11.00 -17.44
C GLU F 321 -16.85 -10.05 -16.33
N LYS F 322 -16.31 -8.82 -16.34
CA LYS F 322 -16.66 -7.77 -15.38
C LYS F 322 -17.11 -6.50 -16.09
N PRO F 323 -18.34 -6.51 -16.66
CA PRO F 323 -18.79 -5.42 -17.53
C PRO F 323 -19.04 -4.13 -16.77
N GLU F 324 -18.99 -3.02 -17.51
CA GLU F 324 -19.41 -1.76 -16.90
C GLU F 324 -20.77 -1.32 -17.44
N TYR F 325 -21.00 -1.53 -18.73
CA TYR F 325 -22.23 -1.11 -19.39
C TYR F 325 -22.93 -2.35 -19.89
N PHE F 326 -24.23 -2.40 -19.70
CA PHE F 326 -25.08 -3.39 -20.31
C PHE F 326 -26.06 -2.58 -21.13
N LEU F 327 -26.22 -2.96 -22.38
CA LEU F 327 -26.83 -2.07 -23.37
C LEU F 327 -27.83 -2.78 -24.28
N PHE F 328 -28.92 -2.10 -24.58
CA PHE F 328 -29.81 -2.49 -25.65
C PHE F 328 -29.54 -1.52 -26.80
N ASN F 329 -29.44 -2.09 -28.00
CA ASN F 329 -29.22 -1.32 -29.19
C ASN F 329 -28.17 -0.21 -29.05
N GLY F 330 -27.04 -0.54 -28.41
CA GLY F 330 -25.77 0.17 -28.60
C GLY F 330 -25.38 1.25 -27.60
N SER F 331 -26.33 1.78 -26.84
CA SER F 331 -25.99 2.94 -26.02
C SER F 331 -26.91 3.08 -24.83
N VAL F 332 -26.46 3.87 -23.83
CA VAL F 332 -27.32 4.18 -22.69
C VAL F 332 -28.47 5.10 -23.16
N GLY F 333 -29.72 4.72 -22.88
CA GLY F 333 -30.89 5.52 -23.26
C GLY F 333 -31.33 5.27 -24.69
N SER F 334 -30.70 4.29 -25.34
CA SER F 334 -31.00 4.02 -26.72
C SER F 334 -32.49 3.77 -26.92
N LEU F 335 -33.09 2.96 -26.03
CA LEU F 335 -34.47 2.58 -26.19
C LEU F 335 -35.44 3.28 -25.22
N THR F 336 -34.93 4.27 -24.49
CA THR F 336 -35.76 5.10 -23.60
C THR F 336 -35.93 6.47 -24.26
N ARG F 337 -34.82 7.15 -24.55
CA ARG F 337 -34.88 8.53 -25.01
C ARG F 337 -34.59 8.67 -26.48
N SER F 338 -33.69 7.87 -27.04
CA SER F 338 -33.34 8.06 -28.45
C SER F 338 -34.45 7.57 -29.35
N HIS F 339 -34.84 6.31 -29.20
CA HIS F 339 -35.97 5.80 -29.97
C HIS F 339 -36.59 4.63 -29.28
N PRO F 340 -37.59 4.90 -28.45
CA PRO F 340 -38.28 3.86 -27.74
C PRO F 340 -39.11 2.99 -28.72
N LEU F 341 -39.51 1.81 -28.26
CA LEU F 341 -40.54 1.08 -28.93
C LEU F 341 -41.87 1.82 -28.67
N TYR F 342 -42.75 1.82 -29.66
CA TYR F 342 -44.09 2.31 -29.42
C TYR F 342 -45.09 1.46 -30.21
N ALA F 343 -46.27 1.27 -29.64
CA ALA F 343 -47.34 0.53 -30.31
C ALA F 343 -48.68 1.12 -29.86
N SER F 344 -49.81 0.61 -30.38
CA SER F 344 -51.18 1.07 -30.03
C SER F 344 -51.92 -0.06 -29.33
N VAL F 345 -52.93 0.27 -28.52
CA VAL F 345 -53.65 -0.79 -27.77
C VAL F 345 -54.38 -1.72 -28.71
N GLY F 346 -54.40 -3.02 -28.37
CA GLY F 346 -55.01 -4.02 -29.25
C GLY F 346 -54.08 -4.62 -30.30
N GLU F 347 -52.91 -4.01 -30.52
CA GLU F 347 -51.88 -4.58 -31.44
C GLU F 347 -51.15 -5.80 -30.87
N THR F 348 -50.93 -6.78 -31.72
CA THR F 348 -50.01 -7.86 -31.41
C THR F 348 -48.63 -7.47 -31.93
N VAL F 349 -47.63 -7.47 -31.05
CA VAL F 349 -46.29 -7.11 -31.45
C VAL F 349 -45.37 -8.32 -31.30
N ARG F 350 -44.27 -8.26 -32.07
CA ARG F 350 -43.22 -9.24 -32.04
C ARG F 350 -41.91 -8.50 -31.71
N ILE F 351 -41.13 -9.03 -30.80
CA ILE F 351 -39.74 -8.58 -30.66
C ILE F 351 -38.82 -9.74 -31.09
N PHE F 352 -37.94 -9.44 -32.05
CA PHE F 352 -36.80 -10.27 -32.36
C PHE F 352 -35.70 -9.84 -31.39
N PHE F 353 -35.31 -10.74 -30.47
CA PHE F 353 -34.41 -10.37 -29.37
C PHE F 353 -33.20 -11.25 -29.39
N GLY F 354 -32.02 -10.64 -29.50
CA GLY F 354 -30.80 -11.40 -29.57
C GLY F 354 -29.75 -10.95 -28.59
N VAL F 355 -28.87 -11.83 -28.16
CA VAL F 355 -27.76 -11.41 -27.30
C VAL F 355 -26.43 -11.47 -28.04
N GLY F 356 -25.88 -10.30 -28.38
CA GLY F 356 -24.52 -10.24 -28.91
C GLY F 356 -23.54 -10.68 -27.83
N GLY F 357 -23.73 -10.17 -26.60
CA GLY F 357 -22.87 -10.51 -25.50
C GLY F 357 -21.73 -9.47 -25.39
N PRO F 358 -20.48 -9.93 -25.34
CA PRO F 358 -20.08 -11.32 -25.60
C PRO F 358 -20.40 -12.43 -24.58
N ASN F 359 -20.74 -12.11 -23.32
CA ASN F 359 -20.63 -13.11 -22.22
C ASN F 359 -21.85 -13.50 -21.41
N PHE F 360 -22.81 -12.58 -21.28
CA PHE F 360 -23.92 -12.71 -20.31
C PHE F 360 -25.23 -13.16 -20.94
N THR F 361 -25.84 -14.14 -20.28
CA THR F 361 -27.18 -14.61 -20.60
C THR F 361 -28.17 -13.60 -20.14
N SER F 362 -29.10 -13.27 -21.02
CA SER F 362 -30.12 -12.31 -20.69
C SER F 362 -31.41 -12.99 -20.15
N SER F 363 -32.06 -12.34 -19.18
CA SER F 363 -33.34 -12.81 -18.66
C SER F 363 -34.39 -11.85 -19.13
N PHE F 364 -34.80 -11.99 -20.37
CA PHE F 364 -35.52 -10.92 -21.05
C PHE F 364 -36.97 -10.89 -20.59
N HIS F 365 -37.47 -9.69 -20.24
CA HIS F 365 -38.80 -9.56 -19.62
C HIS F 365 -39.35 -8.19 -20.02
N VAL F 366 -40.66 -8.11 -20.29
CA VAL F 366 -41.33 -6.80 -20.52
C VAL F 366 -42.24 -6.59 -19.31
N ILE F 367 -41.85 -5.65 -18.44
CA ILE F 367 -42.58 -5.28 -17.24
C ILE F 367 -43.96 -4.79 -17.64
N GLY F 368 -44.99 -5.40 -17.05
CA GLY F 368 -46.38 -5.05 -17.38
C GLY F 368 -46.99 -5.88 -18.50
N GLU F 369 -46.19 -6.73 -19.16
CA GLU F 369 -46.72 -7.63 -20.16
C GLU F 369 -46.25 -9.06 -19.98
N ILE F 370 -46.82 -9.96 -20.78
CA ILE F 370 -46.58 -11.40 -20.64
C ILE F 370 -46.43 -11.88 -22.04
N PHE F 371 -45.40 -12.68 -22.27
CA PHE F 371 -45.20 -13.20 -23.61
C PHE F 371 -46.28 -14.27 -23.94
N ASP F 372 -47.06 -14.04 -25.01
CA ASP F 372 -48.04 -15.02 -25.44
C ASP F 372 -47.37 -16.23 -26.04
N HIS F 373 -46.32 -15.95 -26.84
CA HIS F 373 -45.52 -16.98 -27.51
C HIS F 373 -44.05 -16.65 -27.38
N VAL F 374 -43.28 -17.66 -26.98
CA VAL F 374 -41.82 -17.59 -26.96
C VAL F 374 -41.27 -18.71 -27.84
N TYR F 375 -40.51 -18.35 -28.88
CA TYR F 375 -39.85 -19.30 -29.76
C TYR F 375 -38.58 -19.81 -29.09
N SER F 376 -38.70 -20.86 -28.27
CA SER F 376 -37.59 -21.35 -27.43
C SER F 376 -36.32 -21.53 -28.21
N LEU F 377 -35.23 -20.94 -27.69
CA LEU F 377 -33.87 -21.06 -28.25
C LEU F 377 -33.78 -20.60 -29.68
N GLY F 378 -34.78 -19.83 -30.09
CA GLY F 378 -34.83 -19.28 -31.44
C GLY F 378 -35.37 -20.27 -32.48
N SER F 379 -35.87 -21.44 -32.02
CA SER F 379 -36.44 -22.41 -32.96
C SER F 379 -37.69 -21.80 -33.57
N VAL F 380 -37.74 -21.83 -34.89
CA VAL F 380 -38.90 -21.35 -35.61
C VAL F 380 -39.76 -22.53 -36.12
N VAL F 381 -39.18 -23.73 -36.09
CA VAL F 381 -39.88 -24.95 -36.55
C VAL F 381 -40.75 -25.56 -35.42
N SER F 382 -40.19 -25.65 -34.20
CA SER F 382 -40.93 -26.16 -33.05
C SER F 382 -42.04 -25.22 -32.65
N PRO F 383 -43.13 -25.75 -32.04
CA PRO F 383 -44.21 -24.95 -31.51
C PRO F 383 -43.72 -24.03 -30.42
N PRO F 384 -44.05 -22.72 -30.50
CA PRO F 384 -43.60 -21.86 -29.40
C PRO F 384 -44.25 -22.22 -28.03
N LEU F 385 -43.56 -21.86 -26.94
CA LEU F 385 -44.10 -21.96 -25.63
C LEU F 385 -45.12 -20.86 -25.44
N ILE F 386 -46.06 -21.06 -24.53
CA ILE F 386 -47.21 -20.17 -24.40
C ILE F 386 -47.35 -19.55 -23.00
N GLY F 387 -47.47 -18.23 -22.94
CA GLY F 387 -47.72 -17.53 -21.66
C GLY F 387 -46.54 -17.59 -20.70
N VAL F 388 -45.48 -16.85 -21.01
CA VAL F 388 -44.19 -16.94 -20.35
C VAL F 388 -43.80 -15.51 -19.90
N GLN F 389 -43.34 -15.36 -18.67
CA GLN F 389 -43.05 -14.01 -18.14
C GLN F 389 -41.64 -13.52 -18.54
N THR F 390 -40.67 -14.43 -18.61
CA THR F 390 -39.24 -14.09 -18.70
C THR F 390 -38.55 -15.18 -19.50
N VAL F 391 -37.72 -14.79 -20.49
CA VAL F 391 -37.03 -15.81 -21.31
C VAL F 391 -35.51 -15.66 -21.19
N SER F 392 -34.87 -16.75 -20.83
CA SER F 392 -33.43 -16.79 -20.73
C SER F 392 -32.79 -16.93 -22.14
N VAL F 393 -31.93 -15.98 -22.54
CA VAL F 393 -31.32 -15.93 -23.89
C VAL F 393 -29.79 -15.92 -23.82
N PRO F 394 -29.13 -16.99 -24.30
CA PRO F 394 -27.68 -17.01 -24.09
C PRO F 394 -26.98 -16.03 -25.01
N PRO F 395 -25.71 -15.66 -24.70
CA PRO F 395 -24.95 -14.90 -25.72
C PRO F 395 -24.85 -15.80 -26.94
N GLY F 396 -24.93 -15.22 -28.14
CA GLY F 396 -24.87 -15.98 -29.37
C GLY F 396 -26.17 -16.73 -29.63
N GLY F 397 -27.24 -16.33 -28.92
CA GLY F 397 -28.55 -16.91 -29.10
C GLY F 397 -29.55 -15.79 -29.35
N ALA F 398 -30.71 -16.15 -29.90
CA ALA F 398 -31.78 -15.21 -30.18
C ALA F 398 -33.08 -15.93 -29.92
N THR F 399 -34.14 -15.14 -29.78
CA THR F 399 -35.46 -15.64 -29.60
C THR F 399 -36.47 -14.70 -30.26
N ILE F 400 -37.72 -15.15 -30.32
CA ILE F 400 -38.79 -14.29 -30.81
C ILE F 400 -39.84 -14.37 -29.73
N VAL F 401 -40.37 -13.22 -29.31
CA VAL F 401 -41.53 -13.22 -28.42
C VAL F 401 -42.65 -12.44 -29.10
N ASP F 402 -43.92 -12.89 -28.96
CA ASP F 402 -45.12 -12.21 -29.48
C ASP F 402 -46.06 -11.99 -28.32
N PHE F 403 -46.72 -10.84 -28.27
CA PHE F 403 -47.78 -10.63 -27.31
C PHE F 403 -48.76 -9.60 -27.82
N LYS F 404 -50.00 -9.74 -27.37
CA LYS F 404 -50.98 -8.73 -27.66
C LYS F 404 -50.90 -7.69 -26.57
N ILE F 405 -50.93 -6.43 -26.95
CA ILE F 405 -50.97 -5.38 -25.96
C ILE F 405 -52.43 -5.04 -25.66
N ASP F 406 -52.87 -5.45 -24.47
CA ASP F 406 -54.28 -5.34 -24.12
C ASP F 406 -54.69 -3.92 -23.76
N ARG F 407 -53.79 -3.14 -23.19
CA ARG F 407 -54.13 -1.85 -22.60
C ARG F 407 -52.94 -0.89 -22.62
N ALA F 408 -53.22 0.39 -22.32
CA ALA F 408 -52.18 1.43 -22.47
C ALA F 408 -51.15 1.36 -21.35
N GLY F 409 -50.05 2.07 -21.52
CA GLY F 409 -49.01 2.10 -20.52
C GLY F 409 -47.64 2.19 -21.09
N ARG F 410 -46.67 2.48 -20.23
CA ARG F 410 -45.27 2.42 -20.64
C ARG F 410 -44.70 1.06 -20.19
N TYR F 411 -44.49 0.16 -21.14
CA TYR F 411 -43.91 -1.14 -20.83
C TYR F 411 -42.38 -1.04 -20.86
N ILE F 412 -41.72 -1.87 -20.07
CA ILE F 412 -40.28 -1.69 -19.85
C ILE F 412 -39.52 -2.99 -20.13
N LEU F 413 -38.66 -2.95 -21.12
CA LEU F 413 -37.80 -4.08 -21.47
C LEU F 413 -36.65 -4.08 -20.50
N VAL F 414 -36.41 -5.23 -19.88
CA VAL F 414 -35.29 -5.38 -19.02
C VAL F 414 -34.63 -6.77 -19.24
N ASP F 415 -33.38 -6.87 -18.85
CA ASP F 415 -32.75 -8.14 -18.48
C ASP F 415 -33.05 -8.21 -16.98
N HIS F 416 -33.81 -9.24 -16.59
CA HIS F 416 -34.24 -9.32 -15.20
C HIS F 416 -33.13 -9.65 -14.20
N ALA F 417 -31.87 -9.72 -14.65
CA ALA F 417 -30.78 -9.58 -13.67
C ALA F 417 -30.67 -8.08 -13.36
N LEU F 418 -31.39 -7.65 -12.35
CA LEU F 418 -31.84 -6.23 -12.31
C LEU F 418 -30.79 -5.24 -11.86
N SER F 419 -29.67 -5.70 -11.31
CA SER F 419 -28.54 -4.80 -11.07
C SER F 419 -28.12 -4.16 -12.38
N ARG F 420 -28.45 -4.82 -13.50
CA ARG F 420 -28.08 -4.29 -14.84
C ARG F 420 -28.87 -3.01 -15.25
N LEU F 421 -30.03 -2.80 -14.62
CA LEU F 421 -30.74 -1.53 -14.76
C LEU F 421 -29.84 -0.34 -14.52
N GLU F 422 -28.96 -0.47 -13.53
CA GLU F 422 -28.16 0.65 -13.12
C GLU F 422 -26.83 0.68 -13.90
N HIS F 423 -26.68 -0.21 -14.87
CA HIS F 423 -25.57 -0.23 -15.81
C HIS F 423 -25.98 0.10 -17.23
N GLY F 424 -27.15 0.72 -17.41
CA GLY F 424 -27.59 1.14 -18.72
C GLY F 424 -28.70 0.35 -19.38
N LEU F 425 -29.13 -0.75 -18.76
CA LEU F 425 -29.97 -1.75 -19.44
C LEU F 425 -31.47 -1.62 -19.12
N VAL F 426 -32.11 -0.79 -19.91
CA VAL F 426 -33.52 -0.53 -19.80
C VAL F 426 -34.03 0.05 -21.13
N GLY F 427 -35.23 -0.35 -21.49
CA GLY F 427 -35.88 0.09 -22.72
C GLY F 427 -37.35 0.36 -22.45
N PHE F 428 -37.99 1.16 -23.30
CA PHE F 428 -39.41 1.49 -23.14
C PHE F 428 -40.17 1.05 -24.38
N LEU F 429 -41.39 0.57 -24.17
CA LEU F 429 -42.36 0.35 -25.23
C LEU F 429 -43.55 1.18 -24.79
N ASN F 430 -43.83 2.26 -25.52
CA ASN F 430 -44.81 3.29 -25.14
C ASN F 430 -46.15 3.05 -25.82
N VAL F 431 -47.20 2.78 -25.03
CA VAL F 431 -48.51 2.54 -25.62
C VAL F 431 -49.47 3.61 -25.03
N ASP F 432 -49.91 4.49 -25.90
CA ASP F 432 -50.69 5.64 -25.52
C ASP F 432 -52.12 5.24 -25.17
N GLY F 433 -52.72 5.92 -24.20
CA GLY F 433 -54.13 5.71 -23.86
C GLY F 433 -54.42 5.93 -22.39
N PRO F 434 -55.62 5.55 -21.92
CA PRO F 434 -55.96 5.93 -20.54
C PRO F 434 -55.27 5.08 -19.44
N LYS F 435 -55.01 5.71 -18.29
CA LYS F 435 -54.34 5.07 -17.17
C LYS F 435 -55.22 4.00 -16.53
N ASN F 436 -56.51 4.31 -16.37
CA ASN F 436 -57.47 3.41 -15.72
C ASN F 436 -58.40 2.73 -16.71
N ASP F 437 -58.49 1.41 -16.61
CA ASP F 437 -59.43 0.65 -17.38
C ASP F 437 -59.82 -0.66 -16.66
N SER F 438 -60.60 -1.51 -17.31
CA SER F 438 -61.11 -2.74 -16.67
C SER F 438 -60.01 -3.79 -16.43
N ILE F 439 -58.91 -3.68 -17.19
CA ILE F 439 -57.78 -4.61 -17.03
C ILE F 439 -56.93 -4.27 -15.81
N MET F 440 -56.83 -2.98 -15.51
CA MET F 440 -56.09 -2.51 -14.34
C MET F 440 -56.47 -1.07 -14.09
N HIS F 441 -56.80 -0.80 -12.83
CA HIS F 441 -57.18 0.55 -12.43
C HIS F 441 -56.91 0.75 -10.95
N GLU F 442 -56.69 2.01 -10.58
CA GLU F 442 -56.62 2.42 -9.16
C GLU F 442 -57.92 2.14 -8.44
N GLY F 443 -57.82 1.76 -7.17
CA GLY F 443 -58.96 1.67 -6.30
C GLY F 443 -59.63 0.33 -6.37
N PRO F 444 -60.68 0.12 -5.52
CA PRO F 444 -61.35 -1.17 -5.40
C PRO F 444 -62.16 -1.50 -6.66
N ALA F 445 -62.46 -2.79 -6.79
CA ALA F 445 -63.26 -3.32 -7.88
C ALA F 445 -64.72 -2.82 -7.83
#